data_3ICE
#
_entry.id   3ICE
#
_cell.length_a   69.230
_cell.length_b   127.030
_cell.length_c   127.170
_cell.angle_alpha   60.48
_cell.angle_beta   90.26
_cell.angle_gamma   89.77
#
_symmetry.space_group_name_H-M   'P 1'
#
loop_
_entity.id
_entity.type
_entity.pdbx_description
1 polymer 'Transcription termination factor rho'
2 polymer "5'-R(P*UP*UP*UP*UP*UP*UP*UP*UP*UP*UP*UP*U)-3'"
3 non-polymer "ADENOSINE-5'-DIPHOSPHATE"
4 non-polymer 'MAGNESIUM ION'
5 non-polymer 'BERYLLIUM TRIFLUORIDE ION'
6 non-polymer SPERMIDINE
7 water water
#
loop_
_entity_poly.entity_id
_entity_poly.type
_entity_poly.pdbx_seq_one_letter_code
_entity_poly.pdbx_strand_id
1 'polypeptide(L)'
;(MSE)GH(MSE)NLTELKNTPVSELITLGEN(MSE)GLENLAR(MSE)RKQDIIFAILKQHAKSGEDIFGDGVLEILQDG
FGFLRSADSSYLAGPDDIYVSPSQIRRFNLRTGDTISGKIRPPKEGERYFALLKVNEVNFDKPENARNKILFENLTPLHA
NSRLR(MSE)ERGNGSTEDLTARVLDLASPIGRGQRGLIVAPPKAGKT(MSE)LLQNIAQSIAYNHPDCVL(MSE)VLLI
DERPEEVTE(MSE)QRLVKGEVVASTFDEPASRHVQVAE(MSE)VIEKAKRLVEHKKDVIILLDSITRLARAYNTVVPAS
GKVLTGGVDANALHRPKRFFGAARNVEEGGSLTIIATALIDTGSK(MSE)DEVIYEEFKGTGN(MSE)ELHLSRKIAEKR
VFPAIDYNRSGTRKEELLTTQEELQK(MSE)WILRKIIHP(MSE)GEIDA(MSE)EFLINKLA(MSE)TKTNDDFFE
(MSE)(MSE)KRS
;
A,B,C,D,E,F
2 'polyribonucleotide' UUUUUUUUUUUU G
#
# COMPACT_ATOMS: atom_id res chain seq x y z
N ASN A 5 61.78 -1.85 13.69
CA ASN A 5 60.75 -2.77 13.20
C ASN A 5 59.56 -2.03 12.59
N LEU A 6 58.99 -2.56 11.50
CA LEU A 6 57.93 -1.87 10.76
C LEU A 6 56.73 -1.47 11.64
N THR A 7 56.18 -2.43 12.36
CA THR A 7 55.04 -2.18 13.24
C THR A 7 55.43 -1.18 14.33
N GLU A 8 56.60 -1.40 14.91
CA GLU A 8 57.06 -0.60 16.03
C GLU A 8 57.42 0.83 15.58
N LEU A 9 58.17 0.94 14.49
CA LEU A 9 58.67 2.24 14.01
C LEU A 9 57.54 3.16 13.54
N LYS A 10 56.50 2.59 12.93
CA LYS A 10 55.36 3.42 12.50
C LYS A 10 54.50 3.78 13.71
N ASN A 11 54.70 3.06 14.81
CA ASN A 11 53.96 3.30 16.04
C ASN A 11 54.77 4.10 17.05
N THR A 12 56.09 3.99 16.96
CA THR A 12 56.98 4.62 17.92
C THR A 12 56.75 6.14 17.85
N PRO A 13 57.15 6.87 18.90
CA PRO A 13 57.09 8.34 18.82
C PRO A 13 58.01 8.84 17.70
N VAL A 14 57.62 9.91 17.00
CA VAL A 14 58.50 10.51 16.02
C VAL A 14 59.75 11.06 16.72
N SER A 15 59.57 11.59 17.92
CA SER A 15 60.69 12.12 18.72
C SER A 15 61.63 10.98 19.10
N ARG A 33 58.57 14.06 5.43
CA ARG A 33 57.47 13.72 6.33
C ARG A 33 57.91 12.59 7.27
N LYS A 34 57.06 12.28 8.25
CA LYS A 34 57.32 11.19 9.18
C LYS A 34 57.54 9.88 8.43
N GLN A 35 56.64 9.56 7.50
CA GLN A 35 56.76 8.35 6.69
C GLN A 35 58.07 8.32 5.92
N ASP A 36 58.35 9.38 5.17
CA ASP A 36 59.56 9.48 4.34
C ASP A 36 60.83 9.16 5.10
N ILE A 37 61.02 9.80 6.26
CA ILE A 37 62.22 9.57 7.05
C ILE A 37 62.25 8.13 7.59
N ILE A 38 61.08 7.53 7.79
CA ILE A 38 61.01 6.14 8.22
C ILE A 38 61.49 5.23 7.09
N PHE A 39 61.07 5.52 5.86
CA PHE A 39 61.50 4.74 4.71
C PHE A 39 63.01 4.92 4.52
N ALA A 40 63.49 6.12 4.80
CA ALA A 40 64.91 6.43 4.66
C ALA A 40 65.74 5.65 5.67
N ILE A 41 65.29 5.62 6.91
CA ILE A 41 66.02 4.88 7.94
C ILE A 41 65.94 3.41 7.62
N LEU A 42 64.81 2.96 7.06
CA LEU A 42 64.59 1.53 6.82
C LEU A 42 65.51 1.00 5.73
N LYS A 43 65.66 1.73 4.63
CA LYS A 43 66.56 1.31 3.56
C LYS A 43 67.99 1.18 4.12
N GLN A 44 68.33 2.03 5.09
CA GLN A 44 69.61 1.95 5.77
C GLN A 44 69.66 0.66 6.60
N HIS A 45 68.57 0.40 7.31
CA HIS A 45 68.45 -0.77 8.17
C HIS A 45 68.78 -2.06 7.40
N ALA A 46 68.12 -2.28 6.27
CA ALA A 46 68.32 -3.49 5.49
C ALA A 46 69.73 -3.58 4.91
N LYS A 47 70.34 -2.45 4.58
CA LYS A 47 71.65 -2.45 3.95
C LYS A 47 72.71 -3.04 4.89
N SER A 48 72.66 -2.67 6.17
CA SER A 48 73.59 -3.18 7.16
C SER A 48 73.42 -4.68 7.33
N GLY A 49 72.35 -5.23 6.75
CA GLY A 49 72.05 -6.64 6.87
C GLY A 49 71.05 -6.89 7.99
N GLU A 50 70.72 -5.84 8.74
CA GLU A 50 69.77 -5.98 9.86
C GLU A 50 68.37 -6.23 9.28
N ASP A 51 67.55 -7.00 10.01
CA ASP A 51 66.28 -7.48 9.50
C ASP A 51 65.19 -6.40 9.51
N ILE A 52 64.34 -6.41 8.48
CA ILE A 52 63.18 -5.53 8.46
C ILE A 52 61.91 -6.39 8.55
N PHE A 53 61.04 -6.10 9.52
CA PHE A 53 59.87 -6.94 9.77
C PHE A 53 58.58 -6.14 9.79
N GLY A 54 57.58 -6.59 9.04
CA GLY A 54 56.30 -5.90 9.02
C GLY A 54 55.16 -6.83 9.45
N ASP A 55 53.95 -6.28 9.56
CA ASP A 55 52.78 -7.09 9.89
C ASP A 55 51.50 -6.47 9.33
N GLY A 56 50.58 -7.31 8.88
CA GLY A 56 49.34 -6.83 8.31
C GLY A 56 48.39 -7.98 7.98
N VAL A 57 47.18 -7.63 7.52
CA VAL A 57 46.16 -8.62 7.21
C VAL A 57 46.08 -8.79 5.70
N LEU A 58 45.98 -10.02 5.23
CA LEU A 58 46.07 -10.29 3.80
C LEU A 58 44.80 -9.85 3.07
N GLU A 59 44.95 -9.31 1.86
CA GLU A 59 43.80 -9.04 0.99
C GLU A 59 44.10 -9.50 -0.42
N ILE A 60 43.77 -10.74 -0.73
CA ILE A 60 43.94 -11.25 -2.09
C ILE A 60 43.12 -10.38 -3.07
N LEU A 61 43.66 -10.14 -4.26
CA LEU A 61 43.01 -9.27 -5.24
C LEU A 61 42.52 -10.05 -6.47
N GLN A 62 42.11 -9.31 -7.49
CA GLN A 62 41.53 -9.92 -8.67
C GLN A 62 42.59 -10.65 -9.48
N ASP A 63 43.79 -10.08 -9.54
CA ASP A 63 44.88 -10.66 -10.34
C ASP A 63 45.57 -11.82 -9.60
N GLY A 64 44.98 -12.28 -8.51
CA GLY A 64 45.54 -13.41 -7.78
C GLY A 64 46.54 -13.01 -6.69
N PHE A 65 47.09 -11.81 -6.76
CA PHE A 65 48.06 -11.36 -5.76
C PHE A 65 47.37 -10.44 -4.74
N GLY A 66 47.95 -10.29 -3.55
CA GLY A 66 47.30 -9.54 -2.49
C GLY A 66 48.24 -8.62 -1.73
N PHE A 67 47.70 -7.92 -0.72
CA PHE A 67 48.48 -7.01 0.12
C PHE A 67 48.33 -7.35 1.58
N LEU A 68 48.94 -6.55 2.44
CA LEU A 68 48.78 -6.72 3.90
C LEU A 68 48.47 -5.37 4.50
N ARG A 69 47.20 -5.11 4.81
CA ARG A 69 46.77 -3.79 5.30
C ARG A 69 46.86 -3.73 6.82
N SER A 70 46.86 -2.53 7.40
CA SER A 70 46.96 -2.39 8.85
C SER A 70 45.64 -1.85 9.44
N ALA A 71 45.38 -2.17 10.71
CA ALA A 71 44.18 -1.69 11.38
C ALA A 71 44.19 -0.17 11.42
N ASP A 72 45.39 0.40 11.38
CA ASP A 72 45.55 1.85 11.40
C ASP A 72 44.56 2.54 10.45
N SER A 73 44.29 1.93 9.30
CA SER A 73 43.40 2.53 8.32
C SER A 73 42.16 1.65 8.06
N SER A 74 41.60 1.07 9.12
CA SER A 74 40.41 0.21 8.97
C SER A 74 40.69 -0.95 8.02
N TYR A 75 41.97 -1.33 7.89
CA TYR A 75 42.36 -2.38 6.93
C TYR A 75 42.10 -1.94 5.50
N LEU A 76 42.34 -0.66 5.21
CA LEU A 76 42.15 -0.10 3.88
C LEU A 76 43.50 0.13 3.19
N ALA A 77 43.46 0.69 1.99
CA ALA A 77 44.67 0.96 1.21
C ALA A 77 45.65 1.84 1.98
N GLY A 78 46.78 1.26 2.40
CA GLY A 78 47.85 2.01 3.02
C GLY A 78 49.04 2.09 2.08
N PRO A 79 49.69 3.26 1.98
CA PRO A 79 50.88 3.40 1.11
C PRO A 79 52.04 2.57 1.65
N ASP A 80 51.86 1.93 2.81
CA ASP A 80 52.95 1.20 3.45
C ASP A 80 52.63 -0.29 3.54
N ASP A 81 51.67 -0.73 2.72
CA ASP A 81 51.25 -2.12 2.68
C ASP A 81 52.35 -2.94 2.07
N ILE A 82 52.23 -4.26 2.07
CA ILE A 82 53.30 -5.11 1.58
C ILE A 82 52.82 -6.06 0.49
N TYR A 83 53.40 -5.92 -0.70
CA TYR A 83 53.09 -6.82 -1.80
C TYR A 83 53.25 -8.28 -1.36
N VAL A 84 52.37 -9.16 -1.83
CA VAL A 84 52.46 -10.57 -1.48
C VAL A 84 52.43 -11.41 -2.75
N SER A 85 53.54 -12.06 -3.07
CA SER A 85 53.66 -12.83 -4.31
C SER A 85 52.49 -13.82 -4.40
N PRO A 86 51.83 -13.86 -5.57
CA PRO A 86 50.75 -14.85 -5.77
C PRO A 86 51.26 -16.23 -5.40
N SER A 87 52.56 -16.48 -5.59
CA SER A 87 53.15 -17.77 -5.26
C SER A 87 53.06 -18.05 -3.76
N GLN A 88 53.44 -17.06 -2.94
CA GLN A 88 53.36 -17.21 -1.48
C GLN A 88 51.94 -17.56 -1.07
N ILE A 89 50.96 -17.03 -1.78
CA ILE A 89 49.57 -17.34 -1.52
C ILE A 89 49.27 -18.79 -1.93
N ARG A 90 49.72 -19.18 -3.12
CA ARG A 90 49.49 -20.53 -3.63
C ARG A 90 50.30 -21.56 -2.85
N ARG A 91 51.34 -21.10 -2.15
CA ARG A 91 52.19 -22.00 -1.37
C ARG A 91 51.48 -22.43 -0.10
N PHE A 92 51.10 -21.44 0.70
CA PHE A 92 50.42 -21.71 1.96
C PHE A 92 48.92 -21.71 1.81
N ASN A 93 48.43 -21.53 0.60
CA ASN A 93 46.99 -21.47 0.39
C ASN A 93 46.39 -20.36 1.26
N LEU A 94 47.12 -19.26 1.34
CA LEU A 94 46.69 -18.13 2.12
C LEU A 94 45.39 -17.61 1.56
N ARG A 95 44.67 -16.83 2.36
CA ARG A 95 43.37 -16.32 1.94
C ARG A 95 43.16 -14.95 2.55
N THR A 96 42.24 -14.16 1.98
CA THR A 96 41.95 -12.83 2.52
C THR A 96 41.60 -12.91 4.02
N GLY A 97 42.14 -12.00 4.82
CA GLY A 97 41.86 -11.97 6.26
C GLY A 97 43.01 -12.58 7.06
N ASP A 98 43.87 -13.37 6.40
CA ASP A 98 45.01 -14.01 7.06
C ASP A 98 46.01 -12.97 7.56
N THR A 99 46.20 -12.88 8.89
CA THR A 99 47.30 -12.08 9.43
C THR A 99 48.62 -12.82 9.15
N ILE A 100 49.68 -12.09 8.87
CA ILE A 100 50.95 -12.73 8.52
C ILE A 100 52.14 -11.82 8.83
N SER A 101 53.22 -12.41 9.34
CA SER A 101 54.45 -11.67 9.63
C SER A 101 55.60 -12.23 8.79
N GLY A 102 56.73 -11.53 8.76
CA GLY A 102 57.86 -11.98 7.96
C GLY A 102 58.80 -10.85 7.62
N LYS A 103 59.95 -11.17 7.06
CA LYS A 103 60.93 -10.15 6.69
C LYS A 103 60.61 -9.60 5.29
N ILE A 104 61.01 -8.36 4.99
CA ILE A 104 60.72 -7.77 3.69
C ILE A 104 61.96 -7.15 3.07
N ARG A 105 61.78 -6.45 1.96
CA ARG A 105 62.87 -5.76 1.27
C ARG A 105 62.34 -4.47 0.63
N PRO A 106 63.04 -3.33 0.84
CA PRO A 106 62.58 -2.07 0.23
C PRO A 106 62.46 -2.15 -1.30
N PRO A 107 61.56 -1.35 -1.88
CA PRO A 107 61.30 -1.34 -3.33
C PRO A 107 62.37 -0.54 -4.09
N LYS A 108 62.45 -0.78 -5.40
CA LYS A 108 63.39 -0.09 -6.29
C LYS A 108 62.56 0.48 -7.42
N GLU A 109 63.05 1.49 -8.14
CA GLU A 109 62.19 2.10 -9.16
C GLU A 109 61.44 1.01 -9.95
N GLY A 110 60.19 1.28 -10.31
CA GLY A 110 59.32 0.26 -10.88
C GLY A 110 58.63 -0.47 -9.74
N GLU A 111 58.65 0.15 -8.56
CA GLU A 111 58.08 -0.47 -7.34
C GLU A 111 57.37 0.60 -6.54
N ARG A 112 56.16 0.30 -6.05
CA ARG A 112 55.40 1.27 -5.27
C ARG A 112 55.54 1.07 -3.76
N TYR A 113 55.39 -0.17 -3.30
CA TYR A 113 55.42 -0.44 -1.85
C TYR A 113 56.40 -1.56 -1.53
N PHE A 114 56.65 -1.79 -0.24
CA PHE A 114 57.57 -2.85 0.19
C PHE A 114 57.13 -4.22 -0.35
N ALA A 115 57.91 -5.27 -0.09
CA ALA A 115 57.56 -6.60 -0.58
C ALA A 115 57.89 -7.67 0.46
N LEU A 116 56.97 -8.60 0.66
CA LEU A 116 57.17 -9.68 1.64
C LEU A 116 58.26 -10.66 1.16
N LEU A 117 59.34 -10.76 1.91
CA LEU A 117 60.44 -11.66 1.60
C LEU A 117 60.15 -13.09 2.08
N LYS A 118 60.06 -13.27 3.40
CA LYS A 118 59.82 -14.58 3.97
C LYS A 118 58.74 -14.55 5.03
N VAL A 119 57.85 -15.53 4.99
CA VAL A 119 56.77 -15.64 5.97
C VAL A 119 57.31 -16.05 7.33
N ASN A 120 56.62 -15.69 8.40
CA ASN A 120 57.01 -16.11 9.72
C ASN A 120 55.92 -16.96 10.31
N GLU A 121 54.99 -16.28 10.97
CA GLU A 121 53.88 -16.95 11.59
C GLU A 121 52.62 -16.50 10.89
N VAL A 122 51.79 -17.46 10.50
CA VAL A 122 50.55 -17.15 9.82
C VAL A 122 49.42 -17.29 10.83
N ASN A 123 48.67 -16.22 11.08
CA ASN A 123 47.59 -16.32 12.05
C ASN A 123 48.15 -16.81 13.37
N PHE A 124 49.33 -16.30 13.73
CA PHE A 124 49.97 -16.67 14.99
C PHE A 124 50.37 -18.13 15.07
N ASP A 125 50.76 -18.70 13.94
CA ASP A 125 51.24 -20.08 13.94
C ASP A 125 52.18 -20.33 12.77
N LYS A 126 52.84 -21.47 12.76
CA LYS A 126 53.77 -21.79 11.68
C LYS A 126 53.00 -22.02 10.38
N PRO A 127 53.40 -21.32 9.30
CA PRO A 127 52.75 -21.44 7.98
C PRO A 127 52.60 -22.89 7.51
N GLU A 128 53.58 -23.73 7.85
CA GLU A 128 53.54 -25.13 7.43
C GLU A 128 52.29 -25.82 7.97
N ASN A 129 52.09 -25.74 9.28
CA ASN A 129 50.97 -26.40 9.95
C ASN A 129 49.57 -25.89 9.56
N ALA A 130 49.43 -24.60 9.29
CA ALA A 130 48.11 -23.99 9.06
C ALA A 130 47.27 -24.55 7.88
N ARG A 131 47.91 -24.81 6.73
CA ARG A 131 47.16 -25.33 5.57
C ARG A 131 46.75 -26.78 5.84
N ASN A 132 47.32 -27.33 6.91
CA ASN A 132 47.09 -28.69 7.37
C ASN A 132 45.75 -28.83 8.08
N LYS A 133 45.44 -27.84 8.92
CA LYS A 133 44.16 -27.79 9.64
C LYS A 133 43.01 -27.65 8.66
N ILE A 134 41.78 -27.72 9.16
CA ILE A 134 40.62 -27.67 8.28
C ILE A 134 40.12 -26.24 8.04
N LEU A 135 39.67 -25.98 6.81
CA LEU A 135 39.10 -24.67 6.48
C LEU A 135 37.94 -24.32 7.37
N PHE A 136 37.50 -23.06 7.32
CA PHE A 136 36.42 -22.60 8.16
C PHE A 136 35.08 -23.20 7.72
N GLU A 137 34.84 -23.20 6.41
CA GLU A 137 33.54 -23.63 5.85
C GLU A 137 33.30 -25.12 6.13
N ASN A 138 34.38 -25.86 6.37
CA ASN A 138 34.26 -27.31 6.60
C ASN A 138 33.92 -27.62 8.05
N LEU A 139 34.21 -26.67 8.95
CA LEU A 139 34.03 -26.88 10.39
C LEU A 139 32.63 -27.41 10.72
N THR A 140 32.48 -28.03 11.89
CA THR A 140 31.17 -28.47 12.35
C THR A 140 30.66 -27.55 13.47
N PRO A 141 29.52 -26.89 13.26
CA PRO A 141 28.93 -25.97 14.25
C PRO A 141 28.03 -26.67 15.27
N LEU A 142 28.10 -26.25 16.53
CA LEU A 142 27.24 -26.76 17.60
C LEU A 142 26.57 -25.56 18.25
N HIS A 143 25.61 -25.80 19.14
CA HIS A 143 25.02 -24.71 19.92
C HIS A 143 26.04 -24.21 20.95
N ALA A 144 26.01 -22.92 21.28
CA ALA A 144 26.96 -22.35 22.22
C ALA A 144 27.23 -23.30 23.42
N ASN A 145 28.50 -23.46 23.78
CA ASN A 145 28.88 -24.38 24.85
C ASN A 145 29.34 -23.67 26.11
N SER A 146 30.40 -22.88 25.99
CA SER A 146 31.01 -22.23 27.15
C SER A 146 30.30 -20.90 27.46
N ARG A 147 29.91 -20.71 28.71
CA ARG A 147 29.18 -19.51 29.15
C ARG A 147 30.15 -18.34 29.36
N LEU A 148 29.70 -17.11 29.06
CA LEU A 148 30.53 -15.93 29.27
C LEU A 148 29.91 -15.03 30.34
N ARG A 149 30.14 -15.37 31.61
CA ARG A 149 29.61 -14.60 32.73
C ARG A 149 29.80 -13.10 32.46
N GLU A 151 28.56 -10.70 34.40
CA GLU A 151 28.53 -9.95 35.65
C GLU A 151 29.93 -9.90 36.27
N ARG A 152 30.17 -8.92 37.13
CA ARG A 152 31.46 -8.79 37.81
C ARG A 152 31.25 -8.49 39.29
N GLY A 153 32.18 -8.93 40.14
CA GLY A 153 32.05 -8.72 41.56
C GLY A 153 32.39 -7.29 41.96
N ASN A 154 32.38 -6.36 41.00
CA ASN A 154 32.67 -4.96 41.29
C ASN A 154 31.61 -4.30 42.18
N GLY A 155 30.37 -4.71 42.01
CA GLY A 155 29.26 -4.10 42.74
C GLY A 155 28.91 -2.73 42.18
N SER A 156 29.57 -2.34 41.08
CA SER A 156 29.34 -1.03 40.45
C SER A 156 27.91 -0.93 39.89
N THR A 157 27.51 0.28 39.50
CA THR A 157 26.13 0.49 39.02
C THR A 157 25.91 -0.15 37.65
N GLU A 158 27.00 -0.38 36.93
CA GLU A 158 26.92 -0.94 35.59
C GLU A 158 26.86 -2.46 35.68
N ASP A 159 27.35 -3.01 36.79
CA ASP A 159 27.23 -4.44 37.03
C ASP A 159 25.75 -4.83 37.01
N LEU A 160 24.88 -3.90 37.38
CA LEU A 160 23.44 -4.13 37.31
C LEU A 160 23.03 -4.48 35.88
N THR A 161 23.49 -3.69 34.91
CA THR A 161 23.20 -3.97 33.51
C THR A 161 23.73 -5.36 33.15
N ALA A 162 24.94 -5.68 33.59
CA ALA A 162 25.56 -6.97 33.33
C ALA A 162 24.71 -8.11 33.90
N ARG A 163 24.24 -7.94 35.14
CA ARG A 163 23.48 -8.97 35.86
C ARG A 163 22.13 -9.21 35.21
N VAL A 164 21.44 -8.13 34.87
CA VAL A 164 20.15 -8.24 34.21
C VAL A 164 20.34 -9.00 32.89
N LEU A 165 21.45 -8.71 32.19
CA LEU A 165 21.75 -9.33 30.93
C LEU A 165 22.02 -10.82 31.12
N ASP A 166 22.84 -11.15 32.11
CA ASP A 166 23.11 -12.54 32.47
C ASP A 166 21.82 -13.33 32.69
N LEU A 167 20.85 -12.71 33.36
CA LEU A 167 19.61 -13.38 33.70
C LEU A 167 18.67 -13.49 32.50
N ALA A 168 18.39 -12.35 31.87
CA ALA A 168 17.47 -12.29 30.72
C ALA A 168 17.99 -13.17 29.57
N SER A 169 19.22 -12.91 29.13
CA SER A 169 19.81 -13.69 28.04
C SER A 169 21.29 -14.04 28.30
N PRO A 170 21.57 -15.30 28.62
CA PRO A 170 22.96 -15.74 28.80
C PRO A 170 23.75 -15.72 27.48
N ILE A 171 25.04 -15.44 27.52
CA ILE A 171 25.85 -15.42 26.29
C ILE A 171 26.90 -16.53 26.31
N GLY A 172 26.99 -17.31 25.24
CA GLY A 172 27.96 -18.39 25.16
C GLY A 172 28.94 -18.21 24.01
N ARG A 173 29.93 -19.10 23.92
CA ARG A 173 30.88 -19.06 22.80
C ARG A 173 30.23 -19.52 21.50
N GLY A 174 30.36 -18.72 20.44
CA GLY A 174 29.69 -18.98 19.19
C GLY A 174 28.30 -18.36 19.12
N GLN A 175 27.98 -17.47 20.06
CA GLN A 175 26.66 -16.84 20.11
C GLN A 175 26.38 -15.97 18.87
N ARG A 176 25.18 -16.06 18.31
CA ARG A 176 24.79 -15.18 17.22
C ARG A 176 23.58 -14.35 17.63
N GLY A 177 23.80 -13.30 18.41
CA GLY A 177 22.70 -12.59 19.02
C GLY A 177 22.43 -11.22 18.39
N LEU A 178 21.25 -10.66 18.71
CA LEU A 178 20.87 -9.33 18.24
C LEU A 178 20.32 -8.52 19.42
N ILE A 179 20.70 -7.24 19.51
CA ILE A 179 20.11 -6.35 20.48
C ILE A 179 19.19 -5.39 19.74
N VAL A 180 17.88 -5.67 19.75
CA VAL A 180 16.92 -4.88 18.99
C VAL A 180 16.30 -3.76 19.84
N ALA A 181 16.08 -2.60 19.23
CA ALA A 181 15.53 -1.47 19.94
C ALA A 181 15.40 -0.23 19.06
N PRO A 182 14.47 0.67 19.44
CA PRO A 182 14.35 1.98 18.76
C PRO A 182 15.45 2.93 19.23
N PRO A 183 15.56 4.08 18.57
CA PRO A 183 16.53 5.11 18.99
C PRO A 183 16.40 5.45 20.45
N LYS A 184 17.51 5.79 21.09
CA LYS A 184 17.51 6.18 22.51
C LYS A 184 16.88 5.11 23.41
N ALA A 185 17.44 3.92 23.42
CA ALA A 185 16.96 2.87 24.29
C ALA A 185 18.07 2.16 25.06
N GLY A 186 19.32 2.53 24.80
CA GLY A 186 20.47 1.91 25.44
C GLY A 186 21.08 0.82 24.59
N LYS A 187 20.70 0.82 23.33
CA LYS A 187 21.25 -0.12 22.32
C LYS A 187 22.77 0.03 22.16
N THR A 188 23.19 1.21 21.70
CA THR A 188 24.59 1.48 21.45
C THR A 188 25.43 1.38 22.70
N LEU A 190 24.64 -0.33 25.45
CA LEU A 190 24.62 -1.67 26.01
C LEU A 190 25.83 -2.43 25.51
N LEU A 191 26.17 -2.23 24.24
CA LEU A 191 27.38 -2.82 23.66
C LEU A 191 28.62 -2.35 24.41
N GLN A 192 28.68 -1.07 24.75
CA GLN A 192 29.77 -0.57 25.60
C GLN A 192 29.93 -1.51 26.79
N ASN A 193 28.89 -1.61 27.60
CA ASN A 193 28.93 -2.43 28.80
C ASN A 193 29.40 -3.86 28.49
N ILE A 194 28.82 -4.47 27.46
CA ILE A 194 29.18 -5.83 27.07
C ILE A 194 30.67 -5.93 26.77
N ALA A 195 31.17 -4.97 26.01
CA ALA A 195 32.58 -4.94 25.63
C ALA A 195 33.45 -4.79 26.88
N GLN A 196 33.21 -3.75 27.67
CA GLN A 196 33.98 -3.52 28.88
C GLN A 196 34.03 -4.79 29.73
N SER A 197 32.90 -5.48 29.81
CA SER A 197 32.78 -6.72 30.60
C SER A 197 33.68 -7.84 30.06
N ILE A 198 33.43 -8.25 28.82
CA ILE A 198 34.19 -9.33 28.20
C ILE A 198 35.71 -9.14 28.35
N ALA A 199 36.18 -7.91 28.16
CA ALA A 199 37.60 -7.63 28.30
C ALA A 199 37.96 -7.53 29.80
N TYR A 200 37.22 -8.21 30.64
CA TYR A 200 37.49 -8.22 32.06
C TYR A 200 37.39 -9.63 32.60
N ASN A 201 36.36 -10.35 32.15
CA ASN A 201 36.12 -11.71 32.61
C ASN A 201 36.68 -12.71 31.61
N HIS A 202 37.12 -12.21 30.47
CA HIS A 202 37.61 -13.09 29.41
C HIS A 202 38.62 -12.35 28.52
N PRO A 203 39.82 -12.07 29.07
CA PRO A 203 40.91 -11.46 28.28
C PRO A 203 41.41 -12.44 27.22
N ASP A 204 41.10 -13.71 27.37
CA ASP A 204 41.54 -14.74 26.42
C ASP A 204 40.80 -14.63 25.07
N CYS A 205 39.73 -13.83 25.02
CA CYS A 205 38.96 -13.65 23.78
C CYS A 205 39.45 -12.44 23.02
N VAL A 206 39.57 -12.57 21.70
CA VAL A 206 39.93 -11.44 20.83
C VAL A 206 38.70 -10.56 20.64
N LEU A 207 38.80 -9.28 20.91
CA LEU A 207 37.63 -8.42 20.81
C LEU A 207 37.78 -7.35 19.71
N VAL A 209 35.74 -4.50 17.66
CA VAL A 209 34.51 -3.72 17.68
C VAL A 209 34.30 -3.02 16.34
N LEU A 210 33.28 -3.45 15.59
CA LEU A 210 33.01 -2.93 14.25
C LEU A 210 31.92 -1.85 14.28
N LEU A 211 32.31 -0.58 14.23
CA LEU A 211 31.33 0.52 14.22
C LEU A 211 31.00 0.94 12.78
N ILE A 212 29.79 0.67 12.32
CA ILE A 212 29.43 1.00 10.96
C ILE A 212 28.28 2.00 10.86
N ASP A 213 28.50 3.09 10.14
CA ASP A 213 27.43 4.01 9.78
C ASP A 213 26.72 4.68 10.95
N GLU A 214 27.28 4.56 12.15
CA GLU A 214 26.77 5.29 13.30
C GLU A 214 27.54 6.57 13.59
N ARG A 215 27.39 7.08 14.81
CA ARG A 215 27.91 8.40 15.15
C ARG A 215 29.41 8.33 15.43
N PRO A 216 30.11 9.44 15.18
CA PRO A 216 31.57 9.64 15.31
C PRO A 216 32.03 9.76 16.76
N GLU A 217 31.24 10.38 17.64
CA GLU A 217 31.59 10.47 19.06
C GLU A 217 31.70 9.06 19.65
N GLU A 218 30.85 8.18 19.18
CA GLU A 218 30.87 6.79 19.60
C GLU A 218 32.21 6.16 19.23
N VAL A 219 32.75 6.54 18.08
CA VAL A 219 34.04 5.99 17.64
C VAL A 219 35.13 6.37 18.65
N THR A 220 35.42 7.66 18.77
CA THR A 220 36.50 8.11 19.64
C THR A 220 36.26 7.75 21.11
N GLU A 221 34.98 7.59 21.49
CA GLU A 221 34.67 7.25 22.87
C GLU A 221 34.95 5.75 23.12
N GLN A 223 36.80 3.90 21.35
CA GLN A 223 38.23 3.83 21.14
C GLN A 223 39.00 3.99 22.47
N ARG A 224 38.49 4.86 23.33
CA ARG A 224 39.23 5.27 24.52
C ARG A 224 38.82 4.54 25.81
N LEU A 225 38.10 3.43 25.70
CA LEU A 225 37.77 2.66 26.90
C LEU A 225 37.54 1.18 26.57
N VAL A 226 38.02 0.75 25.42
CA VAL A 226 37.92 -0.66 25.05
C VAL A 226 39.31 -1.26 24.87
N LYS A 227 39.57 -2.39 25.54
CA LYS A 227 40.84 -3.07 25.38
C LYS A 227 40.76 -4.07 24.24
N GLY A 228 41.21 -3.65 23.05
CA GLY A 228 41.17 -4.50 21.88
C GLY A 228 40.97 -3.67 20.62
N GLU A 229 40.74 -4.34 19.51
CA GLU A 229 40.52 -3.62 18.24
C GLU A 229 39.24 -2.80 18.27
N VAL A 230 39.26 -1.68 17.56
CA VAL A 230 38.08 -0.85 17.41
C VAL A 230 38.04 -0.33 15.98
N VAL A 231 37.57 -1.17 15.07
CA VAL A 231 37.45 -0.78 13.68
C VAL A 231 36.18 0.03 13.50
N ALA A 232 36.23 1.15 12.79
CA ALA A 232 35.05 2.02 12.67
C ALA A 232 34.93 2.62 11.27
N SER A 233 33.71 2.99 10.89
CA SER A 233 33.45 3.55 9.58
C SER A 233 32.25 4.49 9.72
N THR A 234 32.51 5.72 10.13
CA THR A 234 31.46 6.66 10.48
C THR A 234 30.50 6.96 9.33
N PHE A 235 29.28 7.36 9.60
CA PHE A 235 28.35 7.58 8.50
C PHE A 235 28.96 8.56 7.51
N ASP A 236 29.91 9.38 7.94
CA ASP A 236 30.63 10.25 7.02
C ASP A 236 31.21 9.49 5.82
N GLU A 237 31.17 8.16 5.89
CA GLU A 237 31.72 7.32 4.83
C GLU A 237 30.62 6.82 3.91
N PRO A 238 30.98 6.39 2.69
CA PRO A 238 30.02 5.85 1.71
C PRO A 238 29.72 4.40 1.99
N ALA A 239 28.55 3.92 1.57
CA ALA A 239 28.19 2.53 1.77
C ALA A 239 29.32 1.63 1.27
N SER A 240 30.08 2.09 0.26
CA SER A 240 31.18 1.30 -0.31
C SER A 240 32.22 0.95 0.76
N ARG A 241 32.74 1.96 1.44
CA ARG A 241 33.78 1.72 2.44
C ARG A 241 33.21 0.91 3.61
N HIS A 242 31.95 1.19 4.00
CA HIS A 242 31.31 0.43 5.04
C HIS A 242 31.50 -1.06 4.74
N VAL A 243 31.01 -1.51 3.61
CA VAL A 243 31.05 -2.93 3.25
C VAL A 243 32.49 -3.47 3.15
N GLN A 244 33.39 -2.69 2.57
CA GLN A 244 34.78 -3.10 2.44
C GLN A 244 35.36 -3.44 3.82
N VAL A 245 35.29 -2.48 4.73
CA VAL A 245 35.85 -2.66 6.08
C VAL A 245 35.20 -3.87 6.79
N ALA A 246 33.87 -3.89 6.85
CA ALA A 246 33.15 -5.00 7.46
C ALA A 246 33.62 -6.32 6.85
N GLU A 247 33.77 -6.36 5.53
CA GLU A 247 34.24 -7.54 4.82
C GLU A 247 35.57 -8.02 5.36
N VAL A 249 36.96 -7.39 8.09
CA VAL A 249 36.84 -7.73 9.50
C VAL A 249 36.29 -9.16 9.68
N ILE A 250 35.20 -9.48 8.99
CA ILE A 250 34.63 -10.80 9.11
C ILE A 250 35.64 -11.85 8.62
N GLU A 251 36.47 -11.47 7.66
CA GLU A 251 37.47 -12.41 7.10
C GLU A 251 38.53 -12.73 8.14
N LYS A 252 39.08 -11.71 8.76
CA LYS A 252 40.10 -11.90 9.78
C LYS A 252 39.53 -12.72 10.96
N ALA A 253 38.27 -12.45 11.31
CA ALA A 253 37.60 -13.22 12.34
C ALA A 253 37.58 -14.69 11.92
N LYS A 254 37.06 -14.96 10.73
CA LYS A 254 37.03 -16.32 10.21
C LYS A 254 38.41 -16.97 10.32
N ARG A 255 39.47 -16.20 10.06
CA ARG A 255 40.84 -16.75 9.99
C ARG A 255 41.37 -17.18 11.36
N LEU A 256 41.24 -16.31 12.35
CA LEU A 256 41.67 -16.66 13.72
C LEU A 256 40.85 -17.85 14.23
N VAL A 257 39.56 -17.86 13.88
CA VAL A 257 38.67 -18.95 14.30
C VAL A 257 39.15 -20.28 13.72
N GLU A 258 39.93 -20.22 12.64
CA GLU A 258 40.48 -21.43 12.03
C GLU A 258 41.62 -22.00 12.84
N HIS A 259 42.28 -21.14 13.60
CA HIS A 259 43.39 -21.56 14.45
C HIS A 259 42.90 -21.83 15.87
N LYS A 260 41.71 -22.38 16.01
CA LYS A 260 41.13 -22.66 17.32
C LYS A 260 41.33 -21.48 18.27
N LYS A 261 40.59 -20.39 18.06
CA LYS A 261 40.73 -19.20 18.88
C LYS A 261 39.38 -18.60 19.16
N ASP A 262 39.30 -17.67 20.12
CA ASP A 262 38.01 -17.08 20.50
C ASP A 262 37.92 -15.66 19.99
N VAL A 263 37.02 -15.41 19.05
CA VAL A 263 36.84 -14.07 18.51
C VAL A 263 35.41 -13.61 18.74
N ILE A 264 35.24 -12.52 19.48
CA ILE A 264 33.91 -11.94 19.73
C ILE A 264 33.78 -10.61 19.00
N ILE A 265 32.88 -10.55 18.01
CA ILE A 265 32.66 -9.33 17.23
C ILE A 265 31.45 -8.56 17.72
N LEU A 266 31.63 -7.29 18.10
CA LEU A 266 30.52 -6.46 18.56
C LEU A 266 30.24 -5.38 17.53
N LEU A 267 29.13 -5.52 16.81
CA LEU A 267 28.80 -4.61 15.70
C LEU A 267 27.66 -3.67 16.06
N ASP A 268 27.94 -2.37 16.08
CA ASP A 268 26.90 -1.38 16.25
C ASP A 268 26.28 -1.08 14.89
N SER A 269 24.97 -0.86 14.88
CA SER A 269 24.24 -0.57 13.64
C SER A 269 24.32 -1.70 12.62
N ILE A 270 23.85 -2.88 13.01
CA ILE A 270 23.80 -4.00 12.11
C ILE A 270 22.92 -3.69 10.89
N THR A 271 21.76 -3.06 11.13
CA THR A 271 20.78 -2.86 10.07
C THR A 271 21.35 -1.93 9.04
N ARG A 272 22.19 -1.04 9.54
CA ARG A 272 22.82 -0.04 8.74
C ARG A 272 23.79 -0.65 7.71
N LEU A 273 24.46 -1.72 8.13
CA LEU A 273 25.29 -2.55 7.26
C LEU A 273 24.41 -3.17 6.16
N ALA A 274 23.21 -3.61 6.50
CA ALA A 274 22.28 -4.20 5.54
C ALA A 274 21.86 -3.16 4.51
N ARG A 275 21.71 -1.92 4.94
CA ARG A 275 21.38 -0.84 4.04
C ARG A 275 22.54 -0.66 3.08
N ALA A 276 23.73 -0.56 3.65
CA ALA A 276 24.93 -0.40 2.86
C ALA A 276 24.94 -1.47 1.77
N TYR A 277 24.64 -2.71 2.13
CA TYR A 277 24.58 -3.81 1.17
C TYR A 277 23.45 -3.58 0.19
N ASN A 278 22.47 -2.78 0.59
CA ASN A 278 21.35 -2.48 -0.27
C ASN A 278 21.79 -1.60 -1.44
N THR A 279 22.41 -0.47 -1.11
CA THR A 279 22.81 0.52 -2.13
C THR A 279 24.06 0.09 -2.87
N VAL A 280 24.93 -0.65 -2.17
CA VAL A 280 26.19 -1.09 -2.75
C VAL A 280 25.94 -2.21 -3.78
N VAL A 281 24.97 -3.09 -3.51
CA VAL A 281 24.75 -4.29 -4.34
C VAL A 281 23.37 -4.24 -5.01
N PRO A 282 23.08 -3.17 -5.76
CA PRO A 282 21.79 -3.10 -6.48
C PRO A 282 21.89 -3.71 -7.88
N ALA A 283 20.85 -3.52 -8.70
CA ALA A 283 20.89 -3.91 -10.11
C ALA A 283 20.53 -5.38 -10.32
N SER A 284 20.02 -6.04 -9.29
CA SER A 284 19.60 -7.44 -9.42
C SER A 284 18.54 -7.55 -10.52
N GLY A 285 17.75 -6.49 -10.65
CA GLY A 285 16.66 -6.44 -11.60
C GLY A 285 15.40 -6.84 -10.88
N LYS A 286 15.57 -7.25 -9.63
CA LYS A 286 14.45 -7.56 -8.77
C LYS A 286 14.53 -6.70 -7.52
N VAL A 287 13.46 -5.97 -7.24
CA VAL A 287 13.35 -5.18 -6.04
C VAL A 287 11.94 -5.38 -5.52
N LEU A 288 11.77 -5.85 -4.30
CA LEU A 288 10.43 -6.09 -3.75
C LEU A 288 10.38 -5.53 -2.34
N THR A 289 9.20 -5.15 -1.84
CA THR A 289 9.26 -4.57 -0.52
C THR A 289 10.32 -3.47 -0.63
N GLY A 290 10.08 -2.55 -1.56
CA GLY A 290 11.09 -1.61 -2.04
C GLY A 290 11.97 -0.99 -0.96
N GLY A 291 13.27 -0.97 -1.21
CA GLY A 291 14.23 -0.51 -0.23
C GLY A 291 15.11 -1.68 0.14
N VAL A 292 14.80 -2.84 -0.44
CA VAL A 292 15.54 -4.08 -0.20
C VAL A 292 15.62 -4.86 -1.50
N ASP A 293 16.78 -5.45 -1.78
CA ASP A 293 16.99 -6.13 -3.05
C ASP A 293 17.51 -7.55 -2.78
N ALA A 294 17.05 -8.53 -3.57
CA ALA A 294 17.45 -9.94 -3.41
C ALA A 294 18.95 -10.13 -3.12
N ASN A 295 19.80 -9.51 -3.94
CA ASN A 295 21.25 -9.67 -3.81
C ASN A 295 21.79 -9.02 -2.52
N ALA A 296 20.95 -8.20 -1.89
CA ALA A 296 21.33 -7.48 -0.69
C ALA A 296 20.92 -8.21 0.59
N LEU A 297 19.87 -9.03 0.53
CA LEU A 297 19.47 -9.82 1.69
C LEU A 297 20.60 -10.80 2.03
N HIS A 298 21.06 -11.50 1.00
CA HIS A 298 22.04 -12.56 1.15
C HIS A 298 23.30 -12.12 1.89
N ARG A 299 23.74 -10.87 1.67
CA ARG A 299 25.04 -10.42 2.18
C ARG A 299 25.11 -10.31 3.70
N PRO A 300 24.34 -9.36 4.29
CA PRO A 300 24.36 -9.20 5.76
C PRO A 300 23.95 -10.48 6.47
N LYS A 301 23.21 -11.35 5.80
CA LYS A 301 22.85 -12.65 6.38
C LYS A 301 24.03 -13.59 6.40
N ARG A 302 24.95 -13.40 5.47
CA ARG A 302 26.15 -14.25 5.41
C ARG A 302 27.20 -13.71 6.36
N PHE A 303 27.18 -12.41 6.61
CA PHE A 303 28.08 -11.82 7.59
C PHE A 303 27.58 -12.17 9.00
N PHE A 304 26.27 -12.07 9.20
CA PHE A 304 25.69 -12.31 10.51
C PHE A 304 25.60 -13.81 10.83
N GLY A 305 24.99 -14.55 9.90
CA GLY A 305 24.88 -15.99 10.04
C GLY A 305 26.23 -16.69 9.94
N ALA A 306 27.32 -15.92 9.99
CA ALA A 306 28.66 -16.49 9.97
C ALA A 306 29.11 -16.90 11.37
N ALA A 307 28.32 -16.52 12.38
CA ALA A 307 28.66 -16.86 13.76
C ALA A 307 28.38 -18.35 13.98
N ARG A 308 29.15 -19.00 14.85
CA ARG A 308 28.91 -20.43 15.12
C ARG A 308 29.74 -20.89 16.29
N ASN A 309 29.49 -22.09 16.77
CA ASN A 309 30.27 -22.65 17.84
C ASN A 309 31.01 -23.79 17.18
N VAL A 310 32.33 -23.86 17.31
CA VAL A 310 33.06 -24.90 16.59
C VAL A 310 33.36 -26.10 17.49
N GLU A 311 33.23 -27.30 16.93
CA GLU A 311 33.56 -28.51 17.67
C GLU A 311 35.08 -28.73 17.61
N GLU A 312 35.66 -28.47 16.44
CA GLU A 312 37.10 -28.63 16.29
C GLU A 312 37.81 -27.67 17.25
N GLY A 313 37.18 -26.55 17.59
CA GLY A 313 37.83 -25.54 18.42
C GLY A 313 37.56 -24.12 17.94
N GLY A 314 37.89 -23.13 18.76
CA GLY A 314 37.68 -21.74 18.38
C GLY A 314 36.31 -21.22 18.80
N SER A 315 36.17 -19.90 18.92
CA SER A 315 34.90 -19.29 19.33
C SER A 315 34.60 -18.04 18.55
N LEU A 316 33.56 -18.04 17.72
CA LEU A 316 33.21 -16.84 16.96
C LEU A 316 31.80 -16.40 17.32
N THR A 317 31.67 -15.23 17.94
CA THR A 317 30.38 -14.75 18.40
C THR A 317 30.11 -13.32 17.94
N ILE A 318 29.04 -13.11 17.17
CA ILE A 318 28.73 -11.76 16.69
C ILE A 318 27.52 -11.18 17.42
N ILE A 319 27.75 -10.10 18.17
CA ILE A 319 26.67 -9.43 18.89
C ILE A 319 26.48 -8.04 18.31
N ALA A 320 25.42 -7.85 17.53
CA ALA A 320 25.18 -6.58 16.86
C ALA A 320 23.87 -5.95 17.34
N THR A 321 23.60 -4.70 16.94
CA THR A 321 22.38 -4.02 17.34
C THR A 321 21.50 -3.80 16.13
N ALA A 322 20.18 -3.94 16.28
CA ALA A 322 19.25 -3.72 15.18
C ALA A 322 18.17 -2.73 15.59
N LEU A 323 17.51 -2.11 14.63
CA LEU A 323 16.49 -1.08 14.89
C LEU A 323 15.10 -1.61 14.57
N ILE A 324 14.08 -1.01 15.15
CA ILE A 324 12.70 -1.48 14.95
C ILE A 324 11.71 -0.34 15.13
N ASP A 325 10.41 -0.63 15.02
CA ASP A 325 9.35 0.37 15.10
C ASP A 325 9.86 1.71 14.56
N THR A 326 10.52 1.67 13.40
CA THR A 326 11.05 2.88 12.80
C THR A 326 9.99 3.40 11.83
N GLY A 327 9.62 2.61 10.83
CA GLY A 327 8.61 3.04 9.88
C GLY A 327 9.09 2.98 8.44
N SER A 328 9.87 1.96 8.10
CA SER A 328 10.34 1.80 6.74
C SER A 328 10.43 0.29 6.46
N LYS A 329 9.73 -0.20 5.44
CA LYS A 329 9.73 -1.63 5.13
C LYS A 329 11.16 -2.15 5.19
N ASP A 331 13.74 -1.59 7.04
CA ASP A 331 14.14 -2.01 8.37
C ASP A 331 13.31 -3.19 8.86
N GLU A 332 12.06 -3.28 8.40
CA GLU A 332 11.16 -4.34 8.84
C GLU A 332 11.68 -5.68 8.31
N VAL A 333 11.89 -5.77 7.00
CA VAL A 333 12.50 -6.94 6.41
C VAL A 333 13.83 -7.25 7.11
N ILE A 334 14.62 -6.21 7.40
CA ILE A 334 15.92 -6.40 8.03
C ILE A 334 15.80 -7.10 9.38
N TYR A 335 15.24 -6.39 10.37
CA TYR A 335 15.06 -6.98 11.70
C TYR A 335 14.34 -8.33 11.60
N GLU A 336 13.48 -8.49 10.61
CA GLU A 336 12.66 -9.70 10.50
C GLU A 336 13.47 -10.86 9.94
N GLU A 337 14.49 -10.54 9.18
CA GLU A 337 15.31 -11.57 8.54
C GLU A 337 16.41 -12.09 9.48
N PHE A 338 16.96 -11.19 10.31
CA PHE A 338 17.92 -11.60 11.31
C PHE A 338 17.21 -12.16 12.53
N LYS A 339 16.01 -11.66 12.79
CA LYS A 339 15.22 -12.10 13.93
C LYS A 339 15.18 -13.62 14.00
N GLY A 340 14.95 -14.26 12.84
CA GLY A 340 14.83 -15.70 12.76
C GLY A 340 16.15 -16.41 13.04
N THR A 341 17.23 -15.93 12.43
CA THR A 341 18.53 -16.59 12.51
C THR A 341 19.12 -16.60 13.92
N GLY A 342 19.17 -15.43 14.55
CA GLY A 342 19.85 -15.27 15.82
C GLY A 342 19.32 -16.18 16.92
N ASN A 343 20.21 -16.74 17.74
CA ASN A 343 19.81 -17.57 18.87
C ASN A 343 19.75 -16.73 20.14
N GLU A 345 18.37 -12.95 21.60
CA GLU A 345 17.62 -11.74 21.30
C GLU A 345 17.49 -10.91 22.56
N LEU A 346 17.77 -9.61 22.47
CA LEU A 346 17.65 -8.71 23.61
C LEU A 346 16.89 -7.48 23.17
N HIS A 347 15.69 -7.28 23.69
CA HIS A 347 14.86 -6.17 23.25
C HIS A 347 14.83 -5.06 24.32
N LEU A 348 14.90 -3.81 23.86
CA LEU A 348 14.83 -2.66 24.76
C LEU A 348 13.55 -1.91 24.41
N SER A 349 13.04 -1.09 25.33
CA SER A 349 11.84 -0.31 25.05
C SER A 349 12.11 1.17 25.22
N ARG A 350 11.33 2.00 24.53
CA ARG A 350 11.54 3.43 24.56
C ARG A 350 10.74 4.08 25.70
N LYS A 351 9.70 3.38 26.16
CA LYS A 351 8.89 3.87 27.28
C LYS A 351 9.65 3.65 28.59
N ILE A 352 10.41 2.56 28.65
CA ILE A 352 11.21 2.23 29.82
C ILE A 352 12.39 3.17 29.94
N ALA A 353 12.82 3.70 28.80
CA ALA A 353 14.00 4.57 28.78
C ALA A 353 13.58 6.02 29.00
N GLU A 354 12.38 6.37 28.56
CA GLU A 354 11.87 7.74 28.73
C GLU A 354 11.64 8.05 30.20
N LYS A 355 11.37 7.01 30.99
CA LYS A 355 11.24 7.15 32.43
C LYS A 355 12.62 7.26 33.07
N ARG A 356 13.64 7.35 32.24
CA ARG A 356 15.01 7.47 32.73
C ARG A 356 15.32 6.30 33.66
N VAL A 357 14.79 5.12 33.33
CA VAL A 357 15.03 3.93 34.13
C VAL A 357 15.95 2.98 33.36
N PHE A 358 17.10 2.67 33.95
CA PHE A 358 18.06 1.79 33.28
C PHE A 358 18.51 0.64 34.19
N PRO A 359 18.87 -0.51 33.60
CA PRO A 359 18.80 -0.72 32.14
C PRO A 359 17.36 -0.86 31.63
N ALA A 360 17.03 -0.29 30.49
CA ALA A 360 15.67 -0.36 29.97
C ALA A 360 15.45 -1.55 29.05
N ILE A 361 15.50 -2.76 29.60
CA ILE A 361 15.31 -3.97 28.78
C ILE A 361 13.90 -4.55 28.93
N ASP A 362 13.34 -5.04 27.84
CA ASP A 362 12.06 -5.71 27.90
C ASP A 362 12.27 -7.15 28.34
N TYR A 363 12.45 -7.35 29.64
CA TYR A 363 12.74 -8.67 30.19
C TYR A 363 11.93 -9.76 29.49
N ASN A 364 10.62 -9.56 29.37
CA ASN A 364 9.75 -10.58 28.79
C ASN A 364 10.18 -11.01 27.39
N ARG A 365 10.45 -10.01 26.53
CA ARG A 365 10.76 -10.29 25.13
C ARG A 365 12.17 -10.86 24.95
N SER A 366 13.12 -10.42 25.78
CA SER A 366 14.51 -10.89 25.69
C SER A 366 14.63 -12.39 25.95
N GLY A 367 15.79 -12.98 25.67
CA GLY A 367 16.03 -14.39 25.93
C GLY A 367 16.97 -15.02 24.92
N THR A 368 17.54 -16.18 25.27
CA THR A 368 18.43 -16.90 24.36
C THR A 368 17.92 -18.31 24.11
N ARG A 369 18.35 -18.91 23.01
CA ARG A 369 17.93 -20.26 22.68
C ARG A 369 18.91 -21.26 23.31
N LYS A 370 18.39 -22.39 23.78
CA LYS A 370 19.22 -23.41 24.45
C LYS A 370 19.97 -22.86 25.66
N GLU A 371 19.22 -22.26 26.59
CA GLU A 371 19.80 -21.70 27.82
C GLU A 371 20.44 -22.72 28.77
N GLU A 372 19.93 -23.95 28.78
CA GLU A 372 20.41 -24.98 29.71
C GLU A 372 21.86 -25.39 29.45
N LEU A 373 22.37 -25.10 28.26
CA LEU A 373 23.75 -25.43 27.89
C LEU A 373 24.73 -24.38 28.42
N LEU A 374 24.20 -23.28 28.93
CA LEU A 374 25.02 -22.19 29.43
C LEU A 374 24.75 -21.93 30.91
N THR A 375 23.85 -22.71 31.50
CA THR A 375 23.48 -22.49 32.89
C THR A 375 23.42 -23.80 33.67
N THR A 376 23.90 -23.79 34.91
CA THR A 376 23.79 -24.95 35.80
C THR A 376 22.31 -25.17 36.16
N GLN A 377 21.86 -26.42 36.23
CA GLN A 377 20.48 -26.73 36.55
C GLN A 377 19.95 -25.76 37.60
N GLU A 378 20.76 -25.49 38.61
CA GLU A 378 20.36 -24.63 39.73
C GLU A 378 20.07 -23.22 39.27
N GLU A 379 21.08 -22.53 38.74
CA GLU A 379 20.92 -21.14 38.35
C GLU A 379 19.82 -20.98 37.26
N LEU A 380 19.66 -22.01 36.43
CA LEU A 380 18.61 -22.00 35.41
C LEU A 380 17.22 -22.04 36.07
N GLN A 381 17.04 -22.95 37.02
CA GLN A 381 15.75 -23.09 37.70
C GLN A 381 15.29 -21.76 38.27
N LYS A 382 16.22 -20.96 38.77
CA LYS A 382 15.87 -19.71 39.44
C LYS A 382 15.73 -18.54 38.48
N TRP A 384 14.39 -19.23 35.86
CA TRP A 384 13.08 -19.70 35.45
C TRP A 384 12.05 -19.15 36.43
N ILE A 385 12.34 -19.28 37.72
CA ILE A 385 11.48 -18.75 38.77
C ILE A 385 11.22 -17.27 38.55
N LEU A 386 12.31 -16.52 38.43
CA LEU A 386 12.23 -15.07 38.25
C LEU A 386 11.40 -14.73 37.00
N ARG A 387 11.55 -15.54 35.95
CA ARG A 387 10.83 -15.32 34.70
C ARG A 387 9.32 -15.46 34.96
N LYS A 388 8.93 -16.54 35.64
CA LYS A 388 7.53 -16.79 35.98
C LYS A 388 6.94 -15.61 36.74
N ILE A 389 7.66 -15.15 37.75
CA ILE A 389 7.20 -14.05 38.59
C ILE A 389 7.02 -12.76 37.81
N ILE A 390 8.05 -12.38 37.05
CA ILE A 390 8.08 -11.09 36.36
C ILE A 390 7.16 -11.03 35.12
N HIS A 391 7.00 -12.17 34.46
CA HIS A 391 6.22 -12.22 33.20
C HIS A 391 4.94 -11.37 33.23
N PRO A 392 4.08 -11.57 34.25
CA PRO A 392 2.77 -10.90 34.28
C PRO A 392 2.88 -9.38 34.44
N GLY A 394 4.50 -5.28 33.92
CA GLY A 394 4.59 -4.39 32.78
C GLY A 394 6.05 -4.14 32.43
N GLU A 395 6.29 -3.39 31.35
CA GLU A 395 7.67 -3.10 30.90
C GLU A 395 8.47 -2.34 31.94
N ILE A 396 7.87 -1.26 32.44
CA ILE A 396 8.51 -0.41 33.45
C ILE A 396 8.46 -1.11 34.80
N ASP A 397 7.28 -1.66 35.13
CA ASP A 397 7.09 -2.39 36.39
C ASP A 397 8.18 -3.45 36.53
N ALA A 398 8.21 -4.38 35.56
CA ALA A 398 9.14 -5.49 35.57
C ALA A 398 10.57 -5.01 35.78
N GLU A 400 11.98 -2.08 36.57
CA GLU A 400 12.12 -1.37 37.86
C GLU A 400 12.24 -2.36 39.01
N PHE A 401 11.23 -3.20 39.18
CA PHE A 401 11.27 -4.27 40.15
C PHE A 401 12.63 -5.00 40.15
N LEU A 402 13.00 -5.50 38.98
CA LEU A 402 14.20 -6.32 38.83
C LEU A 402 15.47 -5.52 39.18
N ILE A 403 15.45 -4.23 38.90
CA ILE A 403 16.60 -3.37 39.16
C ILE A 403 16.79 -3.13 40.65
N ASN A 404 15.68 -3.01 41.37
CA ASN A 404 15.73 -2.69 42.80
C ASN A 404 16.23 -3.89 43.60
N LYS A 405 15.61 -5.04 43.38
CA LYS A 405 15.93 -6.22 44.19
C LYS A 405 17.23 -6.88 43.77
N LEU A 406 18.07 -6.14 43.06
CA LEU A 406 19.40 -6.64 42.68
C LEU A 406 20.49 -5.77 43.30
N ALA A 407 20.24 -4.48 43.43
CA ALA A 407 21.25 -3.55 43.95
C ALA A 407 21.74 -4.01 45.32
N THR A 409 22.81 -6.94 46.41
CA THR A 409 23.97 -7.84 46.49
C THR A 409 24.20 -8.59 45.18
N LYS A 410 25.45 -9.02 44.95
CA LYS A 410 25.83 -9.76 43.74
C LYS A 410 24.80 -10.83 43.35
N THR A 411 24.72 -11.19 42.08
CA THR A 411 23.72 -12.15 41.62
C THR A 411 23.70 -13.47 42.39
N ASN A 412 24.87 -14.01 42.70
CA ASN A 412 24.94 -15.27 43.42
C ASN A 412 24.35 -15.12 44.84
N ASP A 413 24.60 -13.98 45.48
CA ASP A 413 24.03 -13.71 46.79
C ASP A 413 22.55 -13.41 46.64
N ASP A 414 22.19 -12.80 45.51
CA ASP A 414 20.80 -12.54 45.18
C ASP A 414 20.08 -13.89 45.06
N PHE A 415 20.79 -14.87 44.52
CA PHE A 415 20.24 -16.20 44.35
C PHE A 415 19.96 -16.82 45.73
N PHE A 416 20.90 -16.63 46.66
CA PHE A 416 20.72 -17.11 48.04
C PHE A 416 19.53 -16.42 48.67
N GLU A 417 19.44 -15.11 48.50
CA GLU A 417 18.41 -14.32 49.12
C GLU A 417 17.01 -14.79 48.70
N ASN B 5 34.76 50.26 0.54
CA ASN B 5 34.49 48.82 0.43
C ASN B 5 33.19 48.54 -0.31
N LEU B 6 33.23 47.56 -1.21
CA LEU B 6 32.08 47.21 -2.05
C LEU B 6 30.82 46.98 -1.21
N THR B 7 30.92 46.12 -0.20
CA THR B 7 29.79 45.80 0.67
C THR B 7 29.20 47.06 1.31
N GLU B 8 30.06 47.86 1.92
CA GLU B 8 29.62 49.07 2.63
C GLU B 8 28.90 50.03 1.70
N LEU B 9 29.46 50.24 0.52
CA LEU B 9 28.87 51.15 -0.45
C LEU B 9 27.54 50.59 -0.97
N LYS B 10 27.46 49.26 -1.10
CA LYS B 10 26.22 48.64 -1.53
C LYS B 10 25.13 48.89 -0.50
N ASN B 11 25.46 48.71 0.78
CA ASN B 11 24.50 48.86 1.87
C ASN B 11 24.02 50.31 2.02
N THR B 12 24.96 51.25 1.96
CA THR B 12 24.62 52.67 2.11
C THR B 12 23.48 53.03 1.15
N PRO B 13 22.63 54.00 1.57
CA PRO B 13 21.40 54.37 0.83
C PRO B 13 21.70 55.14 -0.46
N VAL B 14 20.96 54.84 -1.53
CA VAL B 14 21.20 55.48 -2.82
C VAL B 14 21.31 57.01 -2.65
N SER B 15 20.48 57.59 -1.78
CA SER B 15 20.50 59.04 -1.57
C SER B 15 21.89 59.51 -1.13
N GLU B 16 22.49 58.74 -0.23
CA GLU B 16 23.82 59.04 0.29
C GLU B 16 24.89 58.84 -0.78
N LEU B 17 24.62 57.93 -1.72
CA LEU B 17 25.57 57.61 -2.79
C LEU B 17 25.74 58.75 -3.79
N ILE B 18 24.63 59.38 -4.17
CA ILE B 18 24.68 60.41 -5.21
C ILE B 18 25.48 61.63 -4.74
N THR B 19 25.25 62.08 -3.51
CA THR B 19 26.04 63.16 -2.93
C THR B 19 27.52 62.74 -2.97
N LEU B 20 27.78 61.52 -2.49
CA LEU B 20 29.12 60.94 -2.51
C LEU B 20 29.78 61.14 -3.89
N GLY B 21 29.06 60.78 -4.95
CA GLY B 21 29.61 60.82 -6.30
C GLY B 21 29.90 62.23 -6.79
N GLU B 22 29.00 63.17 -6.48
CA GLU B 22 29.22 64.58 -6.80
C GLU B 22 30.55 65.02 -6.21
N ASN B 23 30.82 64.63 -4.96
CA ASN B 23 32.08 64.95 -4.31
C ASN B 23 33.22 64.19 -4.99
N GLY B 25 33.55 63.64 -7.96
CA GLY B 25 33.91 64.37 -9.16
C GLY B 25 33.08 63.92 -10.35
N ARG B 33 21.61 52.85 -12.35
CA ARG B 33 21.53 51.82 -11.33
C ARG B 33 22.59 52.02 -10.25
N LYS B 34 22.16 51.86 -8.97
CA LYS B 34 23.07 52.02 -7.83
C LYS B 34 24.34 51.20 -8.05
N GLN B 35 24.20 49.95 -8.50
CA GLN B 35 25.37 49.11 -8.80
C GLN B 35 26.32 49.88 -9.70
N ASP B 36 25.79 50.45 -10.79
CA ASP B 36 26.62 51.22 -11.72
C ASP B 36 27.35 52.34 -10.98
N ILE B 37 26.59 53.21 -10.32
CA ILE B 37 27.18 54.26 -9.51
C ILE B 37 28.31 53.68 -8.69
N ILE B 38 27.98 52.71 -7.84
CA ILE B 38 28.96 52.03 -7.00
C ILE B 38 30.21 51.64 -7.81
N PHE B 39 30.03 50.75 -8.78
CA PHE B 39 31.13 50.35 -9.67
C PHE B 39 32.00 51.54 -10.10
N ALA B 40 31.35 52.56 -10.66
CA ALA B 40 32.06 53.74 -11.13
C ALA B 40 32.89 54.34 -10.00
N ILE B 41 32.28 54.48 -8.82
CA ILE B 41 32.98 55.00 -7.66
C ILE B 41 34.23 54.16 -7.41
N LEU B 42 34.05 52.88 -7.10
CA LEU B 42 35.19 51.99 -6.82
C LEU B 42 36.31 52.15 -7.86
N LYS B 43 35.93 52.31 -9.12
CA LYS B 43 36.90 52.46 -10.21
C LYS B 43 37.65 53.79 -10.08
N GLN B 44 36.93 54.83 -9.68
CA GLN B 44 37.53 56.12 -9.40
C GLN B 44 38.66 55.94 -8.39
N HIS B 45 38.41 55.13 -7.37
CA HIS B 45 39.40 54.85 -6.33
C HIS B 45 40.66 54.24 -6.93
N ALA B 46 40.50 53.44 -7.98
CA ALA B 46 41.65 52.81 -8.63
C ALA B 46 42.54 53.88 -9.26
N LYS B 47 41.93 54.93 -9.79
CA LYS B 47 42.68 56.02 -10.42
C LYS B 47 43.67 56.63 -9.44
N SER B 48 43.19 56.92 -8.23
CA SER B 48 44.06 57.52 -7.21
C SER B 48 45.14 56.49 -6.80
N GLY B 49 44.85 55.21 -7.01
CA GLY B 49 45.78 54.15 -6.64
C GLY B 49 45.50 53.67 -5.22
N GLU B 50 44.52 54.30 -4.57
CA GLU B 50 44.13 53.90 -3.21
C GLU B 50 43.68 52.44 -3.22
N ASP B 51 43.90 51.72 -2.12
CA ASP B 51 43.51 50.32 -2.03
C ASP B 51 42.00 50.18 -2.03
N ILE B 52 41.51 49.15 -2.72
CA ILE B 52 40.08 48.88 -2.77
C ILE B 52 39.84 47.47 -2.22
N PHE B 53 38.78 47.27 -1.43
CA PHE B 53 38.60 46.01 -0.70
C PHE B 53 37.22 45.40 -0.85
N GLY B 54 37.17 44.07 -0.84
CA GLY B 54 35.90 43.34 -0.86
C GLY B 54 35.98 42.16 0.08
N ASP B 55 34.86 41.48 0.31
CA ASP B 55 34.86 40.30 1.19
C ASP B 55 33.70 39.35 0.84
N GLY B 56 33.90 38.06 1.05
CA GLY B 56 32.87 37.09 0.72
C GLY B 56 33.30 35.69 1.16
N VAL B 57 32.47 34.69 0.86
CA VAL B 57 32.76 33.32 1.29
C VAL B 57 33.09 32.48 0.05
N LEU B 58 34.27 31.86 0.06
CA LEU B 58 34.81 31.16 -1.09
C LEU B 58 33.87 30.05 -1.57
N GLU B 59 33.78 29.89 -2.88
CA GLU B 59 33.12 28.72 -3.46
C GLU B 59 33.95 28.16 -4.61
N ILE B 60 34.86 27.24 -4.32
CA ILE B 60 35.68 26.64 -5.35
C ILE B 60 34.79 25.92 -6.37
N LEU B 61 35.00 26.21 -7.66
CA LEU B 61 34.16 25.64 -8.72
C LEU B 61 34.75 24.35 -9.27
N GLN B 62 34.16 23.85 -10.35
CA GLN B 62 34.56 22.59 -10.94
C GLN B 62 35.97 22.67 -11.56
N ASP B 63 36.28 23.82 -12.18
CA ASP B 63 37.54 24.00 -12.88
C ASP B 63 38.70 24.39 -11.96
N GLY B 64 38.45 24.48 -10.65
CA GLY B 64 39.52 24.74 -9.71
C GLY B 64 39.58 26.19 -9.22
N PHE B 65 38.90 27.11 -9.88
CA PHE B 65 38.89 28.50 -9.43
C PHE B 65 37.53 28.81 -8.75
N GLY B 66 37.47 29.83 -7.91
CA GLY B 66 36.26 30.10 -7.16
C GLY B 66 35.92 31.57 -7.07
N PHE B 67 34.79 31.88 -6.42
CA PHE B 67 34.37 33.26 -6.22
C PHE B 67 34.12 33.54 -4.73
N LEU B 68 33.98 34.81 -4.36
CA LEU B 68 33.55 35.17 -3.02
C LEU B 68 32.09 35.61 -3.07
N ARG B 69 31.16 34.74 -2.63
CA ARG B 69 29.74 35.04 -2.68
C ARG B 69 29.34 35.93 -1.53
N SER B 70 28.20 36.60 -1.64
CA SER B 70 27.74 37.52 -0.58
C SER B 70 26.50 36.96 0.13
N ALA B 71 26.27 37.40 1.37
CA ALA B 71 25.18 36.88 2.17
C ALA B 71 23.81 37.39 1.70
N ASP B 72 23.77 38.59 1.13
CA ASP B 72 22.49 39.17 0.68
C ASP B 72 21.84 38.31 -0.43
N SER B 73 22.66 37.64 -1.26
CA SER B 73 22.14 36.75 -2.29
C SER B 73 22.07 35.31 -1.77
N SER B 74 22.15 35.15 -0.43
CA SER B 74 22.16 33.82 0.20
C SER B 74 23.38 33.02 -0.28
N TYR B 75 24.43 33.73 -0.69
CA TYR B 75 25.65 33.09 -1.21
C TYR B 75 25.40 32.39 -2.54
N LEU B 76 24.35 32.82 -3.24
CA LEU B 76 24.15 32.42 -4.63
C LEU B 76 25.01 33.32 -5.53
N ALA B 77 25.01 33.03 -6.83
CA ALA B 77 25.80 33.82 -7.78
C ALA B 77 25.44 35.32 -7.72
N GLY B 78 26.43 36.18 -7.61
CA GLY B 78 26.21 37.61 -7.57
C GLY B 78 27.01 38.31 -8.65
N PRO B 79 26.55 39.50 -9.09
CA PRO B 79 27.29 40.25 -10.13
C PRO B 79 28.51 40.97 -9.54
N ASP B 80 28.60 41.07 -8.22
CA ASP B 80 29.65 41.85 -7.59
C ASP B 80 30.65 40.96 -6.86
N ASP B 81 30.77 39.71 -7.31
CA ASP B 81 31.64 38.77 -6.61
C ASP B 81 33.09 38.98 -7.00
N ILE B 82 34.00 38.29 -6.33
CA ILE B 82 35.42 38.46 -6.56
C ILE B 82 36.05 37.15 -7.04
N TYR B 83 36.70 37.20 -8.18
CA TYR B 83 37.38 36.02 -8.71
C TYR B 83 38.57 35.63 -7.82
N VAL B 84 38.80 34.33 -7.66
CA VAL B 84 39.92 33.85 -6.85
C VAL B 84 40.74 32.85 -7.66
N SER B 85 41.96 33.24 -8.02
CA SER B 85 42.81 32.40 -8.88
C SER B 85 43.10 31.05 -8.21
N PRO B 86 43.07 29.96 -9.01
CA PRO B 86 43.38 28.62 -8.49
C PRO B 86 44.74 28.60 -7.84
N SER B 87 45.64 29.47 -8.30
CA SER B 87 46.99 29.54 -7.75
C SER B 87 46.89 29.98 -6.27
N GLN B 88 46.01 30.94 -5.97
CA GLN B 88 45.81 31.42 -4.61
C GLN B 88 45.18 30.35 -3.72
N ILE B 89 44.25 29.59 -4.29
CA ILE B 89 43.65 28.46 -3.58
C ILE B 89 44.74 27.48 -3.16
N ARG B 90 45.55 27.03 -4.12
CA ARG B 90 46.67 26.13 -3.83
C ARG B 90 47.65 26.79 -2.85
N ARG B 91 47.71 28.11 -2.90
CA ARG B 91 48.68 28.85 -2.10
C ARG B 91 48.41 28.67 -0.59
N PHE B 92 47.14 28.66 -0.21
CA PHE B 92 46.79 28.53 1.20
C PHE B 92 45.83 27.37 1.46
N ASN B 93 45.78 26.43 0.52
CA ASN B 93 44.92 25.25 0.67
C ASN B 93 43.48 25.62 1.04
N LEU B 94 42.92 26.65 0.42
CA LEU B 94 41.58 27.10 0.73
C LEU B 94 40.53 26.05 0.33
N ARG B 95 39.34 26.13 0.92
CA ARG B 95 38.24 25.23 0.53
C ARG B 95 36.94 25.99 0.52
N THR B 96 35.91 25.39 -0.06
CA THR B 96 34.60 26.02 -0.13
C THR B 96 34.09 26.37 1.30
N GLY B 97 33.64 27.61 1.50
CA GLY B 97 33.12 28.02 2.77
C GLY B 97 34.07 28.96 3.51
N ASP B 98 35.33 29.01 3.08
CA ASP B 98 36.33 29.88 3.72
C ASP B 98 35.97 31.34 3.52
N THR B 99 36.05 32.15 4.59
CA THR B 99 35.76 33.57 4.50
C THR B 99 37.07 34.31 4.17
N ILE B 100 37.08 35.15 3.14
CA ILE B 100 38.32 35.82 2.75
C ILE B 100 38.11 37.31 2.50
N SER B 101 39.10 38.12 2.92
CA SER B 101 39.12 39.55 2.60
C SER B 101 40.50 39.87 2.01
N GLY B 102 40.62 40.97 1.29
CA GLY B 102 41.93 41.35 0.73
C GLY B 102 41.82 42.39 -0.36
N LYS B 103 42.97 42.89 -0.82
CA LYS B 103 42.99 43.88 -1.88
C LYS B 103 42.36 43.27 -3.15
N ILE B 104 41.69 44.08 -3.96
CA ILE B 104 41.07 43.59 -5.18
C ILE B 104 41.25 44.61 -6.30
N ARG B 105 41.01 44.20 -7.55
CA ARG B 105 41.15 45.11 -8.70
C ARG B 105 39.91 45.04 -9.57
N PRO B 106 39.52 46.18 -10.16
CA PRO B 106 38.36 46.24 -11.08
C PRO B 106 38.57 45.39 -12.34
N PRO B 107 37.49 45.14 -13.09
CA PRO B 107 37.53 44.24 -14.26
C PRO B 107 38.12 44.91 -15.51
N LYS B 108 38.72 44.10 -16.40
CA LYS B 108 39.14 44.54 -17.72
C LYS B 108 37.94 44.52 -18.67
N GLU B 109 38.13 44.91 -19.92
CA GLU B 109 37.04 44.93 -20.89
C GLU B 109 36.44 43.52 -21.06
N GLY B 110 37.27 42.49 -20.96
CA GLY B 110 36.81 41.12 -21.15
C GLY B 110 36.34 40.49 -19.82
N GLU B 111 36.91 40.97 -18.71
CA GLU B 111 36.56 40.44 -17.39
C GLU B 111 35.13 40.85 -17.05
N ARG B 112 34.57 40.24 -16.00
CA ARG B 112 33.20 40.55 -15.59
C ARG B 112 33.14 40.95 -14.14
N TYR B 113 34.09 40.48 -13.34
CA TYR B 113 34.07 40.72 -11.90
C TYR B 113 35.40 41.26 -11.42
N PHE B 114 35.46 41.65 -10.15
CA PHE B 114 36.70 42.08 -9.54
C PHE B 114 37.60 40.87 -9.43
N ALA B 115 38.88 41.07 -9.13
CA ALA B 115 39.78 39.96 -8.87
C ALA B 115 40.54 40.29 -7.60
N LEU B 116 40.68 39.33 -6.68
CA LEU B 116 41.36 39.65 -5.43
C LEU B 116 42.87 39.76 -5.69
N LEU B 117 43.42 40.95 -5.45
CA LEU B 117 44.87 41.16 -5.56
C LEU B 117 45.61 40.24 -4.60
N LYS B 118 45.26 40.29 -3.33
CA LYS B 118 46.00 39.53 -2.33
C LYS B 118 45.09 39.12 -1.17
N VAL B 119 45.42 37.98 -0.54
CA VAL B 119 44.64 37.48 0.59
C VAL B 119 45.05 38.21 1.85
N ASN B 120 44.07 38.68 2.61
CA ASN B 120 44.32 39.53 3.77
C ASN B 120 43.94 38.82 5.06
N GLU B 121 42.68 38.43 5.16
CA GLU B 121 42.17 37.85 6.39
C GLU B 121 41.28 36.64 6.09
N VAL B 122 41.77 35.44 6.40
CA VAL B 122 41.00 34.21 6.16
C VAL B 122 40.26 33.77 7.42
N ASN B 123 38.94 33.73 7.36
CA ASN B 123 38.14 33.35 8.52
C ASN B 123 38.52 34.17 9.75
N PHE B 124 38.92 35.42 9.52
CA PHE B 124 39.23 36.36 10.61
C PHE B 124 40.58 36.06 11.25
N ASP B 125 41.50 35.50 10.47
CA ASP B 125 42.83 35.20 10.98
C ASP B 125 43.87 35.32 9.86
N LYS B 126 45.14 35.47 10.22
CA LYS B 126 46.21 35.53 9.23
C LYS B 126 46.07 34.36 8.24
N PRO B 127 46.11 34.65 6.92
CA PRO B 127 45.96 33.61 5.87
C PRO B 127 47.00 32.50 5.98
N GLU B 128 48.24 32.85 6.31
CA GLU B 128 49.34 31.87 6.31
C GLU B 128 49.06 30.67 7.23
N ASN B 129 48.54 30.93 8.42
CA ASN B 129 48.28 29.86 9.40
C ASN B 129 47.26 28.85 8.88
N ALA B 130 46.38 29.29 7.97
CA ALA B 130 45.34 28.43 7.41
C ALA B 130 45.95 27.26 6.62
N ARG B 131 47.25 27.34 6.34
CA ARG B 131 47.92 26.26 5.61
C ARG B 131 48.16 25.06 6.54
N ASN B 132 48.53 25.32 7.79
CA ASN B 132 48.86 24.23 8.70
C ASN B 132 47.69 23.79 9.60
N LYS B 133 46.57 24.52 9.54
CA LYS B 133 45.41 24.22 10.38
C LYS B 133 44.94 22.79 10.15
N ILE B 134 44.28 22.22 11.15
CA ILE B 134 43.76 20.86 11.03
C ILE B 134 42.45 20.88 10.24
N LEU B 135 42.13 19.79 9.54
CA LEU B 135 40.93 19.77 8.71
C LEU B 135 39.72 19.22 9.48
N PHE B 136 38.53 19.73 9.14
CA PHE B 136 37.30 19.37 9.82
C PHE B 136 37.09 17.85 9.91
N GLU B 137 37.15 17.18 8.77
CA GLU B 137 36.89 15.73 8.71
C GLU B 137 37.93 14.95 9.49
N ASN B 138 39.04 15.59 9.83
CA ASN B 138 40.12 14.93 10.56
C ASN B 138 40.18 15.31 12.06
N LEU B 139 39.21 16.10 12.51
CA LEU B 139 39.12 16.47 13.90
C LEU B 139 38.62 15.27 14.73
N THR B 140 39.02 15.19 16.01
CA THR B 140 38.58 14.09 16.87
C THR B 140 37.35 14.53 17.73
N PRO B 141 36.17 13.94 17.46
CA PRO B 141 34.91 14.38 18.06
C PRO B 141 34.69 13.84 19.49
N LEU B 142 33.63 14.27 20.14
CA LEU B 142 33.33 13.81 21.50
C LEU B 142 31.86 14.14 21.83
N HIS B 143 31.48 13.96 23.08
CA HIS B 143 30.12 14.32 23.51
C HIS B 143 30.12 15.74 24.05
N ALA B 144 28.96 16.39 24.05
CA ALA B 144 28.88 17.79 24.49
C ALA B 144 29.43 17.97 25.89
N ASN B 145 30.62 18.58 26.02
CA ASN B 145 31.20 18.86 27.33
C ASN B 145 30.72 20.19 27.91
N SER B 146 30.75 21.25 27.11
CA SER B 146 30.33 22.56 27.56
C SER B 146 28.82 22.60 27.66
N ARG B 147 28.28 23.45 28.54
CA ARG B 147 26.84 23.53 28.75
C ARG B 147 26.34 24.90 28.31
N LEU B 148 25.19 24.94 27.63
CA LEU B 148 24.61 26.22 27.19
C LEU B 148 23.27 26.48 27.91
N ARG B 149 23.32 27.14 29.06
CA ARG B 149 22.12 27.42 29.83
C ARG B 149 21.14 28.26 29.00
N GLU B 151 18.01 29.37 30.45
CA GLU B 151 17.17 30.19 31.34
C GLU B 151 17.71 31.61 31.40
N ARG B 152 16.99 32.48 32.11
CA ARG B 152 17.45 33.85 32.31
C ARG B 152 17.04 34.33 33.70
N GLY B 153 17.72 35.36 34.21
CA GLY B 153 17.42 35.89 35.52
C GLY B 153 16.49 37.09 35.44
N ASN B 154 15.52 37.04 34.53
CA ASN B 154 14.60 38.16 34.33
C ASN B 154 13.14 37.73 34.48
N GLY B 155 12.92 36.45 34.80
CA GLY B 155 11.59 35.94 34.98
C GLY B 155 10.60 36.46 33.93
N SER B 156 10.88 36.18 32.66
CA SER B 156 10.03 36.65 31.56
C SER B 156 8.94 35.64 31.27
N THR B 157 7.80 36.09 30.74
CA THR B 157 6.73 35.18 30.33
C THR B 157 7.26 34.24 29.21
N GLU B 158 8.42 34.58 28.66
CA GLU B 158 9.05 33.78 27.61
C GLU B 158 10.11 32.89 28.25
N ASP B 159 10.74 33.40 29.30
CA ASP B 159 11.77 32.67 30.02
C ASP B 159 11.22 31.31 30.49
N LEU B 160 9.89 31.22 30.62
CA LEU B 160 9.24 29.95 30.94
C LEU B 160 9.66 28.86 29.95
N THR B 161 9.53 29.16 28.66
CA THR B 161 9.91 28.24 27.60
C THR B 161 11.39 27.87 27.74
N ALA B 162 12.24 28.89 27.91
CA ALA B 162 13.67 28.65 28.08
C ALA B 162 13.95 27.67 29.21
N ARG B 163 13.32 27.88 30.37
CA ARG B 163 13.53 27.03 31.54
C ARG B 163 13.06 25.61 31.27
N VAL B 164 11.80 25.47 30.88
CA VAL B 164 11.24 24.14 30.59
C VAL B 164 12.22 23.39 29.70
N LEU B 165 12.81 24.09 28.74
CA LEU B 165 13.77 23.51 27.82
C LEU B 165 15.02 23.08 28.59
N ASP B 166 15.45 23.94 29.50
CA ASP B 166 16.60 23.65 30.38
C ASP B 166 16.44 22.32 31.12
N LEU B 167 15.22 22.04 31.57
CA LEU B 167 14.98 20.87 32.42
C LEU B 167 14.67 19.62 31.60
N ALA B 168 13.95 19.81 30.49
CA ALA B 168 13.55 18.68 29.63
C ALA B 168 14.76 18.17 28.87
N SER B 169 15.45 19.06 28.16
CA SER B 169 16.59 18.64 27.33
C SER B 169 17.71 19.67 27.39
N PRO B 170 18.72 19.42 28.24
CA PRO B 170 19.91 20.29 28.34
C PRO B 170 20.66 20.37 27.00
N ILE B 171 21.19 21.54 26.67
CA ILE B 171 21.87 21.72 25.38
C ILE B 171 23.31 22.19 25.57
N GLY B 172 24.27 21.50 24.95
CA GLY B 172 25.68 21.84 25.12
C GLY B 172 26.36 22.17 23.79
N ARG B 173 27.69 22.34 23.82
CA ARG B 173 28.43 22.66 22.60
C ARG B 173 28.57 21.42 21.75
N GLY B 174 28.16 21.52 20.49
CA GLY B 174 28.24 20.39 19.56
C GLY B 174 26.97 19.55 19.61
N GLN B 175 25.92 20.10 20.19
CA GLN B 175 24.66 19.38 20.31
C GLN B 175 23.99 19.20 18.96
N ARG B 176 23.76 17.96 18.54
CA ARG B 176 23.05 17.69 17.31
C ARG B 176 21.61 17.26 17.62
N GLY B 177 20.72 18.24 17.85
CA GLY B 177 19.39 17.92 18.35
C GLY B 177 18.28 18.28 17.41
N LEU B 178 17.09 17.73 17.62
CA LEU B 178 15.91 17.99 16.78
C LEU B 178 14.71 18.41 17.62
N ILE B 179 13.96 19.41 17.16
CA ILE B 179 12.72 19.79 17.79
C ILE B 179 11.56 19.19 16.99
N VAL B 180 10.96 18.12 17.52
CA VAL B 180 9.98 17.32 16.77
C VAL B 180 8.55 17.71 17.15
N ALA B 181 7.69 17.86 16.14
CA ALA B 181 6.32 18.27 16.41
C ALA B 181 5.46 18.34 15.15
N PRO B 182 4.14 18.38 15.34
CA PRO B 182 3.21 18.61 14.21
C PRO B 182 3.17 20.08 13.83
N PRO B 183 2.32 20.43 12.87
CA PRO B 183 2.08 21.85 12.58
C PRO B 183 1.31 22.53 13.69
N LYS B 184 1.63 23.79 13.97
CA LYS B 184 1.00 24.55 15.03
C LYS B 184 1.22 23.93 16.41
N ALA B 185 2.48 23.70 16.78
CA ALA B 185 2.81 23.14 18.09
C ALA B 185 3.83 23.98 18.85
N GLY B 186 4.26 25.08 18.25
CA GLY B 186 5.26 25.95 18.86
C GLY B 186 6.69 25.63 18.40
N LYS B 187 6.78 24.81 17.36
CA LYS B 187 8.06 24.39 16.81
C LYS B 187 8.89 25.58 16.28
N THR B 188 8.41 26.22 15.22
CA THR B 188 9.11 27.32 14.59
C THR B 188 9.34 28.45 15.58
N LEU B 190 9.55 28.05 18.86
CA LEU B 190 10.47 27.61 19.90
C LEU B 190 11.91 27.92 19.49
N LEU B 191 12.27 27.64 18.24
CA LEU B 191 13.57 28.03 17.72
C LEU B 191 13.79 29.54 17.80
N GLN B 192 12.73 30.32 17.58
CA GLN B 192 12.80 31.78 17.81
C GLN B 192 13.33 32.05 19.22
N ASN B 193 12.66 31.46 20.21
CA ASN B 193 13.08 31.60 21.60
C ASN B 193 14.54 31.20 21.80
N ILE B 194 14.89 30.00 21.36
CA ILE B 194 16.25 29.50 21.52
C ILE B 194 17.25 30.49 20.98
N ALA B 195 17.01 30.97 19.76
CA ALA B 195 17.89 31.96 19.15
C ALA B 195 18.04 33.17 20.08
N GLN B 196 16.92 33.59 20.65
CA GLN B 196 16.90 34.78 21.51
C GLN B 196 17.85 34.61 22.71
N SER B 197 17.68 33.55 23.47
CA SER B 197 18.47 33.34 24.68
C SER B 197 19.92 32.98 24.37
N ILE B 198 20.18 32.54 23.13
CA ILE B 198 21.54 32.17 22.74
C ILE B 198 22.37 33.45 22.48
N ALA B 199 21.74 34.44 21.87
CA ALA B 199 22.41 35.69 21.57
C ALA B 199 22.49 36.57 22.82
N TYR B 200 21.80 36.17 23.89
CA TYR B 200 21.81 36.93 25.13
C TYR B 200 22.72 36.24 26.17
N ASN B 201 23.07 34.98 25.94
CA ASN B 201 23.89 34.25 26.91
C ASN B 201 25.20 33.77 26.31
N HIS B 202 25.32 33.85 24.99
CA HIS B 202 26.53 33.37 24.31
C HIS B 202 26.83 34.20 23.08
N PRO B 203 27.19 35.49 23.28
CA PRO B 203 27.65 36.33 22.15
C PRO B 203 28.96 35.78 21.56
N ASP B 204 29.63 34.89 22.29
CA ASP B 204 30.88 34.30 21.84
C ASP B 204 30.65 33.22 20.75
N CYS B 205 29.42 32.74 20.64
CA CYS B 205 29.07 31.74 19.65
C CYS B 205 28.54 32.41 18.40
N VAL B 206 28.92 31.88 17.23
CA VAL B 206 28.48 32.45 15.96
C VAL B 206 27.08 31.90 15.62
N LEU B 207 26.05 32.73 15.62
CA LEU B 207 24.71 32.23 15.39
C LEU B 207 24.30 32.35 13.93
N VAL B 209 21.35 31.33 11.21
CA VAL B 209 19.98 30.85 11.11
C VAL B 209 19.60 30.58 9.66
N LEU B 210 19.45 29.31 9.30
CA LEU B 210 19.08 28.90 7.96
C LEU B 210 17.61 28.46 7.90
N LEU B 211 16.77 29.21 7.18
CA LEU B 211 15.35 28.82 7.06
C LEU B 211 15.09 28.25 5.67
N ILE B 212 14.59 27.03 5.60
CA ILE B 212 14.39 26.39 4.31
C ILE B 212 12.96 25.95 4.07
N ASP B 213 12.37 26.44 3.00
CA ASP B 213 11.04 26.01 2.59
C ASP B 213 9.99 26.43 3.59
N GLU B 214 10.30 27.42 4.41
CA GLU B 214 9.32 27.92 5.35
C GLU B 214 8.69 29.22 4.89
N ARG B 215 7.85 29.79 5.75
CA ARG B 215 7.07 30.97 5.36
C ARG B 215 7.96 32.20 5.23
N PRO B 216 7.60 33.09 4.30
CA PRO B 216 8.35 34.30 3.94
C PRO B 216 8.30 35.30 5.06
N GLU B 217 7.18 35.30 5.81
CA GLU B 217 6.99 36.26 6.90
C GLU B 217 7.86 35.89 8.07
N GLU B 218 7.91 34.61 8.38
CA GLU B 218 8.74 34.15 9.48
C GLU B 218 10.16 34.57 9.24
N VAL B 219 10.50 34.76 7.97
CA VAL B 219 11.86 35.18 7.58
C VAL B 219 12.10 36.61 8.06
N THR B 220 11.25 37.53 7.65
CA THR B 220 11.40 38.93 8.05
C THR B 220 11.30 39.06 9.55
N GLU B 221 10.37 38.32 10.16
CA GLU B 221 10.23 38.25 11.63
C GLU B 221 11.58 37.92 12.25
N GLN B 223 14.29 37.70 11.02
CA GLN B 223 15.30 38.58 10.45
C GLN B 223 15.54 39.76 11.39
N ARG B 224 14.45 40.41 11.80
CA ARG B 224 14.52 41.61 12.60
C ARG B 224 14.54 41.30 14.09
N LEU B 225 14.53 40.01 14.44
CA LEU B 225 14.48 39.61 15.86
C LEU B 225 15.67 38.77 16.29
N VAL B 226 16.59 38.44 15.37
CA VAL B 226 17.78 37.69 15.78
C VAL B 226 19.04 38.54 15.65
N LYS B 227 20.12 38.09 16.26
CA LYS B 227 21.38 38.80 16.22
C LYS B 227 22.45 37.98 15.50
N GLY B 228 22.58 38.20 14.19
CA GLY B 228 23.58 37.47 13.43
C GLY B 228 23.09 37.17 12.04
N GLU B 229 23.63 36.10 11.46
CA GLU B 229 23.31 35.69 10.10
C GLU B 229 21.98 35.00 9.99
N VAL B 230 21.14 35.49 9.09
CA VAL B 230 19.89 34.84 8.82
C VAL B 230 19.94 34.54 7.34
N VAL B 231 20.11 33.28 6.98
CA VAL B 231 20.16 32.91 5.59
C VAL B 231 18.98 32.01 5.34
N ALA B 232 18.13 32.38 4.40
CA ALA B 232 16.95 31.55 4.16
C ALA B 232 16.35 31.62 2.75
N SER B 233 15.66 30.55 2.39
CA SER B 233 14.97 30.44 1.13
C SER B 233 13.54 30.04 1.39
N THR B 234 12.60 30.80 0.86
CA THR B 234 11.19 30.53 1.06
C THR B 234 10.67 29.38 0.20
N PHE B 235 9.45 28.95 0.47
CA PHE B 235 8.86 27.85 -0.27
C PHE B 235 8.70 28.20 -1.76
N ASP B 236 8.68 29.49 -2.04
CA ASP B 236 8.56 29.95 -3.41
C ASP B 236 9.75 29.38 -4.21
N GLU B 237 10.91 29.33 -3.56
CA GLU B 237 12.12 28.81 -4.16
C GLU B 237 12.04 27.32 -4.45
N PRO B 238 12.75 26.89 -5.52
CA PRO B 238 12.83 25.48 -5.93
C PRO B 238 13.74 24.72 -4.99
N ALA B 239 13.54 23.41 -4.86
CA ALA B 239 14.43 22.60 -4.03
C ALA B 239 15.90 22.77 -4.47
N SER B 240 16.12 23.21 -5.71
CA SER B 240 17.48 23.41 -6.21
C SER B 240 18.20 24.52 -5.40
N ARG B 241 17.53 25.67 -5.25
CA ARG B 241 18.11 26.76 -4.47
C ARG B 241 18.27 26.30 -3.04
N HIS B 242 17.23 25.68 -2.48
CA HIS B 242 17.27 25.26 -1.07
C HIS B 242 18.55 24.50 -0.78
N VAL B 243 18.85 23.51 -1.62
CA VAL B 243 20.05 22.71 -1.45
C VAL B 243 21.36 23.53 -1.59
N GLN B 244 21.44 24.37 -2.62
CA GLN B 244 22.64 25.18 -2.82
C GLN B 244 22.88 26.08 -1.59
N VAL B 245 21.82 26.78 -1.16
CA VAL B 245 21.90 27.71 -0.04
C VAL B 245 22.42 26.98 1.22
N ALA B 246 21.71 25.91 1.62
CA ALA B 246 22.10 25.13 2.77
C ALA B 246 23.57 24.69 2.62
N GLU B 247 23.91 24.16 1.48
CA GLU B 247 25.26 23.63 1.25
C GLU B 247 26.31 24.68 1.57
N VAL B 249 26.09 27.24 3.59
CA VAL B 249 26.08 27.55 5.04
C VAL B 249 26.73 26.44 5.88
N ILE B 250 26.49 25.18 5.51
CA ILE B 250 27.07 24.09 6.24
C ILE B 250 28.59 24.14 6.12
N GLU B 251 29.09 24.42 4.91
CA GLU B 251 30.55 24.44 4.67
C GLU B 251 31.19 25.59 5.41
N LYS B 252 30.52 26.73 5.40
CA LYS B 252 31.01 27.90 6.12
C LYS B 252 31.15 27.59 7.60
N ALA B 253 30.11 26.98 8.18
CA ALA B 253 30.14 26.56 9.57
C ALA B 253 31.36 25.66 9.79
N LYS B 254 31.56 24.66 8.92
CA LYS B 254 32.70 23.76 9.04
C LYS B 254 34.00 24.55 9.09
N ARG B 255 34.14 25.55 8.22
CA ARG B 255 35.38 26.33 8.14
C ARG B 255 35.69 27.06 9.44
N LEU B 256 34.67 27.68 10.03
CA LEU B 256 34.85 28.40 11.29
C LEU B 256 35.26 27.44 12.43
N VAL B 257 34.64 26.26 12.46
CA VAL B 257 34.98 25.26 13.48
C VAL B 257 36.46 24.89 13.38
N GLU B 258 37.01 24.91 12.17
CA GLU B 258 38.44 24.62 11.97
C GLU B 258 39.31 25.69 12.61
N HIS B 259 38.74 26.88 12.76
CA HIS B 259 39.49 27.99 13.36
C HIS B 259 39.36 27.90 14.88
N LYS B 260 38.89 26.74 15.37
CA LYS B 260 38.61 26.55 16.77
C LYS B 260 37.49 27.47 17.25
N LYS B 261 36.50 27.72 16.41
CA LYS B 261 35.38 28.57 16.79
C LYS B 261 34.11 27.77 17.09
N ASP B 262 33.10 28.42 17.67
CA ASP B 262 31.89 27.72 18.10
C ASP B 262 30.66 28.20 17.35
N VAL B 263 30.25 27.47 16.32
CA VAL B 263 29.12 27.89 15.51
C VAL B 263 27.84 27.18 15.95
N ILE B 264 26.72 27.91 15.96
CA ILE B 264 25.43 27.35 16.32
C ILE B 264 24.42 27.61 15.19
N ILE B 265 23.91 26.55 14.57
CA ILE B 265 22.96 26.68 13.48
C ILE B 265 21.57 26.27 13.91
N LEU B 266 20.59 27.15 13.71
CA LEU B 266 19.20 26.85 14.04
C LEU B 266 18.40 26.72 12.76
N LEU B 267 18.26 25.50 12.24
CA LEU B 267 17.60 25.27 10.95
C LEU B 267 16.14 24.83 11.13
N ASP B 268 15.21 25.65 10.69
CA ASP B 268 13.80 25.29 10.79
C ASP B 268 13.37 24.44 9.63
N SER B 269 12.56 23.43 9.91
CA SER B 269 12.09 22.51 8.87
C SER B 269 13.19 21.75 8.15
N ILE B 270 13.98 20.99 8.92
CA ILE B 270 14.98 20.14 8.35
C ILE B 270 14.35 19.08 7.46
N THR B 271 13.12 18.68 7.77
CA THR B 271 12.41 17.71 6.94
C THR B 271 12.22 18.27 5.53
N ARG B 272 11.93 19.57 5.45
CA ARG B 272 11.78 20.23 4.15
C ARG B 272 13.08 20.11 3.40
N LEU B 273 14.20 20.31 4.09
CA LEU B 273 15.54 20.14 3.50
C LEU B 273 15.70 18.71 2.92
N ALA B 274 15.24 17.71 3.67
CA ALA B 274 15.33 16.33 3.24
C ALA B 274 14.48 16.11 1.99
N ARG B 275 13.33 16.78 1.93
CA ARG B 275 12.45 16.69 0.76
C ARG B 275 13.14 17.35 -0.43
N ALA B 276 13.85 18.44 -0.16
CA ALA B 276 14.52 19.20 -1.19
C ALA B 276 15.64 18.33 -1.81
N TYR B 277 16.42 17.66 -0.97
CA TYR B 277 17.40 16.70 -1.44
C TYR B 277 16.69 15.58 -2.17
N ASN B 278 15.44 15.35 -1.78
CA ASN B 278 14.69 14.21 -2.31
C ASN B 278 14.35 14.42 -3.78
N THR B 279 14.07 15.68 -4.15
CA THR B 279 13.72 16.01 -5.53
C THR B 279 14.99 16.12 -6.36
N VAL B 280 16.09 16.47 -5.71
CA VAL B 280 17.36 16.72 -6.40
C VAL B 280 18.04 15.44 -6.93
N VAL B 281 17.92 14.33 -6.18
CA VAL B 281 18.62 13.08 -6.53
C VAL B 281 18.28 12.58 -7.95
N PRO B 282 19.31 12.49 -8.82
CA PRO B 282 19.18 12.01 -10.20
C PRO B 282 19.47 10.50 -10.31
N ALA B 283 19.02 9.87 -11.40
CA ALA B 283 19.31 8.46 -11.64
C ALA B 283 18.81 7.58 -10.48
N SER B 284 17.89 8.09 -9.67
CA SER B 284 17.34 7.34 -8.55
C SER B 284 16.75 6.00 -9.01
N GLY B 285 17.21 4.87 -8.48
CA GLY B 285 16.66 3.60 -8.92
C GLY B 285 15.73 2.97 -7.90
N LYS B 286 16.29 2.28 -6.91
CA LYS B 286 15.46 1.69 -5.89
C LYS B 286 14.81 2.85 -5.15
N VAL B 287 13.53 2.73 -4.83
CA VAL B 287 12.82 3.83 -4.17
C VAL B 287 12.22 3.39 -2.84
N LEU B 288 12.66 4.04 -1.76
CA LEU B 288 12.17 3.73 -0.41
C LEU B 288 10.66 3.90 -0.27
N THR B 289 10.04 3.12 0.61
CA THR B 289 8.62 3.28 0.87
C THR B 289 8.35 4.60 1.57
N GLY B 290 7.15 5.14 1.38
CA GLY B 290 6.80 6.44 1.95
C GLY B 290 7.08 7.54 0.92
N GLY B 291 7.48 7.15 -0.29
CA GLY B 291 7.74 8.10 -1.36
C GLY B 291 9.11 8.77 -1.23
N VAL B 292 10.08 8.05 -0.67
CA VAL B 292 11.44 8.58 -0.52
C VAL B 292 12.42 7.77 -1.37
N ASP B 293 13.59 8.33 -1.66
CA ASP B 293 14.60 7.60 -2.39
C ASP B 293 15.81 7.32 -1.49
N ALA B 294 16.31 6.09 -1.50
CA ALA B 294 17.43 5.70 -0.63
C ALA B 294 18.59 6.69 -0.72
N ASN B 295 19.08 6.92 -1.92
CA ASN B 295 20.25 7.79 -2.11
C ASN B 295 20.01 9.20 -1.65
N ALA B 296 18.74 9.61 -1.63
CA ALA B 296 18.37 10.99 -1.30
C ALA B 296 18.68 11.34 0.16
N LEU B 297 18.34 10.44 1.08
CA LEU B 297 18.47 10.74 2.51
C LEU B 297 19.92 10.85 2.96
N HIS B 298 20.85 10.33 2.17
CA HIS B 298 22.26 10.37 2.56
C HIS B 298 22.73 11.81 2.77
N ARG B 299 22.34 12.72 1.87
CA ARG B 299 22.83 14.11 1.91
C ARG B 299 22.36 14.84 3.18
N PRO B 300 21.04 14.84 3.44
CA PRO B 300 20.53 15.50 4.67
C PRO B 300 21.10 14.84 5.92
N LYS B 301 21.57 13.61 5.78
CA LYS B 301 22.16 12.92 6.91
C LYS B 301 23.56 13.50 7.18
N ARG B 302 24.29 13.79 6.10
CA ARG B 302 25.64 14.33 6.24
C ARG B 302 25.58 15.76 6.75
N PHE B 303 24.52 16.45 6.37
CA PHE B 303 24.33 17.82 6.76
C PHE B 303 24.09 17.83 8.27
N PHE B 304 23.17 16.99 8.71
CA PHE B 304 22.80 16.93 10.11
C PHE B 304 23.93 16.35 10.97
N GLY B 305 24.55 15.28 10.48
CA GLY B 305 25.59 14.58 11.22
C GLY B 305 26.89 15.37 11.28
N ALA B 306 26.92 16.56 10.70
CA ALA B 306 28.12 17.39 10.73
C ALA B 306 28.38 18.00 12.11
N ALA B 307 27.29 18.34 12.82
CA ALA B 307 27.39 18.90 14.17
C ALA B 307 28.19 17.96 15.08
N ARG B 308 29.03 18.50 15.95
CA ARG B 308 29.83 17.65 16.84
C ARG B 308 30.67 18.52 17.79
N ASN B 309 31.31 17.88 18.76
CA ASN B 309 32.18 18.60 19.68
C ASN B 309 33.64 18.18 19.43
N VAL B 310 34.52 19.16 19.26
CA VAL B 310 35.91 18.86 18.88
C VAL B 310 36.86 18.90 20.07
N GLU B 311 37.86 18.03 20.08
CA GLU B 311 38.90 18.07 21.10
C GLU B 311 39.89 19.20 20.87
N GLU B 312 40.21 19.44 19.61
CA GLU B 312 41.14 20.48 19.24
C GLU B 312 40.59 21.85 19.67
N GLY B 313 39.29 21.96 19.85
CA GLY B 313 38.70 23.24 20.23
C GLY B 313 37.60 23.65 19.26
N GLY B 314 36.67 24.49 19.72
CA GLY B 314 35.54 24.89 18.90
C GLY B 314 34.48 23.79 18.86
N SER B 315 33.42 24.02 18.08
CA SER B 315 32.33 23.03 17.98
C SER B 315 31.27 23.49 17.00
N LEU B 316 30.47 22.55 16.52
CA LEU B 316 29.37 22.86 15.63
C LEU B 316 28.06 22.30 16.21
N THR B 317 27.08 23.17 16.46
CA THR B 317 25.83 22.77 17.08
C THR B 317 24.68 22.95 16.11
N ILE B 318 23.85 21.93 15.92
CA ILE B 318 22.71 22.07 15.02
C ILE B 318 21.38 21.71 15.71
N ILE B 319 20.47 22.67 15.80
CA ILE B 319 19.14 22.44 16.32
C ILE B 319 18.14 22.63 15.22
N ALA B 320 17.43 21.58 14.81
CA ALA B 320 16.52 21.67 13.66
C ALA B 320 15.12 21.18 14.01
N THR B 321 14.10 21.61 13.28
CA THR B 321 12.73 21.20 13.58
C THR B 321 12.24 20.15 12.60
N ALA B 322 11.59 19.10 13.13
CA ALA B 322 11.10 17.99 12.31
C ALA B 322 9.59 17.89 12.36
N LEU B 323 8.98 17.34 11.31
CA LEU B 323 7.53 17.24 11.20
C LEU B 323 7.06 15.80 11.40
N ILE B 324 5.95 15.61 12.14
CA ILE B 324 5.42 14.27 12.34
C ILE B 324 3.91 14.29 12.17
N ASP B 325 3.30 13.11 12.18
CA ASP B 325 1.85 13.01 12.08
C ASP B 325 1.32 13.94 10.98
N THR B 326 1.98 13.95 9.81
CA THR B 326 1.57 14.80 8.70
C THR B 326 0.77 14.03 7.67
N GLY B 327 0.68 12.71 7.86
CA GLY B 327 -0.11 11.87 6.96
C GLY B 327 0.73 11.32 5.80
N SER B 328 2.02 11.66 5.78
CA SER B 328 2.90 11.23 4.68
C SER B 328 4.04 10.39 5.26
N LYS B 329 4.15 9.12 4.83
CA LYS B 329 5.19 8.23 5.35
C LYS B 329 6.56 8.83 5.16
N ASP B 331 7.66 11.84 5.57
CA ASP B 331 7.98 12.70 6.72
C ASP B 331 8.24 11.91 7.99
N GLU B 332 7.52 10.81 8.17
CA GLU B 332 7.74 9.93 9.31
C GLU B 332 9.10 9.24 9.17
N VAL B 333 9.39 8.80 7.94
CA VAL B 333 10.65 8.11 7.64
C VAL B 333 11.84 9.04 7.86
N ILE B 334 11.68 10.30 7.48
CA ILE B 334 12.73 11.30 7.67
C ILE B 334 12.93 11.59 9.14
N TYR B 335 11.81 11.75 9.86
CA TYR B 335 11.82 11.92 11.31
C TYR B 335 12.50 10.71 11.93
N GLU B 336 12.29 9.56 11.29
CA GLU B 336 12.84 8.30 11.77
C GLU B 336 14.34 8.25 11.53
N GLU B 337 14.74 8.71 10.36
CA GLU B 337 16.13 8.62 9.94
C GLU B 337 16.99 9.57 10.76
N PHE B 338 16.44 10.72 11.10
CA PHE B 338 17.17 11.72 11.87
C PHE B 338 17.15 11.37 13.34
N LYS B 339 16.15 10.62 13.76
CA LYS B 339 16.02 10.26 15.16
C LYS B 339 17.19 9.39 15.59
N GLY B 340 17.70 8.59 14.65
CA GLY B 340 18.77 7.64 14.90
C GLY B 340 20.14 8.18 14.52
N THR B 341 20.31 9.49 14.64
CA THR B 341 21.60 10.12 14.35
C THR B 341 21.88 11.32 15.24
N GLY B 342 20.84 11.83 15.93
CA GLY B 342 20.98 12.99 16.79
C GLY B 342 21.03 12.63 18.26
N ASN B 343 21.69 13.45 19.07
CA ASN B 343 21.83 13.16 20.50
C ASN B 343 20.86 14.00 21.38
N GLU B 345 16.35 15.20 21.26
CA GLU B 345 15.09 15.38 20.57
C GLU B 345 14.05 15.93 21.54
N LEU B 346 13.46 17.08 21.21
CA LEU B 346 12.46 17.70 22.06
C LEU B 346 11.10 17.67 21.36
N HIS B 347 10.16 16.86 21.86
CA HIS B 347 8.85 16.75 21.23
C HIS B 347 7.87 17.81 21.74
N LEU B 348 6.88 18.14 20.91
CA LEU B 348 5.80 19.04 21.31
C LEU B 348 4.49 18.29 21.00
N SER B 349 3.34 18.88 21.34
CA SER B 349 2.11 18.15 21.15
C SER B 349 1.02 19.06 20.57
N ARG B 350 0.23 18.50 19.65
CA ARG B 350 -0.91 19.19 19.08
C ARG B 350 -1.99 19.43 20.14
N LYS B 351 -2.14 18.49 21.08
CA LYS B 351 -3.22 18.54 22.07
C LYS B 351 -2.92 19.56 23.16
N ILE B 352 -1.65 19.69 23.53
CA ILE B 352 -1.27 20.67 24.54
C ILE B 352 -1.30 22.05 23.92
N ALA B 353 -1.17 22.10 22.59
CA ALA B 353 -1.13 23.36 21.86
C ALA B 353 -2.55 23.86 21.57
N GLU B 354 -3.51 22.94 21.52
CA GLU B 354 -4.90 23.29 21.24
C GLU B 354 -5.62 23.78 22.50
N LYS B 355 -5.01 23.52 23.66
CA LYS B 355 -5.51 24.06 24.90
C LYS B 355 -4.84 25.42 25.14
N ARG B 356 -4.00 25.83 24.19
CA ARG B 356 -3.28 27.09 24.27
C ARG B 356 -2.29 27.12 25.44
N VAL B 357 -1.89 25.94 25.90
CA VAL B 357 -0.91 25.83 26.97
C VAL B 357 0.51 25.82 26.38
N PHE B 358 1.32 26.82 26.73
CA PHE B 358 2.67 26.94 26.18
C PHE B 358 3.74 27.19 27.25
N PRO B 359 4.94 26.58 27.06
CA PRO B 359 5.25 25.70 25.93
C PRO B 359 4.49 24.37 25.98
N ALA B 360 4.01 23.89 24.84
CA ALA B 360 3.32 22.60 24.80
C ALA B 360 4.32 21.48 24.60
N ILE B 361 5.32 21.41 25.47
CA ILE B 361 6.34 20.38 25.34
C ILE B 361 5.83 19.03 25.85
N ASP B 362 6.31 17.97 25.20
CA ASP B 362 6.01 16.61 25.62
C ASP B 362 7.12 16.19 26.56
N TYR B 363 6.96 16.48 27.86
CA TYR B 363 8.04 16.28 28.81
C TYR B 363 8.50 14.80 28.86
N ASN B 364 7.61 13.87 28.63
CA ASN B 364 7.96 12.46 28.74
C ASN B 364 8.78 11.94 27.57
N ARG B 365 8.55 12.49 26.37
CA ARG B 365 9.26 12.04 25.19
C ARG B 365 10.49 12.91 24.89
N SER B 366 10.69 13.97 25.66
CA SER B 366 11.85 14.84 25.47
C SER B 366 13.05 14.35 26.26
N GLY B 367 14.18 15.03 26.15
CA GLY B 367 15.37 14.64 26.87
C GLY B 367 16.60 14.60 25.97
N THR B 368 17.80 14.70 26.55
CA THR B 368 19.04 14.66 25.78
C THR B 368 19.86 13.42 26.10
N ARG B 369 20.92 13.21 25.33
CA ARG B 369 21.80 12.06 25.53
C ARG B 369 23.04 12.45 26.28
N LYS B 370 23.45 11.62 27.25
CA LYS B 370 24.65 11.92 28.04
C LYS B 370 24.50 13.27 28.74
N GLU B 371 23.31 13.57 29.25
CA GLU B 371 23.07 14.85 29.90
C GLU B 371 23.91 14.99 31.18
N GLU B 372 24.46 13.86 31.67
CA GLU B 372 25.23 13.91 32.90
C GLU B 372 26.45 14.82 32.75
N LEU B 373 26.98 14.92 31.54
CA LEU B 373 28.16 15.73 31.28
C LEU B 373 27.77 17.20 31.12
N LEU B 374 26.47 17.46 31.05
CA LEU B 374 25.97 18.81 30.83
C LEU B 374 25.37 19.39 32.11
N THR B 375 25.45 18.65 33.20
CA THR B 375 24.88 19.14 34.47
C THR B 375 25.75 18.70 35.64
N THR B 376 25.63 19.40 36.77
CA THR B 376 26.28 18.97 38.01
C THR B 376 25.42 17.89 38.65
N GLN B 377 26.04 16.99 39.41
CA GLN B 377 25.29 15.90 40.06
C GLN B 377 24.02 16.45 40.71
N GLU B 378 24.14 17.60 41.36
CA GLU B 378 23.00 18.25 41.99
C GLU B 378 21.91 18.49 40.97
N GLU B 379 22.28 19.19 39.91
CA GLU B 379 21.36 19.55 38.83
C GLU B 379 20.68 18.31 38.23
N LEU B 380 21.47 17.32 37.84
CA LEU B 380 20.94 16.11 37.21
C LEU B 380 20.01 15.36 38.15
N GLN B 381 20.33 15.35 39.44
CA GLN B 381 19.54 14.59 40.41
C GLN B 381 18.17 15.22 40.61
N LYS B 382 18.11 16.53 40.74
CA LYS B 382 16.82 17.21 40.89
C LYS B 382 15.97 17.05 39.60
N TRP B 384 16.21 14.55 37.70
CA TRP B 384 15.86 13.14 37.77
C TRP B 384 14.63 12.95 38.67
N ILE B 385 14.61 13.68 39.80
CA ILE B 385 13.48 13.65 40.69
C ILE B 385 12.25 14.15 39.94
N LEU B 386 12.34 15.36 39.42
CA LEU B 386 11.22 16.00 38.74
C LEU B 386 10.67 15.11 37.62
N ARG B 387 11.57 14.37 36.97
CA ARG B 387 11.17 13.48 35.88
C ARG B 387 10.17 12.44 36.40
N LYS B 388 10.54 11.74 37.45
CA LYS B 388 9.70 10.65 37.98
C LYS B 388 8.37 11.18 38.52
N ILE B 389 8.37 12.40 39.07
CA ILE B 389 7.15 13.00 39.55
C ILE B 389 6.18 13.27 38.40
N ILE B 390 6.72 13.68 37.25
CA ILE B 390 5.91 14.07 36.10
C ILE B 390 5.46 12.85 35.26
N HIS B 391 6.29 11.81 35.22
CA HIS B 391 6.05 10.65 34.34
C HIS B 391 4.60 10.18 34.33
N PRO B 392 3.98 10.03 35.50
CA PRO B 392 2.60 9.49 35.56
C PRO B 392 1.57 10.42 34.93
N GLY B 394 -0.38 13.45 32.54
CA GLY B 394 -0.70 13.47 31.12
C GLY B 394 0.04 14.58 30.41
N GLU B 395 -0.08 14.66 29.09
CA GLU B 395 0.64 15.67 28.31
C GLU B 395 0.29 17.09 28.74
N ILE B 396 -0.99 17.43 28.70
CA ILE B 396 -1.41 18.79 29.07
C ILE B 396 -1.32 18.94 30.58
N ASP B 397 -1.67 17.89 31.31
CA ASP B 397 -1.64 17.93 32.78
C ASP B 397 -0.23 18.26 33.26
N ALA B 398 0.76 17.52 32.76
CA ALA B 398 2.14 17.69 33.18
C ALA B 398 2.64 19.08 32.80
N GLU B 400 0.82 21.97 32.22
CA GLU B 400 0.18 22.97 33.10
C GLU B 400 0.85 22.92 34.46
N PHE B 401 1.00 21.72 34.98
CA PHE B 401 1.68 21.52 36.26
C PHE B 401 3.03 22.24 36.30
N LEU B 402 3.91 21.88 35.36
CA LEU B 402 5.27 22.42 35.32
C LEU B 402 5.29 23.95 35.14
N ILE B 403 4.49 24.43 34.20
CA ILE B 403 4.42 25.86 33.92
C ILE B 403 3.99 26.63 35.17
N ASN B 404 2.92 26.19 35.81
CA ASN B 404 2.35 26.90 36.94
C ASN B 404 3.31 26.90 38.16
N LYS B 405 3.89 25.76 38.48
CA LYS B 405 4.85 25.68 39.56
C LYS B 405 6.16 26.41 39.21
N LEU B 406 6.51 26.43 37.94
CA LEU B 406 7.73 27.10 37.50
C LEU B 406 7.61 28.63 37.62
N ALA B 407 6.41 29.16 37.40
CA ALA B 407 6.20 30.61 37.39
C ALA B 407 6.08 31.15 38.81
N THR B 409 9.36 31.59 40.32
CA THR B 409 10.76 31.92 40.58
C THR B 409 11.68 31.73 39.38
N LYS B 410 12.95 32.04 39.55
CA LYS B 410 13.99 31.65 38.59
C LYS B 410 14.22 30.11 38.70
N THR B 411 14.79 29.47 37.68
CA THR B 411 14.80 28.00 37.63
C THR B 411 15.55 27.39 38.84
N ASN B 412 16.68 27.98 39.21
CA ASN B 412 17.45 27.45 40.33
C ASN B 412 16.61 27.53 41.62
N ASP B 413 15.95 28.66 41.84
CA ASP B 413 15.16 28.84 43.04
C ASP B 413 13.98 27.87 43.05
N ASP B 414 13.48 27.49 41.88
CA ASP B 414 12.45 26.47 41.79
C ASP B 414 13.02 25.18 42.41
N PHE B 415 14.27 24.89 42.09
CA PHE B 415 14.98 23.76 42.69
C PHE B 415 14.92 23.83 44.23
N PHE B 416 15.45 24.89 44.82
CA PHE B 416 15.39 25.09 46.26
C PHE B 416 14.00 24.79 46.80
N GLU B 417 13.05 25.65 46.43
CA GLU B 417 11.67 25.51 46.85
C GLU B 417 11.23 24.04 47.01
N ASN C 5 -18.02 50.55 -27.65
CA ASN C 5 -17.06 49.81 -26.83
C ASN C 5 -17.37 48.32 -26.75
N LEU C 6 -16.37 47.48 -27.04
CA LEU C 6 -16.54 46.02 -27.02
C LEU C 6 -17.38 45.52 -25.87
N THR C 7 -16.90 45.73 -24.63
CA THR C 7 -17.57 45.16 -23.45
C THR C 7 -19.05 45.52 -23.39
N GLU C 8 -19.35 46.81 -23.38
CA GLU C 8 -20.75 47.26 -23.31
C GLU C 8 -21.59 46.52 -24.34
N LEU C 9 -21.16 46.53 -25.59
CA LEU C 9 -21.85 45.80 -26.65
C LEU C 9 -22.00 44.34 -26.23
N LYS C 10 -20.90 43.76 -25.73
CA LYS C 10 -20.84 42.35 -25.34
C LYS C 10 -21.93 42.03 -24.30
N ASN C 11 -22.12 42.95 -23.35
CA ASN C 11 -23.07 42.76 -22.26
C ASN C 11 -24.51 43.08 -22.68
N THR C 12 -24.70 44.22 -23.31
CA THR C 12 -26.03 44.66 -23.74
C THR C 12 -26.74 43.53 -24.48
N PRO C 13 -28.09 43.51 -24.42
CA PRO C 13 -28.89 42.44 -25.04
C PRO C 13 -28.98 42.59 -26.56
N VAL C 14 -29.24 41.48 -27.25
CA VAL C 14 -29.36 41.49 -28.71
C VAL C 14 -30.39 42.53 -29.18
N SER C 15 -31.62 42.44 -28.68
CA SER C 15 -32.72 43.31 -29.08
C SER C 15 -32.29 44.77 -29.32
N GLU C 16 -31.58 45.36 -28.36
CA GLU C 16 -31.25 46.80 -28.43
C GLU C 16 -30.16 47.12 -29.44
N LEU C 17 -29.27 46.16 -29.70
CA LEU C 17 -28.21 46.36 -30.68
C LEU C 17 -28.81 46.42 -32.08
N ILE C 18 -29.88 45.66 -32.28
CA ILE C 18 -30.55 45.60 -33.57
C ILE C 18 -31.05 47.00 -33.94
N THR C 19 -31.44 47.78 -32.93
CA THR C 19 -31.95 49.12 -33.17
C THR C 19 -30.88 50.00 -33.84
N LEU C 20 -29.64 49.92 -33.36
CA LEU C 20 -28.54 50.65 -33.97
C LEU C 20 -28.28 50.11 -35.39
N GLY C 21 -28.25 48.78 -35.52
CA GLY C 21 -28.01 48.13 -36.80
C GLY C 21 -28.88 48.72 -37.91
N GLU C 22 -30.20 48.71 -37.70
CA GLU C 22 -31.14 49.25 -38.69
C GLU C 22 -30.92 50.76 -38.86
N ASN C 23 -30.56 51.45 -37.79
CA ASN C 23 -30.30 52.88 -37.84
C ASN C 23 -28.91 53.17 -38.40
N LEU C 26 -26.18 50.65 -40.16
CA LEU C 26 -25.97 49.75 -41.29
C LEU C 26 -27.31 49.23 -41.79
N GLU C 27 -27.31 48.06 -42.42
CA GLU C 27 -28.53 47.54 -43.03
C GLU C 27 -28.76 46.04 -42.81
N ASN C 28 -29.95 45.69 -42.32
CA ASN C 28 -30.40 44.30 -42.24
C ASN C 28 -29.31 43.32 -41.81
N LEU C 29 -28.74 43.54 -40.63
CA LEU C 29 -27.71 42.67 -40.10
C LEU C 29 -28.24 42.06 -38.81
N ALA C 30 -29.57 42.06 -38.69
CA ALA C 30 -30.23 41.69 -37.44
C ALA C 30 -30.29 40.19 -37.16
N ARG C 31 -30.40 39.37 -38.20
CA ARG C 31 -30.61 37.93 -37.99
C ARG C 31 -29.35 37.23 -37.43
N ARG C 33 -25.82 35.91 -35.62
CA ARG C 33 -25.52 35.77 -34.21
C ARG C 33 -25.00 37.10 -33.64
N LYS C 34 -25.26 37.35 -32.36
CA LYS C 34 -24.83 38.58 -31.70
C LYS C 34 -23.42 38.98 -32.13
N GLN C 35 -22.43 38.12 -31.89
CA GLN C 35 -21.04 38.41 -32.22
C GLN C 35 -20.93 39.12 -33.58
N ASP C 36 -21.48 38.51 -34.62
CA ASP C 36 -21.43 39.10 -35.96
C ASP C 36 -21.89 40.55 -35.93
N ILE C 37 -23.08 40.77 -35.38
CA ILE C 37 -23.64 42.12 -35.29
C ILE C 37 -22.62 43.04 -34.65
N ILE C 38 -22.10 42.64 -33.48
CA ILE C 38 -21.10 43.43 -32.76
C ILE C 38 -19.99 43.83 -33.73
N PHE C 39 -19.30 42.84 -34.29
CA PHE C 39 -18.26 43.10 -35.27
C PHE C 39 -18.72 44.13 -36.28
N ALA C 40 -19.91 43.93 -36.85
CA ALA C 40 -20.45 44.83 -37.86
C ALA C 40 -20.57 46.27 -37.32
N ILE C 41 -21.10 46.40 -36.11
CA ILE C 41 -21.27 47.70 -35.49
C ILE C 41 -19.92 48.38 -35.29
N LEU C 42 -18.91 47.59 -34.92
CA LEU C 42 -17.58 48.14 -34.62
C LEU C 42 -16.89 48.64 -35.89
N LYS C 43 -16.90 47.84 -36.96
CA LYS C 43 -16.21 48.24 -38.19
C LYS C 43 -16.86 49.48 -38.82
N GLN C 44 -18.19 49.55 -38.81
CA GLN C 44 -18.86 50.76 -39.30
C GLN C 44 -18.50 51.93 -38.39
N HIS C 45 -18.50 51.68 -37.09
CA HIS C 45 -18.14 52.70 -36.10
C HIS C 45 -16.68 53.13 -36.29
N ALA C 46 -15.85 52.21 -36.77
CA ALA C 46 -14.45 52.49 -37.01
C ALA C 46 -14.30 53.27 -38.32
N LYS C 47 -15.21 53.02 -39.26
CA LYS C 47 -15.21 53.69 -40.56
C LYS C 47 -15.22 55.22 -40.39
N SER C 48 -16.20 55.71 -39.64
CA SER C 48 -16.34 57.15 -39.37
C SER C 48 -15.07 57.72 -38.70
N GLY C 49 -14.13 56.84 -38.34
CA GLY C 49 -12.90 57.27 -37.69
C GLY C 49 -13.09 57.41 -36.18
N GLU C 50 -14.19 56.85 -35.66
CA GLU C 50 -14.47 56.95 -34.21
C GLU C 50 -13.51 56.10 -33.41
N ASP C 51 -13.29 56.48 -32.16
CA ASP C 51 -12.39 55.76 -31.28
C ASP C 51 -13.09 54.54 -30.70
N ILE C 52 -12.35 53.44 -30.53
CA ILE C 52 -12.93 52.22 -29.96
C ILE C 52 -12.12 51.81 -28.73
N PHE C 53 -12.75 51.09 -27.80
CA PHE C 53 -12.08 50.76 -26.54
C PHE C 53 -12.35 49.32 -26.13
N GLY C 54 -11.33 48.67 -25.59
CA GLY C 54 -11.48 47.32 -25.09
C GLY C 54 -10.86 47.21 -23.70
N ASP C 55 -10.90 46.03 -23.11
CA ASP C 55 -10.34 45.84 -21.78
C ASP C 55 -10.23 44.35 -21.48
N GLY C 56 -9.19 43.96 -20.78
CA GLY C 56 -8.99 42.56 -20.44
C GLY C 56 -7.83 42.39 -19.48
N VAL C 57 -7.49 41.15 -19.17
CA VAL C 57 -6.38 40.88 -18.28
C VAL C 57 -5.22 40.33 -19.10
N LEU C 58 -4.07 40.98 -19.01
CA LEU C 58 -2.91 40.65 -19.81
C LEU C 58 -2.50 39.18 -19.64
N GLU C 59 -2.12 38.54 -20.74
CA GLU C 59 -1.50 37.21 -20.64
C GLU C 59 -0.31 37.12 -21.62
N ILE C 60 0.89 37.27 -21.09
CA ILE C 60 2.09 37.22 -21.91
C ILE C 60 2.40 35.76 -22.29
N LEU C 61 2.54 35.51 -23.59
CA LEU C 61 2.83 34.17 -24.11
C LEU C 61 4.34 33.93 -24.19
N GLN C 62 4.73 32.74 -24.67
CA GLN C 62 6.14 32.38 -24.74
C GLN C 62 6.90 33.26 -25.76
N ASP C 63 6.21 33.70 -26.80
CA ASP C 63 6.86 34.48 -27.84
C ASP C 63 6.98 35.96 -27.48
N GLY C 64 6.64 36.31 -26.24
CA GLY C 64 6.84 37.66 -25.75
C GLY C 64 5.66 38.60 -26.03
N PHE C 65 4.65 38.13 -26.76
CA PHE C 65 3.46 38.96 -27.01
C PHE C 65 2.26 38.38 -26.25
N GLY C 66 1.30 39.22 -25.89
CA GLY C 66 0.21 38.78 -25.04
C GLY C 66 -1.17 39.11 -25.57
N PHE C 67 -2.20 38.66 -24.85
CA PHE C 67 -3.59 38.97 -25.18
C PHE C 67 -4.33 39.50 -23.95
N LEU C 68 -5.50 40.10 -24.16
CA LEU C 68 -6.34 40.59 -23.08
C LEU C 68 -7.61 39.75 -22.98
N ARG C 69 -7.60 38.76 -22.07
CA ARG C 69 -8.71 37.80 -21.96
C ARG C 69 -9.90 38.45 -21.24
N SER C 70 -11.11 37.90 -21.44
CA SER C 70 -12.30 38.43 -20.79
C SER C 70 -12.86 37.45 -19.72
N ALA C 71 -13.57 37.99 -18.74
CA ALA C 71 -14.12 37.18 -17.64
C ALA C 71 -15.20 36.21 -18.16
N ASP C 72 -15.82 36.55 -19.31
CA ASP C 72 -16.86 35.69 -19.88
C ASP C 72 -16.33 34.28 -20.07
N SER C 73 -15.08 34.17 -20.55
CA SER C 73 -14.49 32.87 -20.84
C SER C 73 -13.56 32.41 -19.71
N SER C 74 -13.78 32.93 -18.50
CA SER C 74 -12.92 32.60 -17.37
C SER C 74 -11.46 32.97 -17.63
N TYR C 75 -11.24 33.95 -18.49
CA TYR C 75 -9.90 34.40 -18.83
C TYR C 75 -9.16 33.40 -19.71
N LEU C 76 -9.90 32.50 -20.35
CA LEU C 76 -9.33 31.60 -21.32
C LEU C 76 -9.39 32.25 -22.71
N ALA C 77 -8.71 31.66 -23.68
CA ALA C 77 -8.64 32.22 -25.04
C ALA C 77 -10.04 32.55 -25.58
N GLY C 78 -10.20 33.76 -26.12
CA GLY C 78 -11.48 34.19 -26.64
C GLY C 78 -11.31 34.92 -27.96
N PRO C 79 -12.32 34.86 -28.84
CA PRO C 79 -12.27 35.49 -30.16
C PRO C 79 -12.15 37.01 -30.08
N ASP C 80 -12.63 37.61 -29.00
CA ASP C 80 -12.67 39.06 -28.89
C ASP C 80 -11.49 39.60 -28.11
N ASP C 81 -10.51 38.75 -27.80
CA ASP C 81 -9.34 39.21 -27.05
C ASP C 81 -8.54 40.21 -27.86
N ILE C 82 -7.76 41.05 -27.20
CA ILE C 82 -7.01 42.08 -27.91
C ILE C 82 -5.51 41.78 -27.89
N TYR C 83 -4.89 41.79 -29.07
CA TYR C 83 -3.45 41.55 -29.19
C TYR C 83 -2.66 42.70 -28.55
N VAL C 84 -1.56 42.37 -27.88
CA VAL C 84 -0.72 43.36 -27.25
C VAL C 84 0.72 43.09 -27.64
N SER C 85 1.31 43.95 -28.48
CA SER C 85 2.66 43.72 -29.01
C SER C 85 3.72 43.78 -27.91
N PRO C 86 4.78 42.97 -28.05
CA PRO C 86 5.90 42.93 -27.09
C PRO C 86 6.45 44.32 -26.85
N SER C 87 6.35 45.20 -27.84
CA SER C 87 6.87 46.56 -27.71
C SER C 87 6.16 47.28 -26.56
N GLN C 88 4.83 47.14 -26.51
CA GLN C 88 4.03 47.79 -25.48
C GLN C 88 4.39 47.21 -24.12
N ILE C 89 4.48 45.89 -24.02
CA ILE C 89 4.78 45.23 -22.75
C ILE C 89 6.09 45.74 -22.17
N ARG C 90 7.14 45.77 -22.98
CA ARG C 90 8.45 46.26 -22.53
C ARG C 90 8.36 47.74 -22.23
N ARG C 91 7.48 48.44 -22.94
CA ARG C 91 7.30 49.86 -22.75
C ARG C 91 6.80 50.12 -21.33
N PHE C 92 5.67 49.51 -20.97
CA PHE C 92 5.05 49.74 -19.66
C PHE C 92 5.43 48.66 -18.65
N ASN C 93 6.45 47.86 -18.97
CA ASN C 93 6.89 46.79 -18.06
C ASN C 93 5.73 45.89 -17.63
N LEU C 94 4.73 45.74 -18.51
CA LEU C 94 3.53 44.97 -18.17
C LEU C 94 3.86 43.54 -17.78
N ARG C 95 2.92 42.88 -17.08
CA ARG C 95 3.17 41.52 -16.57
C ARG C 95 1.89 40.74 -16.64
N THR C 96 1.98 39.41 -16.74
CA THR C 96 0.77 38.57 -16.87
C THR C 96 -0.18 38.84 -15.66
N GLY C 97 -1.45 39.10 -15.94
CA GLY C 97 -2.43 39.34 -14.90
C GLY C 97 -2.78 40.82 -14.78
N ASP C 98 -1.98 41.69 -15.41
CA ASP C 98 -2.23 43.13 -15.40
C ASP C 98 -3.53 43.47 -16.10
N THR C 99 -4.32 44.37 -15.52
CA THR C 99 -5.57 44.78 -16.13
C THR C 99 -5.29 45.96 -17.06
N ILE C 100 -5.61 45.83 -18.34
CA ILE C 100 -5.28 46.89 -19.29
C ILE C 100 -6.53 47.46 -19.95
N SER C 101 -6.51 48.77 -20.23
CA SER C 101 -7.62 49.42 -20.93
C SER C 101 -7.03 50.48 -21.86
N GLY C 102 -7.56 50.61 -23.07
CA GLY C 102 -7.03 51.59 -24.01
C GLY C 102 -7.77 51.52 -25.34
N LYS C 103 -7.47 52.43 -26.25
CA LYS C 103 -8.17 52.46 -27.53
C LYS C 103 -7.66 51.35 -28.43
N ILE C 104 -8.57 50.74 -29.20
CA ILE C 104 -8.20 49.66 -30.11
C ILE C 104 -8.70 49.95 -31.52
N ARG C 105 -8.35 49.08 -32.46
CA ARG C 105 -8.81 49.22 -33.84
C ARG C 105 -9.26 47.86 -34.35
N PRO C 106 -10.30 47.83 -35.22
CA PRO C 106 -10.69 46.57 -35.86
C PRO C 106 -9.51 45.94 -36.60
N PRO C 107 -9.43 44.61 -36.64
CA PRO C 107 -8.24 43.93 -37.21
C PRO C 107 -8.09 44.18 -38.71
N LYS C 108 -6.88 44.53 -39.15
CA LYS C 108 -6.60 44.71 -40.58
C LYS C 108 -6.94 43.41 -41.31
N GLU C 109 -6.91 43.44 -42.65
CA GLU C 109 -7.15 42.23 -43.43
C GLU C 109 -6.03 41.21 -43.15
N GLY C 110 -6.39 39.99 -42.75
CA GLY C 110 -5.39 38.99 -42.38
C GLY C 110 -5.15 38.99 -40.88
N GLU C 111 -5.82 39.89 -40.16
CA GLU C 111 -5.71 39.98 -38.70
C GLU C 111 -6.94 39.32 -38.07
N ARG C 112 -6.74 38.28 -37.28
CA ARG C 112 -7.87 37.58 -36.68
C ARG C 112 -8.41 38.29 -35.43
N TYR C 113 -7.55 39.03 -34.73
CA TYR C 113 -7.97 39.67 -33.48
C TYR C 113 -7.74 41.16 -33.45
N PHE C 114 -8.62 41.88 -32.75
CA PHE C 114 -8.49 43.33 -32.57
C PHE C 114 -7.13 43.64 -31.98
N ALA C 115 -6.55 44.80 -32.28
CA ALA C 115 -5.24 45.15 -31.75
C ALA C 115 -5.35 46.38 -30.84
N LEU C 116 -4.43 46.50 -29.89
CA LEU C 116 -4.44 47.64 -28.98
C LEU C 116 -3.66 48.81 -29.62
N LEU C 117 -4.38 49.83 -30.07
CA LEU C 117 -3.74 51.00 -30.68
C LEU C 117 -2.91 51.74 -29.63
N LYS C 118 -3.52 52.04 -28.48
CA LYS C 118 -2.84 52.81 -27.45
C LYS C 118 -3.23 52.32 -26.06
N VAL C 119 -2.28 52.31 -25.12
CA VAL C 119 -2.57 51.91 -23.75
C VAL C 119 -3.00 53.12 -22.94
N ASN C 120 -4.14 53.02 -22.26
CA ASN C 120 -4.64 54.14 -21.45
C ASN C 120 -4.47 53.93 -19.94
N GLU C 121 -4.85 52.76 -19.45
CA GLU C 121 -4.91 52.55 -18.01
C GLU C 121 -4.54 51.13 -17.62
N VAL C 122 -3.52 50.97 -16.78
CA VAL C 122 -3.16 49.66 -16.25
C VAL C 122 -3.56 49.57 -14.76
N ASN C 123 -4.36 48.55 -14.41
CA ASN C 123 -4.82 48.36 -13.04
C ASN C 123 -5.54 49.61 -12.53
N PHE C 124 -6.28 50.25 -13.43
CA PHE C 124 -7.12 51.41 -13.08
C PHE C 124 -6.32 52.69 -12.89
N ASP C 125 -5.02 52.67 -13.20
CA ASP C 125 -4.19 53.87 -13.04
C ASP C 125 -3.36 54.19 -14.28
N LYS C 126 -2.73 55.37 -14.29
CA LYS C 126 -1.86 55.75 -15.40
C LYS C 126 -0.68 54.80 -15.55
N PRO C 127 -0.18 54.61 -16.79
CA PRO C 127 0.88 53.64 -17.08
C PRO C 127 2.28 54.06 -16.63
N GLU C 128 2.46 55.28 -16.14
CA GLU C 128 3.80 55.76 -15.80
C GLU C 128 4.36 55.07 -14.55
N ASN C 129 3.52 54.85 -13.55
CA ASN C 129 4.00 54.27 -12.28
C ASN C 129 4.54 52.84 -12.44
N ALA C 130 4.00 52.07 -13.39
CA ALA C 130 4.41 50.68 -13.57
C ALA C 130 5.91 50.56 -13.82
N ARG C 131 6.48 51.48 -14.58
CA ARG C 131 7.91 51.42 -14.91
C ARG C 131 8.76 51.48 -13.64
N ASN C 132 8.33 52.29 -12.67
CA ASN C 132 9.06 52.39 -11.40
C ASN C 132 8.20 52.00 -10.20
N LYS C 133 8.37 50.76 -9.73
CA LYS C 133 7.56 50.22 -8.63
C LYS C 133 8.19 48.93 -8.13
N ILE C 134 8.08 48.67 -6.83
CA ILE C 134 8.63 47.43 -6.26
C ILE C 134 7.80 46.22 -6.76
N LEU C 135 8.49 45.11 -7.07
CA LEU C 135 7.81 43.93 -7.59
C LEU C 135 7.16 43.13 -6.47
N PHE C 136 6.09 42.42 -6.80
CA PHE C 136 5.33 41.67 -5.82
C PHE C 136 6.22 40.68 -5.05
N GLU C 137 7.21 40.11 -5.73
CA GLU C 137 8.06 39.09 -5.13
C GLU C 137 9.09 39.72 -4.22
N ASN C 138 9.37 41.00 -4.41
CA ASN C 138 10.35 41.71 -3.60
C ASN C 138 9.69 42.46 -2.43
N LEU C 139 8.36 42.52 -2.43
CA LEU C 139 7.63 43.12 -1.32
C LEU C 139 7.98 42.38 -0.03
N THR C 140 8.27 43.11 1.06
CA THR C 140 8.62 42.45 2.33
C THR C 140 7.35 41.94 3.04
N PRO C 141 7.29 40.63 3.32
CA PRO C 141 6.07 40.04 3.92
C PRO C 141 6.06 40.18 5.45
N LEU C 142 4.88 40.29 6.05
CA LEU C 142 4.77 40.35 7.51
C LEU C 142 3.55 39.52 7.92
N HIS C 143 3.25 39.51 9.22
CA HIS C 143 2.05 38.83 9.71
C HIS C 143 0.89 39.81 9.66
N ALA C 144 -0.33 39.30 9.60
CA ALA C 144 -1.52 40.16 9.59
C ALA C 144 -1.48 41.24 10.70
N ASN C 145 -1.54 42.51 10.30
CA ASN C 145 -1.55 43.62 11.25
C ASN C 145 -2.90 44.34 11.30
N SER C 146 -3.73 44.13 10.29
CA SER C 146 -5.01 44.79 10.18
C SER C 146 -6.13 43.75 10.22
N ARG C 147 -7.02 43.85 11.21
CA ARG C 147 -8.03 42.82 11.38
C ARG C 147 -9.32 43.19 10.66
N LEU C 148 -10.14 42.18 10.31
CA LEU C 148 -11.39 42.43 9.60
C LEU C 148 -12.55 41.80 10.37
N ARG C 149 -13.22 42.58 11.21
CA ARG C 149 -14.35 42.08 11.98
C ARG C 149 -15.36 41.43 11.04
N GLU C 151 -18.70 40.06 12.37
CA GLU C 151 -20.08 40.14 12.86
C GLU C 151 -20.75 41.41 12.32
N ARG C 152 -22.03 41.58 12.62
CA ARG C 152 -22.78 42.77 12.22
C ARG C 152 -23.93 42.95 13.20
N GLY C 153 -24.05 44.15 13.78
CA GLY C 153 -25.09 44.41 14.75
C GLY C 153 -26.50 44.19 14.20
N ASN C 154 -26.61 43.73 12.95
CA ASN C 154 -27.91 43.41 12.35
C ASN C 154 -28.73 42.41 13.18
N GLY C 155 -28.11 41.80 14.18
CA GLY C 155 -28.79 40.82 15.01
C GLY C 155 -29.42 39.72 14.15
N SER C 156 -28.64 39.23 13.18
CA SER C 156 -29.16 38.23 12.23
C SER C 156 -29.12 36.84 12.84
N THR C 157 -29.59 35.85 12.09
CA THR C 157 -29.44 34.46 12.48
C THR C 157 -28.17 33.90 11.83
N GLU C 158 -27.67 34.61 10.81
CA GLU C 158 -26.45 34.21 10.11
C GLU C 158 -25.25 34.88 10.77
N ASP C 159 -25.49 36.03 11.40
CA ASP C 159 -24.43 36.75 12.07
C ASP C 159 -23.81 35.88 13.16
N LEU C 160 -24.52 34.83 13.59
CA LEU C 160 -23.95 33.84 14.50
C LEU C 160 -22.68 33.25 13.92
N THR C 161 -22.77 32.79 12.67
CA THR C 161 -21.61 32.19 11.98
C THR C 161 -20.39 33.10 12.02
N ALA C 162 -20.48 34.28 11.39
CA ALA C 162 -19.36 35.21 11.35
C ALA C 162 -18.88 35.53 12.77
N ARG C 163 -19.80 35.53 13.72
CA ARG C 163 -19.48 35.85 15.11
C ARG C 163 -18.58 34.79 15.74
N VAL C 164 -19.01 33.53 15.62
CA VAL C 164 -18.21 32.41 16.11
C VAL C 164 -16.85 32.38 15.40
N LEU C 165 -16.83 32.82 14.13
CA LEU C 165 -15.57 32.93 13.37
C LEU C 165 -14.63 33.92 14.05
N ASP C 166 -15.13 35.11 14.35
CA ASP C 166 -14.33 36.13 15.00
C ASP C 166 -13.78 35.65 16.34
N LEU C 167 -14.50 34.72 16.99
CA LEU C 167 -14.11 34.26 18.32
C LEU C 167 -13.17 33.05 18.25
N ALA C 168 -13.41 32.17 17.30
CA ALA C 168 -12.59 30.98 17.12
C ALA C 168 -11.30 31.30 16.32
N SER C 169 -11.48 31.85 15.11
CA SER C 169 -10.33 32.16 14.24
C SER C 169 -10.49 33.52 13.58
N PRO C 170 -9.83 34.55 14.12
CA PRO C 170 -9.88 35.92 13.55
C PRO C 170 -9.28 36.01 12.15
N ILE C 171 -9.67 37.01 11.37
CA ILE C 171 -9.09 37.22 10.04
C ILE C 171 -8.40 38.56 9.96
N GLY C 172 -7.18 38.59 9.45
CA GLY C 172 -6.46 39.83 9.24
C GLY C 172 -6.15 40.04 7.75
N ARG C 173 -5.39 41.07 7.42
CA ARG C 173 -5.05 41.33 6.04
C ARG C 173 -3.76 40.60 5.70
N GLY C 174 -3.83 39.71 4.71
CA GLY C 174 -2.71 38.86 4.36
C GLY C 174 -2.89 37.49 5.00
N GLN C 175 -4.14 37.18 5.35
CA GLN C 175 -4.44 35.97 6.12
C GLN C 175 -4.42 34.73 5.23
N ARG C 176 -3.40 33.88 5.40
CA ARG C 176 -3.28 32.67 4.61
C ARG C 176 -4.18 31.56 5.19
N GLY C 177 -5.48 31.80 5.23
CA GLY C 177 -6.38 30.94 5.98
C GLY C 177 -6.90 29.73 5.22
N LEU C 178 -7.49 28.79 5.95
CA LEU C 178 -8.01 27.55 5.37
C LEU C 178 -9.15 27.02 6.23
N ILE C 179 -10.30 26.67 5.63
CA ILE C 179 -11.42 26.12 6.40
C ILE C 179 -11.60 24.64 6.09
N VAL C 180 -11.32 23.77 7.06
CA VAL C 180 -11.30 22.33 6.81
C VAL C 180 -12.63 21.70 7.26
N ALA C 181 -13.10 20.69 6.52
CA ALA C 181 -14.34 20.04 6.84
C ALA C 181 -14.63 18.85 5.94
N PRO C 182 -15.37 17.86 6.47
CA PRO C 182 -15.85 16.75 5.63
C PRO C 182 -17.00 17.21 4.73
N PRO C 183 -17.38 16.40 3.76
CA PRO C 183 -18.50 16.78 2.89
C PRO C 183 -19.78 17.02 3.64
N LYS C 184 -20.43 18.14 3.38
CA LYS C 184 -21.75 18.45 3.95
C LYS C 184 -21.66 18.81 5.45
N ALA C 185 -20.73 19.68 5.80
CA ALA C 185 -20.53 20.07 7.18
C ALA C 185 -20.58 21.59 7.35
N GLY C 186 -21.11 22.28 6.34
CA GLY C 186 -21.20 23.73 6.35
C GLY C 186 -19.96 24.41 5.83
N LYS C 187 -19.20 23.70 4.99
CA LYS C 187 -17.93 24.20 4.45
C LYS C 187 -18.14 25.30 3.40
N THR C 188 -18.85 24.97 2.33
CA THR C 188 -19.06 25.92 1.23
C THR C 188 -19.96 27.08 1.65
N LEU C 190 -20.41 28.33 4.73
CA LEU C 190 -19.65 29.25 5.54
C LEU C 190 -18.93 30.25 4.64
N LEU C 191 -18.33 29.74 3.55
CA LEU C 191 -17.58 30.58 2.60
C LEU C 191 -18.47 31.70 2.04
N GLN C 192 -19.69 31.36 1.60
CA GLN C 192 -20.67 32.38 1.18
C GLN C 192 -20.83 33.42 2.26
N ASN C 193 -21.04 32.94 3.49
CA ASN C 193 -21.23 33.82 4.62
C ASN C 193 -20.09 34.84 4.71
N ILE C 194 -18.86 34.34 4.65
CA ILE C 194 -17.69 35.19 4.75
C ILE C 194 -17.70 36.22 3.63
N ALA C 195 -18.08 35.78 2.44
CA ALA C 195 -18.14 36.66 1.27
C ALA C 195 -19.07 37.86 1.55
N GLN C 196 -20.30 37.59 1.94
CA GLN C 196 -21.26 38.67 2.22
C GLN C 196 -20.79 39.56 3.37
N SER C 197 -20.40 38.93 4.47
CA SER C 197 -19.90 39.66 5.63
C SER C 197 -18.77 40.62 5.21
N ILE C 198 -18.01 40.23 4.19
CA ILE C 198 -16.90 41.06 3.73
C ILE C 198 -17.42 42.17 2.81
N ALA C 199 -18.42 41.86 2.00
CA ALA C 199 -18.98 42.83 1.06
C ALA C 199 -19.87 43.81 1.80
N TYR C 200 -19.67 43.92 3.11
CA TYR C 200 -20.46 44.82 3.94
C TYR C 200 -19.52 45.57 4.87
N ASN C 201 -18.44 44.91 5.26
CA ASN C 201 -17.48 45.49 6.21
C ASN C 201 -16.24 46.07 5.54
N HIS C 202 -15.96 45.62 4.33
CA HIS C 202 -14.77 46.07 3.60
C HIS C 202 -15.05 46.14 2.11
N PRO C 203 -15.91 47.09 1.68
CA PRO C 203 -16.17 47.32 0.25
C PRO C 203 -14.93 47.85 -0.45
N ASP C 204 -13.96 48.38 0.31
CA ASP C 204 -12.72 48.87 -0.27
C ASP C 204 -11.78 47.71 -0.67
N CYS C 205 -12.13 46.49 -0.28
CA CYS C 205 -11.36 45.31 -0.63
C CYS C 205 -11.87 44.70 -1.91
N VAL C 206 -10.96 44.28 -2.78
CA VAL C 206 -11.33 43.65 -4.05
C VAL C 206 -11.64 42.19 -3.80
N LEU C 207 -12.90 41.79 -3.95
CA LEU C 207 -13.30 40.44 -3.60
C LEU C 207 -13.39 39.55 -4.85
N VAL C 209 -13.85 35.64 -6.19
CA VAL C 209 -14.33 34.35 -5.71
C VAL C 209 -14.06 33.26 -6.74
N LEU C 210 -13.11 32.38 -6.46
CA LEU C 210 -12.70 31.35 -7.39
C LEU C 210 -13.27 30.01 -6.92
N LEU C 211 -14.15 29.41 -7.71
CA LEU C 211 -14.76 28.15 -7.30
C LEU C 211 -14.21 27.07 -8.19
N ILE C 212 -13.16 26.39 -7.74
CA ILE C 212 -12.57 25.41 -8.59
C ILE C 212 -13.26 24.10 -8.43
N ASP C 213 -13.81 23.62 -9.52
CA ASP C 213 -14.42 22.32 -9.54
C ASP C 213 -15.53 22.12 -8.51
N GLU C 214 -16.13 23.17 -7.98
CA GLU C 214 -17.27 22.89 -7.11
C GLU C 214 -18.59 23.02 -7.86
N ARG C 215 -19.67 22.61 -7.21
CA ARG C 215 -20.96 22.42 -7.88
C ARG C 215 -21.34 23.58 -8.80
N PRO C 216 -21.99 23.26 -9.91
CA PRO C 216 -22.51 24.20 -10.94
C PRO C 216 -23.52 25.20 -10.36
N GLU C 217 -24.58 24.71 -9.70
CA GLU C 217 -25.58 25.61 -9.11
C GLU C 217 -24.94 26.54 -8.10
N GLU C 218 -23.98 26.02 -7.34
CA GLU C 218 -23.28 26.83 -6.37
C GLU C 218 -22.69 28.03 -7.04
N VAL C 219 -22.21 27.83 -8.27
CA VAL C 219 -21.62 28.94 -9.02
C VAL C 219 -22.66 30.01 -9.28
N THR C 220 -23.77 29.63 -9.90
CA THR C 220 -24.80 30.60 -10.26
C THR C 220 -25.43 31.25 -9.02
N GLU C 221 -25.54 30.50 -7.92
CA GLU C 221 -26.11 31.06 -6.69
C GLU C 221 -25.11 32.08 -6.08
N GLN C 223 -22.99 33.51 -7.62
CA GLN C 223 -22.92 34.56 -8.64
C GLN C 223 -23.87 35.70 -8.29
N ARG C 224 -25.12 35.35 -8.04
CA ARG C 224 -26.15 36.34 -7.75
C ARG C 224 -26.10 36.85 -6.31
N LEU C 225 -25.47 36.09 -5.42
CA LEU C 225 -25.43 36.49 -4.01
C LEU C 225 -24.22 37.33 -3.66
N VAL C 226 -23.15 37.20 -4.44
CA VAL C 226 -21.88 37.87 -4.12
C VAL C 226 -21.71 39.18 -4.88
N LYS C 227 -21.22 40.21 -4.19
CA LYS C 227 -20.99 41.50 -4.82
C LYS C 227 -19.51 41.65 -5.14
N GLY C 228 -19.10 41.16 -6.30
CA GLY C 228 -17.71 41.27 -6.72
C GLY C 228 -17.47 40.49 -7.99
N GLU C 229 -16.32 39.84 -8.08
CA GLU C 229 -15.98 39.10 -9.28
C GLU C 229 -15.95 37.60 -9.06
N VAL C 230 -16.87 36.86 -9.67
CA VAL C 230 -16.97 35.42 -9.43
C VAL C 230 -16.45 34.63 -10.63
N VAL C 231 -15.20 34.19 -10.57
CA VAL C 231 -14.64 33.34 -11.60
C VAL C 231 -14.73 31.89 -11.18
N ALA C 232 -15.28 31.03 -12.03
CA ALA C 232 -15.47 29.64 -11.62
C ALA C 232 -15.13 28.64 -12.73
N SER C 233 -15.11 27.36 -12.38
CA SER C 233 -14.84 26.32 -13.34
C SER C 233 -15.41 25.00 -12.77
N THR C 234 -16.68 24.71 -13.09
CA THR C 234 -17.34 23.54 -12.54
C THR C 234 -16.59 22.24 -12.76
N PHE C 235 -17.08 21.14 -12.19
CA PHE C 235 -16.43 19.85 -12.33
C PHE C 235 -16.68 19.24 -13.71
N ASP C 236 -17.36 19.98 -14.58
CA ASP C 236 -17.53 19.55 -15.97
C ASP C 236 -16.21 19.74 -16.71
N GLU C 237 -15.39 20.67 -16.23
CA GLU C 237 -14.16 21.05 -16.90
C GLU C 237 -13.06 20.08 -16.52
N PRO C 238 -12.03 19.95 -17.39
CA PRO C 238 -10.85 19.11 -17.07
C PRO C 238 -9.93 19.85 -16.10
N ALA C 239 -9.06 19.12 -15.43
CA ALA C 239 -8.05 19.73 -14.58
C ALA C 239 -7.21 20.79 -15.34
N SER C 240 -7.13 20.67 -16.66
CA SER C 240 -6.39 21.62 -17.49
C SER C 240 -6.97 23.03 -17.33
N ARG C 241 -8.28 23.13 -17.49
CA ARG C 241 -8.97 24.40 -17.37
C ARG C 241 -8.85 24.95 -15.95
N HIS C 242 -9.07 24.09 -14.96
CA HIS C 242 -9.00 24.50 -13.55
C HIS C 242 -7.68 25.17 -13.24
N VAL C 243 -6.59 24.54 -13.63
CA VAL C 243 -5.25 25.12 -13.38
C VAL C 243 -5.09 26.46 -14.14
N GLN C 244 -5.42 26.48 -15.42
CA GLN C 244 -5.26 27.69 -16.21
C GLN C 244 -6.00 28.89 -15.59
N VAL C 245 -7.28 28.70 -15.27
CA VAL C 245 -8.12 29.77 -14.71
C VAL C 245 -7.61 30.22 -13.33
N ALA C 246 -7.27 29.26 -12.47
CA ALA C 246 -6.74 29.57 -11.16
C ALA C 246 -5.44 30.37 -11.27
N GLU C 247 -4.59 30.00 -12.21
CA GLU C 247 -3.31 30.67 -12.41
C GLU C 247 -3.53 32.10 -12.89
N VAL C 249 -6.11 33.92 -12.22
CA VAL C 249 -6.72 34.67 -11.11
C VAL C 249 -5.68 35.04 -10.04
N ILE C 250 -4.84 34.09 -9.65
CA ILE C 250 -3.83 34.36 -8.64
C ILE C 250 -2.90 35.46 -9.15
N GLU C 251 -2.54 35.43 -10.42
CA GLU C 251 -1.65 36.45 -11.02
C GLU C 251 -2.32 37.80 -10.98
N LYS C 252 -3.59 37.84 -11.35
CA LYS C 252 -4.36 39.09 -11.31
C LYS C 252 -4.28 39.69 -9.91
N ALA C 253 -4.38 38.83 -8.89
CA ALA C 253 -4.34 39.29 -7.50
C ALA C 253 -2.96 39.88 -7.19
N LYS C 254 -1.91 39.08 -7.37
CA LYS C 254 -0.56 39.51 -7.04
C LYS C 254 -0.21 40.79 -7.78
N ARG C 255 -0.89 41.02 -8.88
CA ARG C 255 -0.58 42.16 -9.74
C ARG C 255 -1.21 43.44 -9.16
N LEU C 256 -2.44 43.31 -8.66
CA LEU C 256 -3.13 44.45 -8.04
C LEU C 256 -2.51 44.77 -6.68
N VAL C 257 -2.10 43.75 -5.93
CA VAL C 257 -1.44 43.96 -4.64
C VAL C 257 -0.17 44.77 -4.83
N GLU C 258 0.37 44.72 -6.04
CA GLU C 258 1.57 45.47 -6.38
C GLU C 258 1.28 46.96 -6.27
N HIS C 259 0.02 47.31 -6.51
CA HIS C 259 -0.42 48.69 -6.40
C HIS C 259 -0.95 48.99 -4.99
N LYS C 260 -0.32 48.39 -3.98
CA LYS C 260 -0.75 48.59 -2.59
C LYS C 260 -2.26 48.45 -2.43
N LYS C 261 -2.87 47.44 -3.06
CA LYS C 261 -4.30 47.23 -2.94
C LYS C 261 -4.61 46.02 -2.05
N ASP C 262 -5.84 45.95 -1.54
CA ASP C 262 -6.22 44.84 -0.65
C ASP C 262 -7.12 43.84 -1.36
N VAL C 263 -6.58 42.66 -1.65
CA VAL C 263 -7.34 41.62 -2.34
C VAL C 263 -7.77 40.52 -1.37
N ILE C 264 -8.96 39.96 -1.57
CA ILE C 264 -9.44 38.87 -0.76
C ILE C 264 -9.98 37.77 -1.66
N ILE C 265 -9.28 36.65 -1.77
CA ILE C 265 -9.73 35.54 -2.58
C ILE C 265 -10.47 34.49 -1.72
N LEU C 266 -11.70 34.15 -2.10
CA LEU C 266 -12.42 33.08 -1.44
C LEU C 266 -12.48 31.87 -2.35
N LEU C 267 -11.57 30.92 -2.15
CA LEU C 267 -11.51 29.77 -3.05
C LEU C 267 -12.28 28.58 -2.49
N ASP C 268 -13.18 28.04 -3.28
CA ASP C 268 -13.90 26.85 -2.88
C ASP C 268 -13.20 25.67 -3.51
N SER C 269 -12.98 24.62 -2.75
CA SER C 269 -12.30 23.47 -3.28
C SER C 269 -10.82 23.59 -3.53
N ILE C 270 -10.08 24.18 -2.61
CA ILE C 270 -8.66 24.30 -2.80
C ILE C 270 -7.96 22.94 -2.93
N THR C 271 -8.51 21.90 -2.31
CA THR C 271 -7.92 20.56 -2.42
C THR C 271 -8.16 20.00 -3.82
N ARG C 272 -9.30 20.36 -4.41
CA ARG C 272 -9.61 19.97 -5.78
C ARG C 272 -8.60 20.62 -6.75
N LEU C 273 -8.14 21.82 -6.41
CA LEU C 273 -7.15 22.50 -7.18
C LEU C 273 -5.84 21.74 -7.08
N ALA C 274 -5.51 21.29 -5.87
CA ALA C 274 -4.30 20.48 -5.66
C ALA C 274 -4.40 19.22 -6.52
N ARG C 275 -5.63 18.70 -6.63
CA ARG C 275 -5.89 17.49 -7.42
C ARG C 275 -5.65 17.75 -8.90
N ALA C 276 -6.15 18.89 -9.37
CA ALA C 276 -6.00 19.29 -10.77
C ALA C 276 -4.51 19.41 -11.09
N TYR C 277 -3.73 19.92 -10.14
CA TYR C 277 -2.30 20.04 -10.32
C TYR C 277 -1.66 18.66 -10.36
N ASN C 278 -2.04 17.80 -9.45
CA ASN C 278 -1.50 16.45 -9.40
C ASN C 278 -1.65 15.76 -10.77
N THR C 279 -2.88 15.71 -11.28
CA THR C 279 -3.16 15.07 -12.55
C THR C 279 -2.34 15.75 -13.67
N VAL C 280 -2.10 17.05 -13.53
CA VAL C 280 -1.43 17.83 -14.56
C VAL C 280 0.09 17.53 -14.64
N VAL C 281 0.69 17.14 -13.51
CA VAL C 281 2.15 16.97 -13.43
C VAL C 281 2.65 15.83 -14.31
N PRO C 282 3.68 16.08 -15.11
CA PRO C 282 4.13 15.10 -16.11
C PRO C 282 4.68 13.74 -15.63
N ALA C 283 5.57 13.71 -14.64
CA ALA C 283 6.09 12.41 -14.18
C ALA C 283 6.32 12.34 -12.68
N SER C 284 7.35 13.04 -12.22
CA SER C 284 7.68 13.13 -10.80
C SER C 284 8.32 11.90 -10.13
N GLY C 285 8.84 10.96 -10.91
CA GLY C 285 9.45 9.80 -10.33
C GLY C 285 8.53 9.10 -9.39
N LYS C 286 8.99 8.99 -8.15
CA LYS C 286 8.24 8.37 -7.08
C LYS C 286 6.97 9.16 -6.81
N VAL C 287 5.92 8.44 -6.42
CA VAL C 287 4.65 9.06 -6.08
C VAL C 287 4.45 9.07 -4.57
N LEU C 288 4.25 10.25 -3.98
CA LEU C 288 3.93 10.36 -2.55
C LEU C 288 2.85 9.37 -2.14
N THR C 289 2.84 8.99 -0.86
CA THR C 289 1.79 8.14 -0.32
C THR C 289 0.44 8.82 -0.43
N GLY C 290 -0.61 8.06 -0.74
CA GLY C 290 -1.95 8.60 -0.84
C GLY C 290 -2.32 8.90 -2.29
N GLY C 291 -1.41 8.64 -3.22
CA GLY C 291 -1.70 8.83 -4.64
C GLY C 291 -1.39 10.25 -5.08
N VAL C 292 -0.56 10.96 -4.31
CA VAL C 292 -0.15 12.32 -4.70
C VAL C 292 1.27 12.31 -5.29
N ASP C 293 1.53 13.15 -6.28
CA ASP C 293 2.86 13.23 -6.86
C ASP C 293 3.76 14.05 -5.93
N ALA C 294 5.07 13.80 -5.95
CA ALA C 294 5.98 14.48 -5.03
C ALA C 294 6.20 15.93 -5.44
N ASN C 295 6.04 16.22 -6.73
CA ASN C 295 6.26 17.58 -7.24
C ASN C 295 4.94 18.24 -7.62
N ALA C 296 3.83 17.58 -7.27
CA ALA C 296 2.51 18.05 -7.68
C ALA C 296 1.96 19.08 -6.71
N LEU C 297 2.43 19.05 -5.46
CA LEU C 297 1.94 19.98 -4.46
C LEU C 297 2.73 21.27 -4.43
N HIS C 298 3.94 21.26 -4.98
CA HIS C 298 4.78 22.47 -5.02
C HIS C 298 3.98 23.62 -5.63
N ARG C 299 3.29 23.37 -6.74
CA ARG C 299 2.52 24.43 -7.41
C ARG C 299 1.41 25.00 -6.53
N PRO C 300 0.57 24.12 -5.94
CA PRO C 300 -0.49 24.56 -5.02
C PRO C 300 0.05 25.24 -3.75
N LYS C 301 1.21 24.84 -3.26
CA LYS C 301 1.77 25.47 -2.08
C LYS C 301 2.20 26.89 -2.42
N ARG C 302 2.92 27.02 -3.52
CA ARG C 302 3.37 28.31 -3.99
C ARG C 302 2.15 29.21 -4.27
N PHE C 303 1.04 28.57 -4.61
CA PHE C 303 -0.19 29.28 -4.94
C PHE C 303 -0.88 29.76 -3.67
N PHE C 304 -0.99 28.87 -2.70
CA PHE C 304 -1.66 29.17 -1.43
C PHE C 304 -0.78 30.10 -0.59
N GLY C 305 0.53 29.88 -0.63
CA GLY C 305 1.49 30.68 0.11
C GLY C 305 1.63 32.07 -0.47
N ALA C 306 0.81 32.40 -1.45
CA ALA C 306 0.87 33.69 -2.12
C ALA C 306 0.28 34.80 -1.27
N ALA C 307 -0.85 34.52 -0.61
CA ALA C 307 -1.48 35.49 0.29
C ALA C 307 -0.47 35.97 1.34
N ARG C 308 -0.36 37.26 1.56
CA ARG C 308 0.62 37.75 2.52
C ARG C 308 0.36 39.21 2.90
N ASN C 309 1.17 39.74 3.81
CA ASN C 309 1.02 41.10 4.27
C ASN C 309 2.25 41.89 3.83
N VAL C 310 2.05 42.99 3.13
CA VAL C 310 3.19 43.75 2.63
C VAL C 310 3.46 44.93 3.56
N GLU C 311 4.73 45.19 3.85
CA GLU C 311 5.11 46.28 4.73
C GLU C 311 5.10 47.60 3.98
N GLU C 312 4.64 47.57 2.73
CA GLU C 312 4.78 48.71 1.84
C GLU C 312 3.42 49.11 1.30
N GLY C 313 2.39 48.38 1.66
CA GLY C 313 1.04 48.71 1.23
C GLY C 313 0.37 47.58 0.47
N GLY C 314 -0.95 47.45 0.61
CA GLY C 314 -1.69 46.40 -0.06
C GLY C 314 -1.61 45.08 0.71
N SER C 315 -2.40 44.09 0.28
CA SER C 315 -2.35 42.78 0.91
C SER C 315 -3.10 41.76 0.04
N LEU C 316 -2.71 40.50 0.14
CA LEU C 316 -3.43 39.43 -0.54
C LEU C 316 -3.92 38.47 0.55
N THR C 317 -5.22 38.17 0.55
CA THR C 317 -5.79 37.34 1.58
C THR C 317 -6.57 36.19 0.96
N ILE C 318 -6.16 34.97 1.22
CA ILE C 318 -6.84 33.81 0.66
C ILE C 318 -7.48 32.93 1.77
N ILE C 319 -8.76 32.67 1.65
CA ILE C 319 -9.44 31.75 2.51
C ILE C 319 -10.03 30.66 1.65
N ALA C 320 -9.63 29.42 1.86
CA ALA C 320 -10.07 28.32 0.97
C ALA C 320 -10.71 27.19 1.78
N THR C 321 -11.40 26.26 1.12
CA THR C 321 -12.02 25.15 1.81
C THR C 321 -11.29 23.83 1.56
N ALA C 322 -11.01 23.08 2.61
CA ALA C 322 -10.27 21.82 2.49
C ALA C 322 -11.18 20.63 2.89
N LEU C 323 -11.09 19.52 2.16
CA LEU C 323 -11.85 18.33 2.43
C LEU C 323 -11.01 17.34 3.21
N ILE C 324 -11.59 16.71 4.25
CA ILE C 324 -10.90 15.67 5.01
C ILE C 324 -11.87 14.55 5.36
N ASP C 325 -11.37 13.53 6.01
CA ASP C 325 -12.22 12.41 6.42
C ASP C 325 -13.02 11.94 5.22
N THR C 326 -12.36 11.78 4.08
CA THR C 326 -13.03 11.37 2.85
C THR C 326 -12.74 9.92 2.53
N GLY C 327 -12.03 9.23 3.43
CA GLY C 327 -11.70 7.83 3.21
C GLY C 327 -10.57 7.68 2.20
N SER C 328 -9.93 8.78 1.84
CA SER C 328 -8.85 8.76 0.86
C SER C 328 -7.63 9.49 1.43
N LYS C 329 -6.47 8.83 1.42
CA LYS C 329 -5.27 9.40 2.02
C LYS C 329 -4.83 10.68 1.33
N ASP C 331 -6.36 13.18 0.27
CA ASP C 331 -6.98 14.41 0.81
C ASP C 331 -6.39 14.76 2.15
N GLU C 332 -6.15 13.75 2.98
CA GLU C 332 -5.63 13.98 4.32
C GLU C 332 -4.24 14.60 4.17
N VAL C 333 -3.44 14.00 3.30
CA VAL C 333 -2.09 14.49 3.05
C VAL C 333 -2.16 15.97 2.65
N ILE C 334 -3.00 16.28 1.67
CA ILE C 334 -3.11 17.65 1.16
C ILE C 334 -3.47 18.60 2.28
N TYR C 335 -4.42 18.21 3.11
CA TYR C 335 -4.86 19.05 4.22
C TYR C 335 -3.67 19.44 5.10
N GLU C 336 -2.88 18.45 5.50
CA GLU C 336 -1.74 18.71 6.39
C GLU C 336 -0.65 19.51 5.70
N GLU C 337 -0.48 19.25 4.42
CA GLU C 337 0.58 19.92 3.65
C GLU C 337 0.24 21.40 3.48
N PHE C 338 -1.05 21.73 3.54
CA PHE C 338 -1.48 23.11 3.50
C PHE C 338 -1.50 23.73 4.90
N LYS C 339 -1.87 22.92 5.88
CA LYS C 339 -2.00 23.43 7.26
C LYS C 339 -0.67 24.02 7.73
N GLY C 340 0.43 23.44 7.26
CA GLY C 340 1.75 23.89 7.64
C GLY C 340 2.25 25.10 6.83
N THR C 341 1.37 25.66 6.01
CA THR C 341 1.70 26.83 5.21
C THR C 341 0.80 28.01 5.55
N GLY C 342 -0.40 27.73 6.03
CA GLY C 342 -1.34 28.77 6.37
C GLY C 342 -1.10 29.36 7.77
N ASN C 343 -1.89 30.38 8.11
CA ASN C 343 -1.84 30.99 9.41
C ASN C 343 -3.20 30.92 10.07
N GLU C 345 -7.12 28.42 10.45
CA GLU C 345 -7.95 27.26 10.11
C GLU C 345 -9.20 27.20 10.97
N LEU C 346 -10.33 26.98 10.35
CA LEU C 346 -11.57 26.80 11.07
C LEU C 346 -12.14 25.44 10.71
N HIS C 347 -12.18 24.52 11.68
CA HIS C 347 -12.70 23.18 11.43
C HIS C 347 -14.20 23.14 11.56
N LEU C 348 -14.83 22.14 10.94
CA LEU C 348 -16.26 21.94 11.02
C LEU C 348 -16.50 20.44 11.11
N SER C 349 -17.33 20.02 12.07
CA SER C 349 -17.52 18.59 12.33
C SER C 349 -18.71 18.01 11.56
N ARG C 350 -18.53 16.79 11.04
CA ARG C 350 -19.59 16.12 10.29
C ARG C 350 -20.69 15.65 11.24
N LYS C 351 -20.41 15.73 12.54
CA LYS C 351 -21.35 15.25 13.57
C LYS C 351 -22.19 16.40 14.10
N ILE C 352 -21.58 17.57 14.22
CA ILE C 352 -22.30 18.75 14.63
C ILE C 352 -23.25 19.22 13.52
N ALA C 353 -23.13 18.63 12.33
CA ALA C 353 -23.97 19.00 11.21
C ALA C 353 -25.03 17.92 10.98
N GLU C 354 -24.74 16.70 11.42
CA GLU C 354 -25.76 15.63 11.38
C GLU C 354 -26.88 15.90 12.38
N LYS C 355 -26.57 16.62 13.45
CA LYS C 355 -27.58 17.01 14.40
C LYS C 355 -28.25 18.31 13.93
N ARG C 356 -27.78 18.82 12.79
CA ARG C 356 -28.34 20.04 12.20
C ARG C 356 -28.08 21.24 13.12
N VAL C 357 -26.90 21.27 13.73
CA VAL C 357 -26.53 22.37 14.59
C VAL C 357 -25.47 23.21 13.89
N PHE C 358 -25.84 24.43 13.47
CA PHE C 358 -24.92 25.29 12.73
C PHE C 358 -24.69 26.62 13.42
N PRO C 359 -23.51 27.22 13.22
CA PRO C 359 -22.41 26.68 12.39
C PRO C 359 -21.83 25.42 13.04
N ALA C 360 -21.52 24.37 12.28
CA ALA C 360 -21.01 23.16 12.91
C ALA C 360 -19.50 23.27 13.08
N ILE C 361 -19.04 24.29 13.78
CA ILE C 361 -17.60 24.48 13.97
C ILE C 361 -17.02 23.49 14.98
N ASP C 362 -15.73 23.21 14.86
CA ASP C 362 -15.00 22.43 15.83
C ASP C 362 -14.16 23.42 16.63
N TYR C 363 -14.81 24.18 17.52
CA TYR C 363 -14.17 25.31 18.18
C TYR C 363 -12.81 24.94 18.76
N ASN C 364 -12.68 23.74 19.29
CA ASN C 364 -11.41 23.33 19.91
C ASN C 364 -10.26 23.19 18.92
N ARG C 365 -10.56 22.73 17.72
CA ARG C 365 -9.53 22.54 16.68
C ARG C 365 -9.25 23.83 15.90
N SER C 366 -10.20 24.77 15.91
CA SER C 366 -10.07 26.00 15.13
C SER C 366 -9.11 26.98 15.81
N GLY C 367 -8.79 28.09 15.12
CA GLY C 367 -7.93 29.11 15.70
C GLY C 367 -6.92 29.61 14.69
N THR C 368 -6.41 30.83 14.89
CA THR C 368 -5.41 31.38 13.98
C THR C 368 -4.10 31.63 14.71
N ARG C 369 -3.02 31.75 13.93
CA ARG C 369 -1.69 31.96 14.47
C ARG C 369 -1.43 33.46 14.65
N LYS C 370 -0.81 33.84 15.77
CA LYS C 370 -0.54 35.25 16.03
C LYS C 370 -1.83 36.09 16.16
N GLU C 371 -2.69 35.75 17.13
CA GLU C 371 -3.92 36.50 17.33
C GLU C 371 -3.63 37.82 17.98
N GLU C 372 -2.61 37.84 18.83
CA GLU C 372 -2.26 39.04 19.59
C GLU C 372 -2.15 40.29 18.69
N LEU C 373 -1.80 40.10 17.42
CA LEU C 373 -1.61 41.23 16.51
C LEU C 373 -2.96 41.73 15.99
N LEU C 374 -3.97 40.85 16.01
CA LEU C 374 -5.27 41.15 15.45
C LEU C 374 -6.29 41.61 16.51
N THR C 375 -6.03 41.32 17.77
CA THR C 375 -7.01 41.59 18.83
C THR C 375 -6.43 42.44 19.94
N THR C 376 -7.25 43.31 20.52
CA THR C 376 -6.83 44.11 21.69
C THR C 376 -6.71 43.22 22.91
N GLN C 377 -5.79 43.51 23.82
CA GLN C 377 -5.58 42.68 25.01
C GLN C 377 -6.89 42.12 25.56
N GLU C 378 -7.87 43.00 25.79
CA GLU C 378 -9.15 42.60 26.36
C GLU C 378 -9.78 41.48 25.52
N GLU C 379 -9.95 41.75 24.23
CA GLU C 379 -10.51 40.75 23.34
C GLU C 379 -9.73 39.43 23.43
N LEU C 380 -8.41 39.52 23.39
CA LEU C 380 -7.56 38.33 23.54
C LEU C 380 -7.96 37.53 24.76
N GLN C 381 -7.87 38.17 25.93
CA GLN C 381 -8.06 37.47 27.21
C GLN C 381 -9.49 36.97 27.38
N LYS C 382 -10.46 37.65 26.80
CA LYS C 382 -11.83 37.19 26.87
C LYS C 382 -11.98 35.93 26.00
N TRP C 384 -9.53 33.98 25.30
CA TRP C 384 -8.73 33.00 26.01
C TRP C 384 -9.60 32.32 27.07
N ILE C 385 -10.31 33.13 27.85
CA ILE C 385 -11.26 32.60 28.84
C ILE C 385 -12.27 31.68 28.16
N LEU C 386 -12.83 32.15 27.05
CA LEU C 386 -13.85 31.39 26.32
C LEU C 386 -13.34 30.00 25.97
N ARG C 387 -12.14 29.92 25.40
CA ARG C 387 -11.58 28.64 24.96
C ARG C 387 -11.34 27.70 26.14
N LYS C 388 -10.89 28.26 27.27
CA LYS C 388 -10.65 27.46 28.47
C LYS C 388 -11.95 26.84 29.00
N ILE C 389 -13.02 27.63 29.02
CA ILE C 389 -14.32 27.14 29.45
C ILE C 389 -14.85 26.08 28.48
N ILE C 390 -14.64 26.31 27.18
CA ILE C 390 -15.21 25.43 26.17
C ILE C 390 -14.37 24.15 25.98
N HIS C 391 -13.06 24.28 26.16
CA HIS C 391 -12.14 23.17 25.83
C HIS C 391 -12.58 21.78 26.32
N PRO C 392 -13.11 21.71 27.56
CA PRO C 392 -13.48 20.38 28.11
C PRO C 392 -14.74 19.79 27.45
N GLY C 394 -17.79 18.65 24.65
CA GLY C 394 -17.79 17.88 23.42
C GLY C 394 -18.04 18.80 22.24
N GLU C 395 -17.83 18.32 21.01
CA GLU C 395 -18.00 19.12 19.80
C GLU C 395 -19.42 19.67 19.69
N ILE C 396 -20.39 18.76 19.60
CA ILE C 396 -21.79 19.14 19.45
C ILE C 396 -22.27 20.00 20.60
N ASP C 397 -21.97 19.55 21.84
CA ASP C 397 -22.40 20.26 23.04
C ASP C 397 -21.76 21.65 23.13
N ALA C 398 -20.48 21.75 22.77
CA ALA C 398 -19.77 23.01 22.87
C ALA C 398 -20.35 24.03 21.90
N GLU C 400 -23.43 24.05 20.48
CA GLU C 400 -24.75 24.45 20.96
C GLU C 400 -24.63 25.45 22.10
N PHE C 401 -23.82 25.13 23.10
CA PHE C 401 -23.56 26.04 24.20
C PHE C 401 -23.23 27.45 23.69
N LEU C 402 -22.24 27.53 22.79
CA LEU C 402 -21.80 28.81 22.23
C LEU C 402 -22.92 29.49 21.44
N ILE C 403 -23.54 28.75 20.54
CA ILE C 403 -24.65 29.27 19.75
C ILE C 403 -25.73 29.88 20.64
N ASN C 404 -26.23 29.08 21.58
CA ASN C 404 -27.30 29.51 22.47
C ASN C 404 -26.89 30.65 23.39
N LYS C 405 -25.63 30.66 23.80
CA LYS C 405 -25.12 31.71 24.66
C LYS C 405 -24.93 33.01 23.87
N LEU C 406 -24.83 32.89 22.55
CA LEU C 406 -24.65 34.07 21.70
C LEU C 406 -25.99 34.58 21.19
N ALA C 407 -26.98 33.70 21.13
CA ALA C 407 -28.28 34.07 20.56
C ALA C 407 -28.85 35.29 21.26
N THR C 409 -27.28 38.12 22.42
CA THR C 409 -26.82 39.44 21.99
C THR C 409 -25.61 39.45 21.06
N LYS C 410 -25.39 40.59 20.39
CA LYS C 410 -24.18 40.80 19.60
C LYS C 410 -22.99 40.34 20.44
N THR C 411 -21.87 39.99 19.83
CA THR C 411 -20.78 39.34 20.57
C THR C 411 -20.23 40.21 21.72
N ASN C 412 -19.96 41.49 21.46
CA ASN C 412 -19.35 42.33 22.49
C ASN C 412 -20.22 42.32 23.76
N ASP C 413 -21.52 42.43 23.58
CA ASP C 413 -22.47 42.37 24.70
C ASP C 413 -22.35 41.03 25.40
N ASP C 414 -22.19 39.96 24.63
CA ASP C 414 -22.02 38.62 25.19
C ASP C 414 -20.79 38.57 26.09
N PHE C 415 -19.76 39.32 25.73
CA PHE C 415 -18.55 39.39 26.53
C PHE C 415 -18.82 40.10 27.87
N PHE C 416 -19.57 41.20 27.84
CA PHE C 416 -19.94 41.90 29.06
C PHE C 416 -20.93 41.08 29.89
N GLU C 417 -21.91 40.51 29.21
CA GLU C 417 -22.95 39.72 29.85
C GLU C 417 -22.34 38.56 30.66
N ASN D 5 -44.36 0.77 -41.17
CA ASN D 5 -43.24 1.30 -40.38
C ASN D 5 -42.36 0.19 -39.77
N LEU D 6 -41.04 0.39 -39.82
CA LEU D 6 -40.06 -0.62 -39.37
C LEU D 6 -40.29 -1.06 -37.91
N THR D 7 -40.08 -0.14 -36.96
CA THR D 7 -40.16 -0.48 -35.53
C THR D 7 -41.42 -1.31 -35.21
N GLU D 8 -42.57 -0.94 -35.79
CA GLU D 8 -43.83 -1.63 -35.51
C GLU D 8 -43.77 -3.04 -36.10
N LEU D 9 -43.10 -3.16 -37.24
CA LEU D 9 -42.89 -4.47 -37.87
C LEU D 9 -41.99 -5.36 -37.00
N LYS D 10 -41.01 -4.75 -36.34
CA LYS D 10 -40.09 -5.53 -35.50
C LYS D 10 -40.73 -5.84 -34.13
N ASN D 11 -41.71 -5.04 -33.73
CA ASN D 11 -42.46 -5.31 -32.50
C ASN D 11 -43.41 -6.50 -32.68
N THR D 12 -44.17 -6.48 -33.77
CA THR D 12 -45.20 -7.49 -34.03
C THR D 12 -44.64 -8.92 -33.99
N PRO D 13 -45.49 -9.88 -33.57
CA PRO D 13 -45.13 -11.31 -33.44
C PRO D 13 -44.78 -11.96 -34.78
N VAL D 14 -44.17 -13.13 -34.74
CA VAL D 14 -43.78 -13.83 -35.96
C VAL D 14 -44.98 -14.18 -36.86
N SER D 15 -46.01 -14.81 -36.28
CA SER D 15 -47.12 -15.32 -37.06
C SER D 15 -47.91 -14.20 -37.76
N GLU D 16 -48.10 -13.08 -37.07
CA GLU D 16 -48.88 -11.97 -37.65
C GLU D 16 -48.22 -11.40 -38.90
N LEU D 17 -46.89 -11.34 -38.90
CA LEU D 17 -46.15 -10.88 -40.07
C LEU D 17 -46.41 -11.77 -41.27
N ILE D 18 -46.54 -13.07 -40.99
CA ILE D 18 -46.64 -14.08 -42.04
C ILE D 18 -47.93 -13.92 -42.86
N THR D 19 -49.02 -13.54 -42.20
CA THR D 19 -50.29 -13.37 -42.90
C THR D 19 -50.18 -12.19 -43.87
N LEU D 20 -49.50 -11.13 -43.46
CA LEU D 20 -49.26 -9.99 -44.35
C LEU D 20 -48.45 -10.44 -45.56
N GLY D 21 -47.39 -11.23 -45.33
CA GLY D 21 -46.54 -11.70 -46.42
C GLY D 21 -47.34 -12.36 -47.55
N GLU D 22 -48.11 -13.39 -47.23
CA GLU D 22 -48.89 -14.11 -48.25
C GLU D 22 -49.94 -13.20 -48.91
N ASN D 23 -50.57 -12.37 -48.10
CA ASN D 23 -51.59 -11.44 -48.60
C ASN D 23 -50.93 -10.32 -49.42
N GLY D 25 -48.27 -10.54 -51.10
CA GLY D 25 -47.87 -11.10 -52.37
C GLY D 25 -47.01 -12.34 -52.17
N LEU D 26 -45.81 -12.16 -51.63
CA LEU D 26 -44.90 -13.29 -51.39
C LEU D 26 -45.14 -13.92 -50.01
N ARG D 33 -35.82 -15.91 -41.66
CA ARG D 33 -35.94 -15.49 -40.26
C ARG D 33 -36.58 -14.10 -40.19
N LYS D 34 -37.24 -13.79 -39.08
CA LYS D 34 -37.95 -12.52 -38.92
C LYS D 34 -37.24 -11.34 -39.60
N GLN D 35 -35.96 -11.13 -39.30
CA GLN D 35 -35.20 -10.06 -39.93
C GLN D 35 -35.40 -10.09 -41.46
N ASP D 36 -35.16 -11.26 -42.07
CA ASP D 36 -35.37 -11.43 -43.51
C ASP D 36 -36.79 -11.04 -43.90
N ILE D 37 -37.77 -11.51 -43.13
CA ILE D 37 -39.18 -11.26 -43.45
C ILE D 37 -39.47 -9.77 -43.53
N ILE D 38 -39.19 -9.05 -42.44
CA ILE D 38 -39.47 -7.62 -42.39
C ILE D 38 -38.75 -6.86 -43.50
N PHE D 39 -37.52 -7.26 -43.84
CA PHE D 39 -36.78 -6.64 -44.95
C PHE D 39 -37.51 -6.88 -46.27
N ALA D 40 -37.97 -8.11 -46.48
CA ALA D 40 -38.67 -8.48 -47.70
C ALA D 40 -39.98 -7.68 -47.81
N ILE D 41 -40.70 -7.57 -46.71
CA ILE D 41 -41.95 -6.82 -46.68
C ILE D 41 -41.68 -5.35 -47.05
N LEU D 42 -40.56 -4.82 -46.58
CA LEU D 42 -40.23 -3.41 -46.80
C LEU D 42 -39.92 -3.13 -48.28
N LYS D 43 -39.16 -4.02 -48.91
CA LYS D 43 -38.73 -3.81 -50.29
C LYS D 43 -39.93 -3.70 -51.25
N GLN D 44 -40.89 -4.61 -51.14
CA GLN D 44 -42.06 -4.57 -52.01
C GLN D 44 -42.84 -3.28 -51.77
N HIS D 45 -43.07 -2.96 -50.51
CA HIS D 45 -43.71 -1.71 -50.12
C HIS D 45 -42.97 -0.50 -50.72
N ALA D 46 -41.64 -0.55 -50.71
CA ALA D 46 -40.82 0.57 -51.20
C ALA D 46 -40.83 0.65 -52.73
N LYS D 47 -40.80 -0.50 -53.39
CA LYS D 47 -40.87 -0.56 -54.85
C LYS D 47 -42.21 0.01 -55.33
N SER D 48 -43.27 -0.23 -54.57
CA SER D 48 -44.59 0.28 -54.91
C SER D 48 -44.58 1.81 -54.86
N GLY D 49 -43.54 2.37 -54.23
CA GLY D 49 -43.42 3.81 -54.10
C GLY D 49 -44.02 4.28 -52.77
N GLU D 50 -44.46 3.35 -51.94
CA GLU D 50 -45.09 3.68 -50.66
C GLU D 50 -44.00 4.09 -49.66
N ASP D 51 -44.30 5.04 -48.78
CA ASP D 51 -43.32 5.56 -47.83
C ASP D 51 -42.97 4.56 -46.73
N ILE D 52 -41.75 4.66 -46.21
CA ILE D 52 -41.32 3.79 -45.11
C ILE D 52 -40.72 4.66 -44.02
N PHE D 53 -40.60 4.15 -42.80
CA PHE D 53 -40.06 4.96 -41.69
C PHE D 53 -39.71 4.12 -40.48
N GLY D 54 -38.60 4.47 -39.84
CA GLY D 54 -38.19 3.82 -38.61
C GLY D 54 -37.98 4.88 -37.54
N ASP D 55 -37.46 4.48 -36.38
CA ASP D 55 -37.17 5.43 -35.32
C ASP D 55 -35.97 4.96 -34.51
N GLY D 56 -35.12 5.89 -34.11
CA GLY D 56 -33.94 5.53 -33.34
C GLY D 56 -33.34 6.75 -32.66
N VAL D 57 -32.25 6.55 -31.93
CA VAL D 57 -31.60 7.65 -31.21
C VAL D 57 -30.24 7.93 -31.86
N LEU D 58 -29.97 9.21 -32.12
CA LEU D 58 -28.82 9.63 -32.91
C LEU D 58 -27.52 9.25 -32.23
N GLU D 59 -26.50 8.91 -33.03
CA GLU D 59 -25.16 8.70 -32.47
C GLU D 59 -24.10 9.12 -33.49
N ILE D 60 -23.74 10.41 -33.50
CA ILE D 60 -22.68 10.90 -34.38
C ILE D 60 -21.41 10.07 -34.18
N LEU D 61 -20.65 9.85 -35.27
CA LEU D 61 -19.41 9.10 -35.19
C LEU D 61 -18.23 10.01 -35.44
N GLN D 62 -17.02 9.43 -35.41
CA GLN D 62 -15.78 10.19 -35.61
C GLN D 62 -15.72 10.84 -37.00
N ASP D 63 -16.16 10.09 -38.02
CA ASP D 63 -16.10 10.57 -39.40
C ASP D 63 -17.15 11.64 -39.69
N GLY D 64 -18.06 11.87 -38.74
CA GLY D 64 -19.07 12.90 -38.89
C GLY D 64 -20.46 12.36 -39.20
N PHE D 65 -20.53 11.11 -39.64
CA PHE D 65 -21.82 10.47 -39.96
C PHE D 65 -22.36 9.74 -38.75
N GLY D 66 -23.68 9.65 -38.61
CA GLY D 66 -24.28 9.07 -37.42
C GLY D 66 -25.29 7.98 -37.74
N PHE D 67 -25.79 7.30 -36.71
CA PHE D 67 -26.80 6.25 -36.88
C PHE D 67 -28.00 6.47 -35.95
N LEU D 68 -29.04 5.67 -36.13
CA LEU D 68 -30.19 5.69 -35.23
C LEU D 68 -30.28 4.35 -34.52
N ARG D 69 -29.70 4.26 -33.31
CA ARG D 69 -29.65 3.01 -32.56
C ARG D 69 -31.02 2.66 -31.96
N SER D 70 -31.29 1.37 -31.74
CA SER D 70 -32.58 0.94 -31.21
C SER D 70 -32.47 0.70 -29.70
N ALA D 71 -33.59 0.89 -28.99
CA ALA D 71 -33.62 0.71 -27.55
C ALA D 71 -33.59 -0.79 -27.20
N ASP D 72 -34.01 -1.63 -28.13
CA ASP D 72 -34.08 -3.07 -27.85
C ASP D 72 -32.68 -3.70 -27.95
N SER D 73 -31.66 -2.87 -28.14
CA SER D 73 -30.27 -3.35 -28.17
C SER D 73 -29.43 -2.49 -27.23
N SER D 74 -30.08 -1.90 -26.22
CA SER D 74 -29.37 -1.03 -25.27
C SER D 74 -28.69 0.11 -26.00
N TYR D 75 -29.16 0.41 -27.22
CA TYR D 75 -28.62 1.51 -28.02
C TYR D 75 -27.19 1.22 -28.48
N LEU D 76 -26.88 -0.05 -28.70
CA LEU D 76 -25.60 -0.44 -29.28
C LEU D 76 -25.81 -0.84 -30.73
N ALA D 77 -24.73 -1.26 -31.40
CA ALA D 77 -24.80 -1.64 -32.81
C ALA D 77 -26.05 -2.48 -33.10
N GLY D 78 -26.70 -2.19 -34.23
CA GLY D 78 -27.88 -2.95 -34.64
C GLY D 78 -27.94 -3.06 -36.16
N PRO D 79 -28.23 -4.26 -36.68
CA PRO D 79 -28.34 -4.47 -38.13
C PRO D 79 -29.44 -3.63 -38.78
N ASP D 80 -30.23 -2.90 -37.99
CA ASP D 80 -31.35 -2.13 -38.51
C ASP D 80 -31.15 -0.64 -38.32
N ASP D 81 -29.93 -0.23 -37.97
CA ASP D 81 -29.65 1.20 -37.72
C ASP D 81 -29.91 2.00 -38.99
N ILE D 82 -30.19 3.29 -38.85
CA ILE D 82 -30.43 4.14 -40.00
C ILE D 82 -29.31 5.17 -40.15
N TYR D 83 -28.69 5.23 -41.33
CA TYR D 83 -27.61 6.17 -41.59
C TYR D 83 -28.15 7.61 -41.63
N VAL D 84 -27.40 8.54 -41.04
CA VAL D 84 -27.77 9.95 -41.08
C VAL D 84 -26.58 10.75 -41.61
N SER D 85 -26.59 11.07 -42.92
CA SER D 85 -25.46 11.75 -43.53
C SER D 85 -25.10 13.02 -42.73
N PRO D 86 -23.80 13.39 -42.71
CA PRO D 86 -23.35 14.62 -42.05
C PRO D 86 -24.16 15.81 -42.52
N SER D 87 -24.63 15.72 -43.75
CA SER D 87 -25.46 16.79 -44.34
C SER D 87 -26.74 16.94 -43.51
N GLN D 88 -27.35 15.81 -43.14
CA GLN D 88 -28.61 15.82 -42.37
C GLN D 88 -28.38 16.42 -40.98
N ILE D 89 -27.19 16.24 -40.41
CA ILE D 89 -26.89 16.78 -39.09
C ILE D 89 -26.77 18.30 -39.12
N ARG D 90 -25.88 18.81 -39.97
CA ARG D 90 -25.65 20.25 -40.07
C ARG D 90 -26.94 20.99 -40.36
N ARG D 91 -27.89 20.28 -40.97
CA ARG D 91 -29.16 20.89 -41.36
C ARG D 91 -30.03 21.19 -40.13
N PHE D 92 -29.86 20.41 -39.07
CA PHE D 92 -30.60 20.66 -37.83
C PHE D 92 -29.67 20.58 -36.61
N ASN D 93 -28.42 20.98 -36.77
CA ASN D 93 -27.45 20.95 -35.68
C ASN D 93 -27.70 19.79 -34.70
N LEU D 94 -27.89 18.58 -35.24
CA LEU D 94 -28.16 17.41 -34.41
C LEU D 94 -26.97 17.12 -33.49
N ARG D 95 -27.22 16.46 -32.35
CA ARG D 95 -26.13 16.00 -31.47
C ARG D 95 -26.40 14.58 -31.04
N THR D 96 -25.34 13.86 -30.67
CA THR D 96 -25.48 12.48 -30.21
C THR D 96 -26.55 12.42 -29.09
N GLY D 97 -27.56 11.57 -29.26
CA GLY D 97 -28.56 11.38 -28.23
C GLY D 97 -29.95 11.83 -28.67
N ASP D 98 -30.03 12.64 -29.72
CA ASP D 98 -31.33 13.11 -30.23
C ASP D 98 -32.17 11.95 -30.70
N THR D 99 -33.44 11.93 -30.33
CA THR D 99 -34.36 10.86 -30.75
C THR D 99 -35.04 11.30 -32.05
N ILE D 100 -34.82 10.57 -33.15
CA ILE D 100 -35.30 11.03 -34.45
C ILE D 100 -36.22 10.00 -35.12
N SER D 101 -37.12 10.47 -35.98
CA SER D 101 -38.00 9.59 -36.76
C SER D 101 -38.21 10.26 -38.11
N GLY D 102 -38.38 9.47 -39.16
CA GLY D 102 -38.59 10.04 -40.48
C GLY D 102 -38.69 8.99 -41.59
N LYS D 103 -39.03 9.43 -42.79
CA LYS D 103 -39.18 8.50 -43.91
C LYS D 103 -37.81 8.00 -44.38
N ILE D 104 -37.70 6.71 -44.68
CA ILE D 104 -36.42 6.12 -45.07
C ILE D 104 -36.63 5.11 -46.19
N ARG D 105 -35.58 4.84 -46.97
CA ARG D 105 -35.70 3.85 -48.03
C ARG D 105 -34.68 2.72 -47.81
N PRO D 106 -35.02 1.49 -48.24
CA PRO D 106 -34.14 0.31 -48.07
C PRO D 106 -32.76 0.51 -48.68
N PRO D 107 -31.77 -0.27 -48.22
CA PRO D 107 -30.39 -0.15 -48.71
C PRO D 107 -30.26 -0.49 -50.19
N LYS D 108 -29.92 0.50 -51.02
CA LYS D 108 -29.62 0.23 -52.43
C LYS D 108 -28.47 -0.77 -52.50
N GLU D 109 -28.19 -1.28 -53.69
CA GLU D 109 -27.08 -2.23 -53.86
C GLU D 109 -25.78 -1.69 -53.23
N GLY D 110 -25.08 -2.56 -52.48
CA GLY D 110 -23.86 -2.15 -51.80
C GLY D 110 -24.16 -1.68 -50.38
N GLU D 111 -25.00 -0.66 -50.24
CA GLU D 111 -25.34 -0.10 -48.93
C GLU D 111 -25.81 -1.21 -47.98
N ARG D 112 -25.28 -1.21 -46.76
CA ARG D 112 -25.53 -2.31 -45.84
C ARG D 112 -26.75 -2.05 -44.93
N TYR D 113 -26.95 -0.81 -44.51
CA TYR D 113 -28.07 -0.48 -43.62
C TYR D 113 -29.07 0.41 -44.32
N PHE D 114 -30.28 0.53 -43.75
CA PHE D 114 -31.29 1.46 -44.25
C PHE D 114 -30.75 2.88 -44.15
N ALA D 115 -31.40 3.84 -44.79
CA ALA D 115 -30.89 5.21 -44.81
C ALA D 115 -31.99 6.21 -44.49
N LEU D 116 -31.62 7.27 -43.78
CA LEU D 116 -32.59 8.30 -43.43
C LEU D 116 -32.89 9.17 -44.65
N LEU D 117 -33.97 8.84 -45.36
CA LEU D 117 -34.36 9.58 -46.56
C LEU D 117 -34.68 11.04 -46.18
N LYS D 118 -35.59 11.23 -45.23
CA LYS D 118 -35.95 12.58 -44.76
C LYS D 118 -36.39 12.57 -43.31
N VAL D 119 -36.11 13.65 -42.59
CA VAL D 119 -36.44 13.72 -41.17
C VAL D 119 -37.75 14.44 -40.91
N ASN D 120 -38.56 13.93 -39.98
CA ASN D 120 -39.81 14.57 -39.62
C ASN D 120 -39.77 15.08 -38.17
N GLU D 121 -39.39 14.21 -37.24
CA GLU D 121 -39.39 14.55 -35.82
C GLU D 121 -38.00 14.59 -35.20
N VAL D 122 -37.68 15.69 -34.54
CA VAL D 122 -36.47 15.79 -33.74
C VAL D 122 -36.86 15.90 -32.27
N ASN D 123 -36.61 14.84 -31.50
CA ASN D 123 -36.98 14.81 -30.09
C ASN D 123 -38.45 15.13 -29.86
N PHE D 124 -39.32 14.45 -30.61
CA PHE D 124 -40.77 14.55 -30.43
C PHE D 124 -41.39 15.84 -30.97
N ASP D 125 -40.59 16.71 -31.61
CA ASP D 125 -41.13 17.97 -32.14
C ASP D 125 -40.67 18.25 -33.57
N LYS D 126 -40.69 19.52 -33.97
CA LYS D 126 -40.31 19.91 -35.32
C LYS D 126 -38.85 20.31 -35.34
N PRO D 127 -38.10 19.83 -36.36
CA PRO D 127 -36.65 20.10 -36.44
C PRO D 127 -36.33 21.54 -36.82
N GLU D 128 -37.35 22.35 -37.08
CA GLU D 128 -37.13 23.72 -37.55
C GLU D 128 -36.85 24.67 -36.38
N ASN D 129 -37.35 24.32 -35.21
CA ASN D 129 -37.13 25.11 -34.00
C ASN D 129 -36.11 24.45 -33.10
N ALA D 130 -35.83 23.17 -33.37
CA ALA D 130 -34.81 22.43 -32.63
C ALA D 130 -33.41 22.93 -33.05
N ARG D 131 -33.39 24.06 -33.74
CA ARG D 131 -32.13 24.68 -34.14
C ARG D 131 -31.93 26.00 -33.37
N ASN D 132 -33.01 26.50 -32.75
CA ASN D 132 -32.96 27.76 -32.00
C ASN D 132 -32.84 27.52 -30.50
N LYS D 133 -33.05 26.27 -30.07
CA LYS D 133 -32.99 25.95 -28.65
C LYS D 133 -31.59 26.14 -28.06
N ILE D 134 -31.56 26.62 -26.82
CA ILE D 134 -30.31 26.92 -26.15
C ILE D 134 -29.60 25.63 -25.70
N LEU D 135 -28.27 25.61 -25.81
CA LEU D 135 -27.48 24.42 -25.52
C LEU D 135 -27.57 24.02 -24.05
N PHE D 136 -27.50 22.71 -23.81
CA PHE D 136 -27.51 22.16 -22.47
C PHE D 136 -26.36 22.74 -21.63
N GLU D 137 -25.20 22.92 -22.25
CA GLU D 137 -24.01 23.38 -21.55
C GLU D 137 -24.07 24.85 -21.20
N ASN D 138 -25.01 25.58 -21.80
CA ASN D 138 -25.13 27.01 -21.54
C ASN D 138 -26.39 27.37 -20.75
N LEU D 139 -27.11 26.34 -20.29
CA LEU D 139 -28.30 26.56 -19.47
C LEU D 139 -27.86 27.18 -18.14
N THR D 140 -28.80 27.73 -17.39
CA THR D 140 -28.50 28.34 -16.10
C THR D 140 -29.00 27.45 -14.94
N PRO D 141 -28.06 26.76 -14.25
CA PRO D 141 -28.39 25.84 -13.14
C PRO D 141 -28.94 26.53 -11.88
N LEU D 142 -29.75 25.82 -11.10
CA LEU D 142 -30.28 26.37 -9.85
C LEU D 142 -30.44 25.20 -8.90
N HIS D 143 -30.71 25.47 -7.61
CA HIS D 143 -31.08 24.40 -6.67
C HIS D 143 -32.50 23.95 -7.00
N ALA D 144 -32.91 22.82 -6.47
CA ALA D 144 -34.27 22.32 -6.71
C ALA D 144 -35.31 23.33 -6.17
N ASN D 145 -36.09 23.95 -7.07
CA ASN D 145 -37.19 24.82 -6.67
C ASN D 145 -38.47 24.02 -6.53
N SER D 146 -39.04 23.63 -7.68
CA SER D 146 -40.21 22.77 -7.69
C SER D 146 -39.91 21.51 -6.87
N ARG D 147 -40.96 20.82 -6.41
CA ARG D 147 -40.77 19.67 -5.53
C ARG D 147 -41.45 18.41 -6.05
N LEU D 148 -41.04 17.26 -5.54
CA LEU D 148 -41.61 15.97 -5.99
C LEU D 148 -42.05 15.14 -4.79
N ARG D 149 -43.35 15.19 -4.47
CA ARG D 149 -43.90 14.38 -3.40
C ARG D 149 -43.83 12.90 -3.80
N GLU D 151 -45.10 10.50 -1.42
CA GLU D 151 -46.22 9.86 -0.72
C GLU D 151 -47.48 9.93 -1.60
N ARG D 152 -47.65 8.91 -2.44
CA ARG D 152 -48.85 8.80 -3.26
C ARG D 152 -50.11 8.93 -2.38
N GLY D 153 -50.00 8.52 -1.11
CA GLY D 153 -51.11 8.59 -0.18
C GLY D 153 -52.12 7.47 -0.41
N ASN D 154 -51.70 6.22 -0.21
CA ASN D 154 -52.59 5.08 -0.40
C ASN D 154 -52.76 4.14 0.81
N GLY D 155 -52.35 4.57 2.01
CA GLY D 155 -52.54 3.74 3.19
C GLY D 155 -52.09 2.30 2.97
N SER D 156 -50.83 2.08 2.57
CA SER D 156 -50.36 0.72 2.31
C SER D 156 -49.00 0.40 2.93
N THR D 157 -48.60 -0.86 2.85
CA THR D 157 -47.32 -1.29 3.41
C THR D 157 -46.16 -0.61 2.66
N GLU D 158 -46.40 -0.24 1.40
CA GLU D 158 -45.37 0.36 0.56
C GLU D 158 -45.26 1.86 0.75
N ASP D 159 -46.42 2.52 0.79
CA ASP D 159 -46.43 3.97 0.94
C ASP D 159 -45.74 4.41 2.23
N LEU D 160 -45.44 3.44 3.10
CA LEU D 160 -44.61 3.73 4.26
C LEU D 160 -43.25 4.19 3.78
N THR D 161 -42.56 3.34 3.02
CA THR D 161 -41.22 3.68 2.50
C THR D 161 -41.24 5.06 1.82
N ALA D 162 -42.22 5.28 0.93
CA ALA D 162 -42.34 6.54 0.23
C ALA D 162 -42.42 7.71 1.22
N ARG D 163 -43.31 7.59 2.20
CA ARG D 163 -43.50 8.65 3.19
C ARG D 163 -42.23 8.90 3.98
N VAL D 164 -41.63 7.83 4.50
CA VAL D 164 -40.39 7.96 5.27
C VAL D 164 -39.34 8.72 4.42
N LEU D 165 -39.22 8.35 3.14
CA LEU D 165 -38.33 9.03 2.23
C LEU D 165 -38.68 10.51 2.13
N ASP D 166 -39.96 10.78 1.91
CA ASP D 166 -40.46 12.12 1.74
C ASP D 166 -40.15 12.96 2.99
N LEU D 167 -39.88 12.28 4.11
CA LEU D 167 -39.61 12.95 5.38
C LEU D 167 -38.13 13.07 5.62
N ALA D 168 -37.43 11.92 5.65
CA ALA D 168 -35.98 11.90 5.90
C ALA D 168 -35.27 12.85 4.91
N SER D 169 -35.43 12.58 3.61
CA SER D 169 -34.79 13.42 2.59
C SER D 169 -35.75 13.69 1.43
N PRO D 170 -36.23 14.94 1.31
CA PRO D 170 -37.17 15.31 0.23
C PRO D 170 -36.51 15.33 -1.17
N ILE D 171 -37.31 15.16 -2.22
CA ILE D 171 -36.78 15.19 -3.58
C ILE D 171 -37.32 16.41 -4.34
N GLY D 172 -36.52 16.98 -5.23
CA GLY D 172 -36.96 18.11 -6.02
C GLY D 172 -36.55 17.96 -7.48
N ARG D 173 -37.07 18.81 -8.36
CA ARG D 173 -36.69 18.77 -9.77
C ARG D 173 -35.25 19.23 -9.95
N GLY D 174 -34.40 18.31 -10.37
CA GLY D 174 -32.97 18.57 -10.51
C GLY D 174 -32.20 17.92 -9.36
N GLN D 175 -32.80 16.91 -8.73
CA GLN D 175 -32.20 16.29 -7.55
C GLN D 175 -31.02 15.39 -7.93
N ARG D 176 -29.83 15.74 -7.45
CA ARG D 176 -28.66 14.90 -7.70
C ARG D 176 -28.44 13.97 -6.51
N GLY D 177 -29.47 13.20 -6.16
CA GLY D 177 -29.47 12.40 -4.95
C GLY D 177 -28.76 11.06 -5.09
N LEU D 178 -28.53 10.40 -3.96
CA LEU D 178 -27.77 9.16 -3.93
C LEU D 178 -28.24 8.30 -2.73
N ILE D 179 -28.48 7.01 -2.96
CA ILE D 179 -28.95 6.10 -1.92
C ILE D 179 -27.85 5.15 -1.46
N VAL D 180 -27.30 5.38 -0.27
CA VAL D 180 -26.16 4.61 0.21
C VAL D 180 -26.55 3.44 1.11
N ALA D 181 -26.02 2.26 0.79
CA ALA D 181 -26.32 1.09 1.57
C ALA D 181 -25.36 -0.03 1.27
N PRO D 182 -25.37 -1.05 2.12
CA PRO D 182 -24.54 -2.25 1.98
C PRO D 182 -25.39 -3.36 1.46
N PRO D 183 -24.82 -4.28 0.68
CA PRO D 183 -25.70 -5.27 0.05
C PRO D 183 -26.85 -5.72 0.96
N LYS D 184 -28.01 -5.99 0.36
CA LYS D 184 -29.18 -6.46 1.08
C LYS D 184 -29.69 -5.49 2.16
N ALA D 185 -29.84 -4.22 1.82
CA ALA D 185 -30.43 -3.26 2.73
C ALA D 185 -31.75 -2.71 2.17
N GLY D 186 -32.14 -3.21 1.01
CA GLY D 186 -33.39 -2.79 0.39
C GLY D 186 -33.21 -1.69 -0.63
N LYS D 187 -31.97 -1.22 -0.83
CA LYS D 187 -31.66 -0.13 -1.77
C LYS D 187 -32.35 -0.33 -3.10
N THR D 188 -32.02 -1.43 -3.78
CA THR D 188 -32.55 -1.68 -5.12
C THR D 188 -34.08 -1.56 -5.11
N LEU D 190 -35.97 -0.17 -2.86
CA LEU D 190 -36.34 1.20 -2.53
C LEU D 190 -36.38 1.99 -3.83
N LEU D 191 -35.38 1.80 -4.68
CA LEU D 191 -35.32 2.44 -5.99
C LEU D 191 -36.59 2.08 -6.77
N GLN D 192 -36.94 0.80 -6.76
CA GLN D 192 -38.15 0.33 -7.46
C GLN D 192 -39.38 1.03 -6.91
N ASN D 193 -39.42 1.19 -5.61
CA ASN D 193 -40.55 1.81 -4.95
C ASN D 193 -40.63 3.27 -5.36
N ILE D 194 -39.47 3.94 -5.38
CA ILE D 194 -39.42 5.32 -5.82
C ILE D 194 -39.91 5.42 -7.26
N ALA D 195 -39.49 4.48 -8.10
CA ALA D 195 -39.89 4.48 -9.50
C ALA D 195 -41.44 4.48 -9.63
N GLN D 196 -42.10 3.56 -8.94
CA GLN D 196 -43.55 3.42 -9.07
C GLN D 196 -44.27 4.65 -8.54
N SER D 197 -43.74 5.27 -7.49
CA SER D 197 -44.35 6.46 -6.90
C SER D 197 -44.23 7.64 -7.88
N ILE D 198 -43.10 7.70 -8.61
CA ILE D 198 -42.87 8.75 -9.59
C ILE D 198 -43.83 8.58 -10.76
N ALA D 199 -44.13 7.34 -11.10
CA ALA D 199 -45.01 7.03 -12.22
C ALA D 199 -46.46 7.44 -11.92
N TYR D 200 -46.91 7.17 -10.70
CA TYR D 200 -48.29 7.49 -10.33
C TYR D 200 -48.46 9.02 -10.21
N ASN D 201 -47.63 9.64 -9.39
CA ASN D 201 -47.82 11.06 -9.07
C ASN D 201 -47.18 11.99 -10.09
N HIS D 202 -46.37 11.44 -10.97
CA HIS D 202 -45.67 12.25 -11.97
C HIS D 202 -45.56 11.56 -13.31
N PRO D 203 -46.70 11.36 -14.01
CA PRO D 203 -46.67 10.86 -15.39
C PRO D 203 -46.04 11.90 -16.32
N ASP D 204 -46.11 13.17 -15.92
CA ASP D 204 -45.53 14.26 -16.70
C ASP D 204 -44.00 14.13 -16.84
N CYS D 205 -43.33 13.63 -15.81
CA CYS D 205 -41.87 13.47 -15.85
C CYS D 205 -41.49 12.24 -16.67
N VAL D 206 -40.54 12.40 -17.61
CA VAL D 206 -40.07 11.27 -18.39
C VAL D 206 -39.18 10.39 -17.51
N LEU D 207 -39.43 9.09 -17.49
CA LEU D 207 -38.71 8.21 -16.59
C LEU D 207 -37.80 7.24 -17.36
N VAL D 209 -34.83 4.26 -16.60
CA VAL D 209 -34.25 3.42 -15.57
C VAL D 209 -33.01 2.73 -16.15
N LEU D 210 -31.85 3.01 -15.57
CA LEU D 210 -30.59 2.48 -16.08
C LEU D 210 -30.02 1.51 -15.05
N LEU D 211 -29.80 0.26 -15.43
CA LEU D 211 -29.28 -0.75 -14.52
C LEU D 211 -27.91 -1.20 -14.98
N ILE D 212 -26.88 -0.74 -14.31
CA ILE D 212 -25.54 -1.06 -14.72
C ILE D 212 -25.00 -2.09 -13.79
N ASP D 213 -24.94 -3.30 -14.29
CA ASP D 213 -24.25 -4.33 -13.56
C ASP D 213 -25.08 -4.96 -12.44
N GLU D 214 -26.33 -4.55 -12.20
CA GLU D 214 -27.04 -5.30 -11.17
C GLU D 214 -27.82 -6.48 -11.77
N ARG D 215 -28.44 -7.29 -10.90
CA ARG D 215 -28.92 -8.62 -11.24
C ARG D 215 -29.83 -8.73 -12.45
N PRO D 216 -29.69 -9.86 -13.17
CA PRO D 216 -30.48 -10.13 -14.37
C PRO D 216 -31.97 -10.14 -14.07
N GLU D 217 -32.40 -10.99 -13.16
CA GLU D 217 -33.81 -11.07 -12.77
C GLU D 217 -34.37 -9.70 -12.40
N GLU D 218 -33.54 -8.85 -11.81
CA GLU D 218 -33.99 -7.53 -11.41
C GLU D 218 -34.36 -6.70 -12.62
N VAL D 219 -33.64 -6.88 -13.71
CA VAL D 219 -33.92 -6.09 -14.91
C VAL D 219 -35.29 -6.51 -15.42
N THR D 220 -35.50 -7.81 -15.60
CA THR D 220 -36.77 -8.32 -16.15
C THR D 220 -37.97 -7.95 -15.25
N GLU D 221 -37.80 -8.05 -13.94
CA GLU D 221 -38.88 -7.68 -13.03
C GLU D 221 -39.13 -6.18 -13.12
N GLN D 223 -38.68 -4.15 -15.71
CA GLN D 223 -39.40 -3.88 -16.95
C GLN D 223 -40.91 -4.02 -16.75
N ARG D 224 -41.31 -5.11 -16.08
CA ARG D 224 -42.73 -5.43 -15.95
C ARG D 224 -43.45 -4.55 -14.96
N LEU D 225 -42.75 -4.07 -13.95
CA LEU D 225 -43.41 -3.30 -12.90
C LEU D 225 -43.18 -1.79 -13.10
N VAL D 226 -42.36 -1.44 -14.09
CA VAL D 226 -42.04 -0.02 -14.30
C VAL D 226 -42.57 0.44 -15.65
N LYS D 227 -43.13 1.63 -15.69
CA LYS D 227 -43.63 2.17 -16.94
C LYS D 227 -42.67 3.27 -17.42
N GLY D 228 -41.93 2.99 -18.49
CA GLY D 228 -41.03 3.99 -19.04
C GLY D 228 -39.82 3.33 -19.68
N GLU D 229 -38.77 4.10 -19.95
CA GLU D 229 -37.55 3.58 -20.54
C GLU D 229 -36.83 2.69 -19.55
N VAL D 230 -36.65 1.41 -19.86
CA VAL D 230 -35.86 0.54 -19.01
C VAL D 230 -34.63 0.03 -19.77
N VAL D 231 -33.49 0.69 -19.57
CA VAL D 231 -32.24 0.28 -20.20
C VAL D 231 -31.39 -0.47 -19.20
N ALA D 232 -30.75 -1.57 -19.61
CA ALA D 232 -29.97 -2.36 -18.66
C ALA D 232 -28.74 -3.01 -19.28
N SER D 233 -27.70 -3.21 -18.46
CA SER D 233 -26.51 -3.96 -18.85
C SER D 233 -26.11 -4.85 -17.69
N THR D 234 -26.56 -6.10 -17.70
CA THR D 234 -26.35 -7.00 -16.56
C THR D 234 -24.87 -7.22 -16.27
N PHE D 235 -24.53 -7.90 -15.17
CA PHE D 235 -23.14 -8.18 -14.86
C PHE D 235 -22.53 -9.12 -15.89
N ASP D 236 -23.37 -9.74 -16.71
CA ASP D 236 -22.89 -10.56 -17.82
C ASP D 236 -22.02 -9.71 -18.75
N GLU D 237 -22.41 -8.45 -18.92
CA GLU D 237 -21.77 -7.59 -19.89
C GLU D 237 -20.44 -7.07 -19.36
N PRO D 238 -19.43 -6.91 -20.27
CA PRO D 238 -18.13 -6.33 -19.93
C PRO D 238 -18.24 -4.85 -19.55
N ALA D 239 -17.27 -4.31 -18.83
CA ALA D 239 -17.25 -2.88 -18.51
C ALA D 239 -17.38 -2.00 -19.74
N SER D 240 -16.85 -2.47 -20.88
CA SER D 240 -16.92 -1.70 -22.14
C SER D 240 -18.38 -1.35 -22.40
N ARG D 241 -19.22 -2.39 -22.38
CA ARG D 241 -20.64 -2.23 -22.67
C ARG D 241 -21.29 -1.28 -21.67
N HIS D 242 -21.05 -1.49 -20.38
CA HIS D 242 -21.65 -0.65 -19.33
C HIS D 242 -21.48 0.85 -19.63
N VAL D 243 -20.25 1.25 -19.94
CA VAL D 243 -19.93 2.66 -20.17
C VAL D 243 -20.63 3.17 -21.44
N GLN D 244 -20.50 2.41 -22.53
CA GLN D 244 -21.21 2.72 -23.76
C GLN D 244 -22.70 3.00 -23.52
N VAL D 245 -23.40 2.03 -22.94
CA VAL D 245 -24.84 2.11 -22.72
C VAL D 245 -25.21 3.31 -21.85
N ALA D 246 -24.56 3.44 -20.68
CA ALA D 246 -24.85 4.53 -19.77
C ALA D 246 -24.58 5.90 -20.40
N GLU D 247 -23.50 6.00 -21.14
CA GLU D 247 -23.09 7.24 -21.80
C GLU D 247 -24.10 7.61 -22.87
N VAL D 249 -27.29 6.85 -22.61
CA VAL D 249 -28.50 7.23 -21.88
C VAL D 249 -28.37 8.63 -21.26
N ILE D 250 -27.16 9.00 -20.84
CA ILE D 250 -26.95 10.31 -20.24
C ILE D 250 -27.09 11.40 -21.29
N GLU D 251 -26.57 11.17 -22.50
CA GLU D 251 -26.69 12.17 -23.56
C GLU D 251 -28.14 12.31 -23.99
N LYS D 252 -28.85 11.20 -24.04
CA LYS D 252 -30.27 11.21 -24.38
C LYS D 252 -31.03 12.12 -23.40
N ALA D 253 -30.76 11.96 -22.11
CA ALA D 253 -31.38 12.80 -21.09
C ALA D 253 -31.05 14.26 -21.37
N LYS D 254 -29.76 14.56 -21.52
CA LYS D 254 -29.31 15.94 -21.76
C LYS D 254 -30.11 16.59 -22.90
N ARG D 255 -30.33 15.84 -23.98
CA ARG D 255 -31.01 16.39 -25.17
C ARG D 255 -32.47 16.78 -24.87
N LEU D 256 -33.18 15.93 -24.15
CA LEU D 256 -34.58 16.20 -23.81
C LEU D 256 -34.67 17.43 -22.91
N VAL D 257 -33.75 17.55 -21.94
CA VAL D 257 -33.73 18.71 -21.06
C VAL D 257 -33.54 19.97 -21.88
N GLU D 258 -32.85 19.82 -23.01
CA GLU D 258 -32.60 20.94 -23.92
C GLU D 258 -33.95 21.44 -24.45
N HIS D 259 -34.90 20.51 -24.59
CA HIS D 259 -36.25 20.86 -25.02
C HIS D 259 -37.10 21.22 -23.82
N LYS D 260 -36.49 21.83 -22.81
CA LYS D 260 -37.21 22.23 -21.59
C LYS D 260 -38.11 21.11 -21.11
N LYS D 261 -37.56 19.89 -21.03
CA LYS D 261 -38.30 18.73 -20.56
C LYS D 261 -37.79 18.29 -19.18
N ASP D 262 -38.65 17.63 -18.40
CA ASP D 262 -38.27 17.13 -17.07
C ASP D 262 -38.04 15.63 -17.11
N VAL D 263 -36.80 15.20 -16.90
CA VAL D 263 -36.46 13.79 -16.99
C VAL D 263 -35.93 13.27 -15.65
N ILE D 264 -36.02 11.95 -15.45
CA ILE D 264 -35.66 11.33 -14.19
C ILE D 264 -34.92 10.04 -14.45
N ILE D 265 -33.64 9.97 -14.10
CA ILE D 265 -32.87 8.74 -14.33
C ILE D 265 -32.69 7.98 -13.01
N LEU D 266 -33.10 6.72 -12.99
CA LEU D 266 -32.90 5.86 -11.81
C LEU D 266 -31.79 4.88 -12.07
N LEU D 267 -30.61 5.12 -11.51
CA LEU D 267 -29.45 4.27 -11.80
C LEU D 267 -29.18 3.32 -10.63
N ASP D 268 -29.27 2.03 -10.89
CA ASP D 268 -28.95 1.03 -9.89
C ASP D 268 -27.46 0.71 -9.97
N SER D 269 -26.79 0.80 -8.83
CA SER D 269 -25.35 0.54 -8.75
C SER D 269 -24.55 1.54 -9.55
N ILE D 270 -24.58 2.80 -9.14
CA ILE D 270 -23.77 3.82 -9.77
C ILE D 270 -22.29 3.51 -9.57
N THR D 271 -21.98 2.94 -8.40
CA THR D 271 -20.59 2.63 -8.06
C THR D 271 -20.06 1.55 -8.99
N ARG D 272 -20.95 0.68 -9.45
CA ARG D 272 -20.57 -0.33 -10.43
C ARG D 272 -20.06 0.36 -11.70
N LEU D 273 -20.72 1.44 -12.09
CA LEU D 273 -20.30 2.20 -13.26
C LEU D 273 -18.94 2.81 -13.00
N ALA D 274 -18.71 3.25 -11.76
CA ALA D 274 -17.42 3.84 -11.38
C ALA D 274 -16.30 2.79 -11.53
N ARG D 275 -16.58 1.55 -11.16
CA ARG D 275 -15.62 0.47 -11.34
C ARG D 275 -15.40 0.17 -12.81
N ALA D 276 -16.50 0.18 -13.58
CA ALA D 276 -16.44 -0.08 -15.01
C ALA D 276 -15.53 0.95 -15.68
N TYR D 277 -15.67 2.21 -15.27
CA TYR D 277 -14.81 3.27 -15.77
C TYR D 277 -13.38 3.00 -15.36
N ASN D 278 -13.20 2.56 -14.12
CA ASN D 278 -11.88 2.35 -13.58
C ASN D 278 -11.05 1.43 -14.49
N THR D 279 -11.64 0.30 -14.87
CA THR D 279 -10.94 -0.67 -15.72
C THR D 279 -10.66 -0.05 -17.09
N VAL D 280 -11.63 0.70 -17.60
CA VAL D 280 -11.54 1.35 -18.92
C VAL D 280 -10.49 2.47 -18.93
N VAL D 281 -10.26 3.10 -17.79
CA VAL D 281 -9.38 4.26 -17.72
C VAL D 281 -7.90 3.87 -17.91
N PRO D 282 -7.14 4.66 -18.71
CA PRO D 282 -5.69 4.50 -18.85
C PRO D 282 -4.95 4.80 -17.53
N ALA D 283 -4.13 3.87 -17.07
CA ALA D 283 -3.41 4.07 -15.80
C ALA D 283 -2.57 5.34 -15.82
N SER D 284 -2.76 6.20 -14.83
CA SER D 284 -1.96 7.43 -14.70
C SER D 284 -0.90 7.24 -13.62
N GLY D 285 -0.87 6.07 -13.01
CA GLY D 285 -0.07 5.85 -11.82
C GLY D 285 -0.80 6.46 -10.63
N LYS D 286 -0.06 6.97 -9.65
CA LYS D 286 -0.63 7.58 -8.43
C LYS D 286 -1.96 6.92 -8.02
N VAL D 287 -2.00 5.59 -7.97
CA VAL D 287 -3.23 4.91 -7.59
C VAL D 287 -3.71 5.39 -6.21
N LEU D 288 -4.93 5.91 -6.12
CA LEU D 288 -5.47 6.39 -4.86
C LEU D 288 -5.74 5.24 -3.87
N THR D 289 -6.35 5.58 -2.73
CA THR D 289 -6.70 4.58 -1.73
C THR D 289 -7.75 3.61 -2.25
N GLY D 290 -7.63 2.33 -1.90
CA GLY D 290 -8.61 1.32 -2.30
C GLY D 290 -8.41 0.86 -3.75
N GLY D 291 -7.21 1.04 -4.30
CA GLY D 291 -6.89 0.58 -5.64
C GLY D 291 -7.66 1.35 -6.70
N VAL D 292 -8.05 2.59 -6.37
CA VAL D 292 -8.78 3.43 -7.33
C VAL D 292 -7.83 4.44 -7.97
N ASP D 293 -7.77 4.47 -9.30
CA ASP D 293 -6.92 5.44 -10.00
C ASP D 293 -7.40 6.87 -9.74
N ALA D 294 -6.52 7.87 -9.90
CA ALA D 294 -6.85 9.26 -9.61
C ALA D 294 -7.80 9.87 -10.65
N ASN D 295 -7.61 9.51 -11.92
CA ASN D 295 -8.38 10.14 -13.00
C ASN D 295 -9.62 9.33 -13.36
N ALA D 296 -9.77 8.17 -12.75
CA ALA D 296 -10.86 7.26 -13.11
C ALA D 296 -12.22 7.76 -12.63
N LEU D 297 -12.21 8.72 -11.69
CA LEU D 297 -13.45 9.23 -11.12
C LEU D 297 -13.87 10.55 -11.75
N HIS D 298 -13.17 10.96 -12.80
CA HIS D 298 -13.53 12.19 -13.50
C HIS D 298 -14.83 11.93 -14.30
N ARG D 299 -14.77 10.97 -15.21
CA ARG D 299 -15.91 10.69 -16.08
C ARG D 299 -17.18 10.44 -15.28
N PRO D 300 -17.10 9.52 -14.28
CA PRO D 300 -18.28 9.20 -13.46
C PRO D 300 -18.79 10.41 -12.67
N LYS D 301 -17.88 11.23 -12.16
CA LYS D 301 -18.28 12.44 -11.44
C LYS D 301 -19.01 13.35 -12.42
N ARG D 302 -18.58 13.32 -13.66
CA ARG D 302 -19.14 14.18 -14.69
C ARG D 302 -20.53 13.66 -15.09
N PHE D 303 -20.70 12.35 -14.99
CA PHE D 303 -21.95 11.72 -15.35
C PHE D 303 -23.01 12.05 -14.30
N PHE D 304 -22.61 11.98 -13.03
CA PHE D 304 -23.51 12.25 -11.93
C PHE D 304 -23.79 13.74 -11.83
N GLY D 305 -22.74 14.55 -11.89
CA GLY D 305 -22.86 16.00 -11.82
C GLY D 305 -23.65 16.56 -12.99
N ALA D 306 -24.08 15.68 -13.91
CA ALA D 306 -24.84 16.11 -15.10
C ALA D 306 -26.26 16.56 -14.73
N ALA D 307 -26.89 15.84 -13.80
CA ALA D 307 -28.24 16.20 -13.34
C ALA D 307 -28.23 17.60 -12.77
N ARG D 308 -29.27 18.39 -13.03
CA ARG D 308 -29.29 19.76 -12.50
C ARG D 308 -30.68 20.39 -12.71
N ASN D 309 -30.80 21.67 -12.36
CA ASN D 309 -32.06 22.36 -12.52
C ASN D 309 -31.87 23.60 -13.39
N VAL D 310 -32.68 23.74 -14.44
CA VAL D 310 -32.47 24.82 -15.40
C VAL D 310 -33.40 26.00 -15.15
N GLU D 311 -32.89 27.20 -15.36
CA GLU D 311 -33.65 28.43 -15.11
C GLU D 311 -34.50 28.78 -16.31
N GLU D 312 -34.42 27.99 -17.37
CA GLU D 312 -35.12 28.27 -18.61
C GLU D 312 -36.14 27.19 -18.92
N GLY D 313 -36.24 26.16 -18.09
CA GLY D 313 -37.23 25.11 -18.30
C GLY D 313 -36.64 23.72 -18.24
N GLY D 314 -37.49 22.73 -18.04
CA GLY D 314 -37.07 21.34 -17.96
C GLY D 314 -36.03 21.13 -16.86
N SER D 315 -35.62 19.88 -16.66
CA SER D 315 -34.61 19.58 -15.66
C SER D 315 -34.19 18.12 -15.78
N LEU D 316 -33.05 17.76 -15.18
CA LEU D 316 -32.59 16.38 -15.17
C LEU D 316 -32.27 15.97 -13.73
N THR D 317 -32.87 14.89 -13.26
CA THR D 317 -32.66 14.43 -11.90
C THR D 317 -32.13 13.02 -11.89
N ILE D 318 -31.08 12.76 -11.12
CA ILE D 318 -30.51 11.42 -11.05
C ILE D 318 -30.46 10.91 -9.61
N ILE D 319 -31.04 9.74 -9.38
CA ILE D 319 -31.00 9.09 -8.08
C ILE D 319 -30.34 7.73 -8.25
N ALA D 320 -29.18 7.50 -7.63
CA ALA D 320 -28.46 6.25 -7.86
C ALA D 320 -28.12 5.59 -6.53
N THR D 321 -27.78 4.31 -6.54
CA THR D 321 -27.46 3.60 -5.31
C THR D 321 -25.94 3.48 -5.09
N ALA D 322 -25.49 3.81 -3.89
CA ALA D 322 -24.07 3.71 -3.53
C ALA D 322 -23.84 2.51 -2.63
N LEU D 323 -22.61 1.99 -2.62
CA LEU D 323 -22.28 0.80 -1.85
C LEU D 323 -21.26 1.15 -0.77
N ILE D 324 -21.59 0.89 0.50
CA ILE D 324 -20.63 1.16 1.59
C ILE D 324 -20.44 -0.08 2.46
N ASP D 325 -19.38 -0.06 3.27
CA ASP D 325 -19.12 -1.16 4.19
C ASP D 325 -19.14 -2.50 3.43
N THR D 326 -18.11 -2.77 2.64
CA THR D 326 -18.09 -3.99 1.85
C THR D 326 -16.72 -4.64 1.93
N GLY D 327 -15.91 -4.22 2.91
CA GLY D 327 -14.57 -4.76 3.08
C GLY D 327 -13.56 -4.03 2.20
N SER D 328 -14.05 -3.31 1.20
CA SER D 328 -13.16 -2.58 0.27
C SER D 328 -13.20 -1.08 0.55
N LYS D 329 -12.07 -0.42 0.32
CA LYS D 329 -11.95 1.03 0.40
C LYS D 329 -12.58 1.73 -0.81
N ASP D 331 -15.15 1.51 -2.41
CA ASP D 331 -16.53 1.92 -2.17
C ASP D 331 -16.59 3.15 -1.27
N GLU D 332 -15.83 3.14 -0.17
CA GLU D 332 -15.77 4.30 0.74
C GLU D 332 -15.36 5.53 -0.05
N VAL D 333 -14.30 5.40 -0.85
CA VAL D 333 -13.81 6.50 -1.68
C VAL D 333 -14.91 7.01 -2.63
N ILE D 334 -15.56 6.10 -3.34
CA ILE D 334 -16.59 6.48 -4.30
C ILE D 334 -17.79 7.15 -3.60
N TYR D 335 -18.07 6.71 -2.39
CA TYR D 335 -19.16 7.29 -1.62
C TYR D 335 -18.87 8.78 -1.34
N GLU D 336 -17.65 9.09 -0.94
CA GLU D 336 -17.25 10.46 -0.62
C GLU D 336 -17.13 11.32 -1.88
N GLU D 337 -16.72 10.69 -2.98
CA GLU D 337 -16.50 11.42 -4.23
C GLU D 337 -17.83 11.90 -4.80
N PHE D 338 -18.89 11.12 -4.58
CA PHE D 338 -20.21 11.52 -5.06
C PHE D 338 -20.98 12.34 -4.03
N LYS D 339 -20.76 12.04 -2.76
CA LYS D 339 -21.42 12.78 -1.70
C LYS D 339 -21.02 14.25 -1.78
N GLY D 340 -19.80 14.48 -2.31
CA GLY D 340 -19.26 15.83 -2.46
C GLY D 340 -19.68 16.46 -3.78
N THR D 341 -20.70 15.87 -4.42
CA THR D 341 -21.20 16.39 -5.68
C THR D 341 -22.72 16.41 -5.70
N GLY D 342 -23.35 15.45 -5.03
CA GLY D 342 -24.80 15.32 -5.03
C GLY D 342 -25.46 16.33 -4.10
N ASN D 343 -26.79 16.40 -4.16
CA ASN D 343 -27.54 17.33 -3.32
C ASN D 343 -28.31 16.58 -2.24
N GLU D 345 -28.64 12.64 0.05
CA GLU D 345 -28.05 11.34 0.41
C GLU D 345 -28.99 10.61 1.35
N LEU D 346 -29.23 9.32 1.09
CA LEU D 346 -30.09 8.53 1.96
C LEU D 346 -29.41 7.23 2.34
N HIS D 347 -29.11 7.05 3.63
CA HIS D 347 -28.38 5.87 4.07
C HIS D 347 -29.32 4.79 4.60
N LEU D 348 -28.97 3.53 4.36
CA LEU D 348 -29.71 2.41 4.93
C LEU D 348 -28.71 1.58 5.73
N SER D 349 -29.15 1.01 6.87
CA SER D 349 -28.25 0.26 7.74
C SER D 349 -28.35 -1.23 7.46
N ARG D 350 -27.22 -1.92 7.54
CA ARG D 350 -27.19 -3.36 7.35
C ARG D 350 -27.84 -4.08 8.54
N LYS D 351 -28.28 -3.31 9.53
CA LYS D 351 -28.80 -3.87 10.78
C LYS D 351 -30.31 -3.68 10.89
N ILE D 352 -30.81 -2.58 10.35
CA ILE D 352 -32.25 -2.35 10.34
C ILE D 352 -32.89 -3.26 9.28
N ALA D 353 -32.08 -4.09 8.66
CA ALA D 353 -32.56 -5.00 7.63
C ALA D 353 -32.45 -6.46 8.11
N GLU D 354 -31.44 -6.73 8.94
CA GLU D 354 -31.28 -8.07 9.52
C GLU D 354 -32.36 -8.32 10.57
N LYS D 355 -32.90 -7.24 11.13
CA LYS D 355 -34.06 -7.34 12.02
C LYS D 355 -35.32 -7.59 11.21
N ARG D 356 -35.24 -7.29 9.91
CA ARG D 356 -36.38 -7.39 9.00
C ARG D 356 -37.31 -6.17 9.08
N VAL D 357 -36.84 -5.08 9.68
CA VAL D 357 -37.64 -3.87 9.85
C VAL D 357 -37.50 -3.01 8.60
N PHE D 358 -38.60 -2.64 7.97
CA PHE D 358 -38.53 -1.87 6.70
C PHE D 358 -39.46 -0.66 6.66
N PRO D 359 -39.01 0.41 5.97
CA PRO D 359 -37.74 0.41 5.26
C PRO D 359 -36.60 0.57 6.26
N ALA D 360 -35.45 -0.07 6.02
CA ALA D 360 -34.36 -0.02 6.98
C ALA D 360 -33.53 1.25 6.76
N ILE D 361 -34.15 2.41 6.94
CA ILE D 361 -33.46 3.68 6.71
C ILE D 361 -32.68 4.11 7.94
N ASP D 362 -31.51 4.71 7.72
CA ASP D 362 -30.76 5.32 8.81
C ASP D 362 -31.12 6.81 8.84
N TYR D 363 -32.27 7.14 9.45
CA TYR D 363 -32.79 8.49 9.44
C TYR D 363 -31.74 9.50 9.93
N ASN D 364 -30.73 9.04 10.65
CA ASN D 364 -29.72 9.96 11.20
C ASN D 364 -28.70 10.46 10.17
N ARG D 365 -28.41 9.62 9.18
CA ARG D 365 -27.44 9.99 8.13
C ARG D 365 -28.12 10.48 6.87
N SER D 366 -29.44 10.31 6.78
CA SER D 366 -30.19 10.74 5.60
C SER D 366 -30.47 12.25 5.65
N GLY D 367 -30.87 12.82 4.52
CA GLY D 367 -31.20 14.24 4.47
C GLY D 367 -30.74 14.87 3.16
N THR D 368 -31.41 15.93 2.72
CA THR D 368 -31.02 16.63 1.52
C THR D 368 -30.50 18.01 1.84
N ARG D 369 -29.94 18.68 0.84
CA ARG D 369 -29.41 20.02 1.03
C ARG D 369 -30.42 21.02 0.54
N LYS D 370 -30.42 22.19 1.15
CA LYS D 370 -31.37 23.25 0.77
C LYS D 370 -32.82 22.74 0.80
N GLU D 371 -33.29 22.29 1.97
CA GLU D 371 -34.65 21.76 2.11
C GLU D 371 -35.69 22.86 2.16
N GLU D 372 -35.27 24.04 2.60
CA GLU D 372 -36.20 25.16 2.78
C GLU D 372 -36.78 25.65 1.45
N LEU D 373 -36.32 25.07 0.34
CA LEU D 373 -36.84 25.45 -0.99
C LEU D 373 -37.84 24.41 -1.47
N LEU D 374 -37.75 23.20 -0.90
CA LEU D 374 -38.61 22.10 -1.29
C LEU D 374 -39.72 21.88 -0.25
N THR D 375 -39.95 22.86 0.62
CA THR D 375 -40.94 22.68 1.68
C THR D 375 -41.38 24.02 2.27
N THR D 376 -42.57 24.04 2.89
CA THR D 376 -43.04 25.21 3.63
C THR D 376 -42.51 25.23 5.05
N GLN D 377 -42.25 26.43 5.58
CA GLN D 377 -41.65 26.58 6.89
C GLN D 377 -42.26 25.59 7.90
N GLU D 378 -43.57 25.34 7.77
CA GLU D 378 -44.31 24.49 8.71
C GLU D 378 -43.84 23.05 8.61
N GLU D 379 -43.87 22.49 7.40
CA GLU D 379 -43.39 21.14 7.18
C GLU D 379 -41.90 21.08 7.53
N LEU D 380 -41.19 22.16 7.24
CA LEU D 380 -39.76 22.26 7.51
C LEU D 380 -39.45 21.99 8.98
N GLN D 381 -39.91 22.87 9.86
CA GLN D 381 -39.60 22.74 11.29
C GLN D 381 -40.39 21.58 11.93
N LYS D 382 -41.41 21.09 11.21
CA LYS D 382 -42.07 19.85 11.63
C LYS D 382 -41.05 18.71 11.53
N TRP D 384 -37.92 19.15 11.27
CA TRP D 384 -36.80 19.55 12.11
C TRP D 384 -37.01 19.02 13.54
N ILE D 385 -38.24 19.11 14.03
CA ILE D 385 -38.58 18.51 15.31
C ILE D 385 -38.43 17.00 15.22
N LEU D 386 -39.09 16.38 14.25
CA LEU D 386 -39.00 14.94 14.05
C LEU D 386 -37.53 14.50 14.06
N ARG D 387 -36.67 15.36 13.54
CA ARG D 387 -35.23 15.08 13.51
C ARG D 387 -34.64 15.12 14.92
N LYS D 388 -34.78 16.28 15.57
CA LYS D 388 -34.32 16.47 16.95
C LYS D 388 -34.68 15.28 17.84
N ILE D 389 -35.96 14.92 17.82
CA ILE D 389 -36.49 13.89 18.70
C ILE D 389 -35.82 12.54 18.45
N ILE D 390 -35.42 12.27 17.20
CA ILE D 390 -34.90 10.97 16.82
C ILE D 390 -33.38 10.84 16.94
N HIS D 391 -32.67 11.92 16.69
CA HIS D 391 -31.19 11.90 16.69
C HIS D 391 -30.59 11.07 17.85
N PRO D 392 -31.08 11.28 19.08
CA PRO D 392 -30.46 10.62 20.26
C PRO D 392 -30.61 9.09 20.25
N GLY D 394 -31.24 5.01 18.57
CA GLY D 394 -30.36 4.11 17.83
C GLY D 394 -30.86 3.91 16.41
N GLU D 395 -30.22 3.02 15.64
CA GLU D 395 -30.62 2.81 14.25
C GLU D 395 -31.98 2.08 14.17
N ILE D 396 -32.06 0.87 14.72
CA ILE D 396 -33.30 0.10 14.63
C ILE D 396 -34.36 0.79 15.48
N ASP D 397 -33.98 1.17 16.69
CA ASP D 397 -34.88 1.86 17.62
C ASP D 397 -35.57 3.02 16.91
N ALA D 398 -34.77 3.99 16.47
CA ALA D 398 -35.35 5.16 15.80
C ALA D 398 -36.37 4.72 14.75
N GLU D 400 -38.12 1.56 13.99
CA GLU D 400 -39.35 1.00 14.55
C GLU D 400 -40.16 2.15 15.10
N PHE D 401 -39.57 2.90 16.03
CA PHE D 401 -40.21 4.09 16.57
C PHE D 401 -40.89 4.89 15.45
N LEU D 402 -40.07 5.50 14.60
CA LEU D 402 -40.53 6.26 13.44
C LEU D 402 -41.73 5.61 12.72
N ILE D 403 -41.57 4.35 12.32
CA ILE D 403 -42.57 3.66 11.51
C ILE D 403 -43.95 3.60 12.17
N ASN D 404 -44.06 2.85 13.25
CA ASN D 404 -45.35 2.64 13.91
C ASN D 404 -45.97 3.97 14.36
N LYS D 405 -45.17 5.03 14.44
CA LYS D 405 -45.71 6.34 14.81
C LYS D 405 -46.56 6.92 13.66
N LEU D 406 -46.43 6.33 12.47
CA LEU D 406 -47.15 6.80 11.28
C LEU D 406 -47.80 5.63 10.55
N ALA D 407 -47.63 4.41 11.06
CA ALA D 407 -48.25 3.24 10.45
C ALA D 407 -49.76 3.47 10.33
N THR D 409 -51.43 6.52 10.03
CA THR D 409 -51.93 7.82 9.54
C THR D 409 -51.31 8.29 8.23
N LYS D 410 -51.95 9.27 7.61
CA LYS D 410 -51.42 9.89 6.41
C LYS D 410 -50.22 10.77 6.79
N THR D 411 -49.44 11.22 5.81
CA THR D 411 -48.26 12.04 6.12
C THR D 411 -48.66 13.34 6.82
N ASN D 412 -49.53 14.10 6.19
CA ASN D 412 -50.11 15.30 6.79
C ASN D 412 -50.93 14.99 8.07
N ASP D 413 -51.72 13.93 8.06
CA ASP D 413 -52.51 13.57 9.25
C ASP D 413 -51.57 13.36 10.42
N ASP D 414 -50.60 12.48 10.24
CA ASP D 414 -49.58 12.25 11.25
C ASP D 414 -49.08 13.58 11.82
N PHE D 415 -48.78 14.52 10.93
CA PHE D 415 -48.29 15.83 11.34
C PHE D 415 -49.27 16.49 12.33
N PHE D 416 -50.49 16.80 11.87
CA PHE D 416 -51.50 17.39 12.73
C PHE D 416 -51.51 16.75 14.13
N GLU D 417 -51.55 15.42 14.15
CA GLU D 417 -51.51 14.67 15.40
C GLU D 417 -50.31 15.09 16.25
N ASN E 5 -18.74 -50.52 -27.94
CA ASN E 5 -18.77 -49.05 -27.74
C ASN E 5 -17.55 -48.53 -27.00
N LEU E 6 -16.83 -47.59 -27.61
CA LEU E 6 -15.62 -47.04 -27.04
C LEU E 6 -15.75 -46.76 -25.53
N THR E 7 -16.67 -45.87 -25.17
CA THR E 7 -16.82 -45.45 -23.77
C THR E 7 -16.82 -46.67 -22.85
N GLU E 8 -17.69 -47.63 -23.16
CA GLU E 8 -17.83 -48.81 -22.30
C GLU E 8 -16.51 -49.58 -22.26
N LEU E 9 -15.93 -49.86 -23.43
CA LEU E 9 -14.66 -50.58 -23.48
C LEU E 9 -13.60 -49.87 -22.64
N LYS E 10 -13.71 -48.54 -22.54
CA LYS E 10 -12.72 -47.75 -21.81
C LYS E 10 -12.83 -47.94 -20.28
N ASN E 11 -14.05 -47.84 -19.75
CA ASN E 11 -14.23 -48.01 -18.31
C ASN E 11 -14.15 -49.49 -17.90
N THR E 12 -14.38 -50.39 -18.85
CA THR E 12 -14.26 -51.83 -18.61
C THR E 12 -12.87 -52.16 -18.04
N PRO E 13 -12.81 -53.01 -16.99
CA PRO E 13 -11.54 -53.43 -16.36
C PRO E 13 -10.59 -54.12 -17.35
N VAL E 14 -9.30 -53.83 -17.23
CA VAL E 14 -8.29 -54.39 -18.13
C VAL E 14 -8.36 -55.92 -18.24
N SER E 15 -8.49 -56.61 -17.10
CA SER E 15 -8.41 -58.07 -17.08
C SER E 15 -9.69 -58.70 -17.64
N GLU E 16 -10.82 -58.05 -17.42
CA GLU E 16 -12.12 -58.62 -17.81
C GLU E 16 -12.22 -58.89 -19.31
N LEU E 17 -12.09 -57.84 -20.13
CA LEU E 17 -12.32 -57.96 -21.56
C LEU E 17 -11.20 -58.73 -22.29
N ILE E 18 -10.26 -59.30 -21.54
CA ILE E 18 -9.19 -60.10 -22.14
C ILE E 18 -9.80 -61.35 -22.81
N THR E 19 -10.82 -61.91 -22.19
CA THR E 19 -11.56 -63.04 -22.78
C THR E 19 -12.10 -62.64 -24.15
N LEU E 20 -12.90 -61.57 -24.16
CA LEU E 20 -13.43 -60.99 -25.39
C LEU E 20 -12.36 -60.94 -26.50
N GLY E 21 -11.16 -60.46 -26.16
CA GLY E 21 -10.10 -60.24 -27.13
C GLY E 21 -9.83 -61.43 -28.05
N GLU E 22 -9.69 -62.63 -27.47
CA GLU E 22 -9.32 -63.81 -28.25
C GLU E 22 -10.46 -64.30 -29.15
N ASN E 23 -11.70 -64.21 -28.67
CA ASN E 23 -12.85 -64.53 -29.51
C ASN E 23 -12.91 -63.53 -30.66
N ARG E 33 -0.16 -52.87 -24.55
CA ARG E 33 -0.72 -51.71 -23.87
C ARG E 33 -2.23 -51.79 -23.92
N LYS E 34 -2.92 -51.39 -22.85
CA LYS E 34 -4.37 -51.38 -22.87
C LYS E 34 -4.92 -50.35 -23.87
N GLN E 35 -4.31 -49.17 -23.91
CA GLN E 35 -4.74 -48.14 -24.86
C GLN E 35 -4.49 -48.68 -26.26
N ASP E 36 -3.36 -49.37 -26.42
CA ASP E 36 -3.00 -50.01 -27.68
C ASP E 36 -4.08 -51.00 -28.06
N ILE E 37 -4.48 -51.80 -27.08
CA ILE E 37 -5.46 -52.85 -27.30
C ILE E 37 -6.81 -52.25 -27.64
N ILE E 38 -7.24 -51.24 -26.88
CA ILE E 38 -8.49 -50.58 -27.17
C ILE E 38 -8.50 -50.10 -28.63
N PHE E 39 -7.40 -49.48 -29.07
CA PHE E 39 -7.26 -49.07 -30.46
C PHE E 39 -7.42 -50.30 -31.34
N ALA E 40 -6.65 -51.34 -31.03
CA ALA E 40 -6.75 -52.60 -31.76
C ALA E 40 -8.20 -53.07 -31.79
N ILE E 41 -8.81 -53.18 -30.62
CA ILE E 41 -10.15 -53.75 -30.48
C ILE E 41 -11.21 -53.00 -31.31
N LEU E 42 -11.17 -51.67 -31.34
CA LEU E 42 -12.12 -50.92 -32.17
C LEU E 42 -11.83 -51.17 -33.64
N LYS E 43 -10.55 -51.19 -34.00
CA LYS E 43 -10.15 -51.29 -35.40
C LYS E 43 -10.63 -52.62 -36.02
N GLN E 44 -10.68 -53.69 -35.21
CA GLN E 44 -11.24 -54.95 -35.67
C GLN E 44 -12.76 -54.91 -35.69
N HIS E 45 -13.32 -54.04 -34.85
CA HIS E 45 -14.76 -53.84 -34.87
C HIS E 45 -15.12 -53.01 -36.11
N ALA E 46 -14.15 -52.32 -36.67
CA ALA E 46 -14.38 -51.45 -37.83
C ALA E 46 -13.99 -52.14 -39.14
N LYS E 47 -13.13 -53.16 -39.06
CA LYS E 47 -12.66 -53.83 -40.26
C LYS E 47 -13.82 -54.29 -41.13
N SER E 48 -14.74 -55.05 -40.53
CA SER E 48 -15.85 -55.65 -41.27
C SER E 48 -16.93 -54.61 -41.60
N GLY E 49 -16.86 -53.45 -40.97
CA GLY E 49 -17.86 -52.42 -41.19
C GLY E 49 -18.81 -52.29 -39.99
N GLU E 50 -18.57 -53.07 -38.94
CA GLU E 50 -19.38 -52.94 -37.72
C GLU E 50 -19.17 -51.54 -37.15
N ASP E 51 -20.25 -50.93 -36.69
CA ASP E 51 -20.19 -49.54 -36.20
C ASP E 51 -19.40 -49.39 -34.91
N ILE E 52 -18.98 -48.18 -34.63
CA ILE E 52 -18.36 -47.84 -33.34
C ILE E 52 -19.15 -46.68 -32.73
N PHE E 53 -19.15 -46.57 -31.41
CA PHE E 53 -19.88 -45.47 -30.76
C PHE E 53 -19.10 -44.87 -29.61
N GLY E 54 -19.00 -43.54 -29.60
CA GLY E 54 -18.28 -42.85 -28.56
C GLY E 54 -19.11 -41.69 -28.03
N ASP E 55 -18.60 -41.00 -27.01
CA ASP E 55 -19.34 -39.88 -26.41
C ASP E 55 -18.38 -38.92 -25.75
N GLY E 56 -18.77 -37.65 -25.68
CA GLY E 56 -17.95 -36.65 -25.03
C GLY E 56 -18.61 -35.28 -25.05
N VAL E 57 -17.94 -34.29 -24.48
CA VAL E 57 -18.46 -32.92 -24.43
C VAL E 57 -17.60 -32.04 -25.35
N LEU E 58 -18.21 -31.42 -26.36
CA LEU E 58 -17.44 -30.71 -27.36
C LEU E 58 -16.70 -29.50 -26.77
N GLU E 59 -15.46 -29.29 -27.20
CA GLU E 59 -14.72 -28.08 -26.81
C GLU E 59 -14.22 -27.35 -28.06
N ILE E 60 -14.98 -26.37 -28.52
CA ILE E 60 -14.60 -25.58 -29.68
C ILE E 60 -13.22 -24.96 -29.44
N LEU E 61 -12.39 -24.88 -30.48
CA LEU E 61 -11.07 -24.28 -30.35
C LEU E 61 -10.92 -23.08 -31.30
N GLN E 62 -9.76 -22.45 -31.25
CA GLN E 62 -9.50 -21.26 -32.04
C GLN E 62 -9.59 -21.55 -33.54
N ASP E 63 -9.10 -22.72 -33.95
CA ASP E 63 -9.13 -23.10 -35.35
C ASP E 63 -10.57 -23.26 -35.86
N GLY E 64 -11.52 -23.39 -34.92
CA GLY E 64 -12.91 -23.54 -35.28
C GLY E 64 -13.38 -24.98 -35.11
N PHE E 65 -12.44 -25.92 -34.99
CA PHE E 65 -12.80 -27.33 -34.80
C PHE E 65 -12.66 -27.68 -33.31
N GLY E 66 -13.40 -28.70 -32.86
CA GLY E 66 -13.45 -29.01 -31.43
C GLY E 66 -13.19 -30.47 -31.09
N PHE E 67 -12.91 -30.75 -29.82
CA PHE E 67 -12.71 -32.11 -29.34
C PHE E 67 -13.85 -32.56 -28.45
N LEU E 68 -13.91 -33.84 -28.11
CA LEU E 68 -14.90 -34.36 -27.17
C LEU E 68 -14.21 -34.79 -25.88
N ARG E 69 -14.37 -34.00 -24.81
CA ARG E 69 -13.70 -34.26 -23.52
C ARG E 69 -14.42 -35.37 -22.75
N SER E 70 -13.68 -36.10 -21.91
CA SER E 70 -14.28 -37.16 -21.10
C SER E 70 -14.24 -36.77 -19.61
N ALA E 71 -15.13 -37.34 -18.81
CA ALA E 71 -15.22 -36.99 -17.39
C ALA E 71 -14.05 -37.54 -16.56
N ASP E 72 -13.51 -38.70 -16.96
CA ASP E 72 -12.38 -39.29 -16.24
C ASP E 72 -11.13 -38.40 -16.41
N SER E 73 -11.03 -37.74 -17.56
CA SER E 73 -9.93 -36.79 -17.78
C SER E 73 -10.23 -35.49 -17.03
N SER E 74 -11.41 -35.41 -16.40
CA SER E 74 -11.93 -34.17 -15.82
C SER E 74 -12.02 -33.10 -16.93
N TYR E 75 -12.32 -33.54 -18.14
CA TYR E 75 -12.44 -32.66 -19.30
C TYR E 75 -11.07 -32.09 -19.67
N LEU E 76 -10.03 -32.83 -19.28
CA LEU E 76 -8.66 -32.52 -19.64
C LEU E 76 -8.44 -32.98 -21.10
N ALA E 77 -7.39 -32.49 -21.74
CA ALA E 77 -6.97 -33.05 -23.03
C ALA E 77 -6.93 -34.57 -22.93
N GLY E 78 -7.64 -35.27 -23.81
CA GLY E 78 -7.73 -36.72 -23.74
C GLY E 78 -7.30 -37.39 -25.03
N PRO E 79 -6.48 -38.46 -24.93
CA PRO E 79 -6.00 -39.24 -26.10
C PRO E 79 -7.15 -39.91 -26.88
N ASP E 80 -8.24 -40.28 -26.20
CA ASP E 80 -9.33 -40.96 -26.87
C ASP E 80 -10.41 -40.01 -27.36
N ASP E 81 -10.10 -38.71 -27.38
CA ASP E 81 -11.11 -37.71 -27.73
C ASP E 81 -11.54 -37.78 -29.18
N ILE E 82 -12.75 -37.30 -29.45
CA ILE E 82 -13.30 -37.33 -30.80
C ILE E 82 -13.23 -35.95 -31.43
N TYR E 83 -12.45 -35.84 -32.51
CA TYR E 83 -12.40 -34.62 -33.29
C TYR E 83 -13.78 -34.31 -33.89
N VAL E 84 -14.13 -33.03 -33.98
CA VAL E 84 -15.41 -32.61 -34.53
C VAL E 84 -15.17 -31.56 -35.61
N SER E 85 -15.40 -31.91 -36.87
CA SER E 85 -15.18 -30.97 -37.97
C SER E 85 -16.03 -29.70 -37.78
N PRO E 86 -15.42 -28.52 -37.98
CA PRO E 86 -16.20 -27.28 -37.94
C PRO E 86 -17.40 -27.37 -38.88
N SER E 87 -17.30 -28.22 -39.90
CA SER E 87 -18.39 -28.43 -40.84
C SER E 87 -19.65 -28.83 -40.06
N GLN E 88 -19.51 -29.83 -39.20
CA GLN E 88 -20.64 -30.35 -38.43
C GLN E 88 -21.13 -29.32 -37.43
N ILE E 89 -20.20 -28.65 -36.76
CA ILE E 89 -20.57 -27.62 -35.79
C ILE E 89 -21.55 -26.65 -36.42
N ARG E 90 -21.19 -26.11 -37.58
CA ARG E 90 -22.06 -25.19 -38.30
C ARG E 90 -23.42 -25.82 -38.58
N ARG E 91 -23.43 -27.12 -38.84
CA ARG E 91 -24.65 -27.82 -39.20
C ARG E 91 -25.71 -27.64 -38.11
N PHE E 92 -25.30 -27.72 -36.84
CA PHE E 92 -26.24 -27.51 -35.73
C PHE E 92 -25.80 -26.36 -34.84
N ASN E 93 -24.98 -25.46 -35.39
CA ASN E 93 -24.46 -24.30 -34.66
C ASN E 93 -24.12 -24.63 -33.19
N LEU E 94 -23.31 -25.67 -32.97
CA LEU E 94 -23.00 -26.14 -31.62
C LEU E 94 -22.12 -25.15 -30.85
N ARG E 95 -21.99 -25.37 -29.54
CA ARG E 95 -21.12 -24.54 -28.69
C ARG E 95 -20.44 -25.39 -27.65
N THR E 96 -19.31 -24.90 -27.14
CA THR E 96 -18.54 -25.66 -26.16
C THR E 96 -19.44 -26.05 -24.97
N GLY E 97 -19.31 -27.29 -24.49
CA GLY E 97 -20.08 -27.72 -23.34
C GLY E 97 -21.23 -28.65 -23.74
N ASP E 98 -21.57 -28.68 -25.02
CA ASP E 98 -22.62 -29.56 -25.52
C ASP E 98 -22.19 -31.01 -25.35
N THR E 99 -23.12 -31.88 -24.96
CA THR E 99 -22.83 -33.32 -24.92
C THR E 99 -23.23 -33.94 -26.26
N ILE E 100 -22.31 -34.67 -26.90
CA ILE E 100 -22.57 -35.23 -28.20
C ILE E 100 -22.26 -36.71 -28.23
N SER E 101 -22.98 -37.45 -29.08
CA SER E 101 -22.69 -38.85 -29.32
C SER E 101 -23.21 -39.23 -30.71
N GLY E 102 -22.54 -40.15 -31.40
CA GLY E 102 -22.97 -40.56 -32.72
C GLY E 102 -22.01 -41.54 -33.36
N LYS E 103 -22.23 -41.85 -34.64
CA LYS E 103 -21.37 -42.79 -35.37
C LYS E 103 -19.96 -42.24 -35.48
N ILE E 104 -18.95 -43.11 -35.49
CA ILE E 104 -17.58 -42.66 -35.67
C ILE E 104 -16.75 -43.72 -36.38
N ARG E 105 -15.61 -43.33 -36.93
CA ARG E 105 -14.72 -44.29 -37.59
C ARG E 105 -13.33 -44.26 -36.95
N PRO E 106 -12.54 -45.33 -37.15
CA PRO E 106 -11.21 -45.45 -36.53
C PRO E 106 -10.23 -44.50 -37.20
N PRO E 107 -9.29 -43.94 -36.43
CA PRO E 107 -8.33 -43.01 -37.04
C PRO E 107 -7.53 -43.67 -38.14
N LYS E 108 -7.41 -42.98 -39.27
CA LYS E 108 -6.66 -43.48 -40.42
C LYS E 108 -5.16 -43.36 -40.17
N GLU E 109 -4.36 -44.10 -40.93
CA GLU E 109 -2.92 -44.05 -40.76
C GLU E 109 -2.53 -42.60 -40.97
N GLY E 110 -1.61 -42.11 -40.15
CA GLY E 110 -1.27 -40.69 -40.16
C GLY E 110 -2.16 -39.94 -39.17
N GLU E 111 -3.46 -40.21 -39.21
CA GLU E 111 -4.39 -39.62 -38.26
C GLU E 111 -4.15 -40.18 -36.86
N ARG E 112 -4.20 -39.32 -35.84
CA ARG E 112 -3.79 -39.71 -34.49
C ARG E 112 -4.98 -39.89 -33.55
N TYR E 113 -6.07 -39.17 -33.80
CA TYR E 113 -7.25 -39.28 -32.93
C TYR E 113 -8.50 -39.68 -33.69
N PHE E 114 -9.54 -40.06 -32.96
CA PHE E 114 -10.80 -40.52 -33.55
C PHE E 114 -11.61 -39.32 -34.00
N ALA E 115 -12.51 -39.51 -34.96
CA ALA E 115 -13.29 -38.40 -35.50
C ALA E 115 -14.78 -38.69 -35.42
N LEU E 116 -15.60 -37.65 -35.54
CA LEU E 116 -17.04 -37.80 -35.47
C LEU E 116 -17.61 -38.13 -36.85
N LEU E 117 -17.87 -39.40 -37.14
CA LEU E 117 -18.46 -39.79 -38.42
C LEU E 117 -19.82 -39.08 -38.59
N LYS E 118 -20.72 -39.29 -37.63
CA LYS E 118 -22.06 -38.69 -37.67
C LYS E 118 -22.57 -38.41 -36.27
N VAL E 119 -23.51 -37.48 -36.15
CA VAL E 119 -24.11 -37.14 -34.86
C VAL E 119 -25.43 -37.86 -34.68
N ASN E 120 -25.58 -38.56 -33.55
CA ASN E 120 -26.83 -39.24 -33.26
C ASN E 120 -27.75 -38.43 -32.36
N GLU E 121 -27.19 -37.79 -31.34
CA GLU E 121 -28.04 -37.06 -30.39
C GLU E 121 -27.28 -35.94 -29.67
N VAL E 122 -27.87 -34.76 -29.65
CA VAL E 122 -27.28 -33.61 -29.00
C VAL E 122 -27.97 -33.32 -27.66
N ASN E 123 -27.19 -33.24 -26.59
CA ASN E 123 -27.73 -33.01 -25.25
C ASN E 123 -28.91 -33.90 -24.96
N PHE E 124 -28.74 -35.20 -25.21
CA PHE E 124 -29.80 -36.19 -24.92
C PHE E 124 -31.05 -35.91 -25.74
N ASP E 125 -30.89 -35.36 -26.93
CA ASP E 125 -32.04 -35.02 -27.75
C ASP E 125 -31.69 -35.05 -29.24
N LYS E 126 -32.65 -35.43 -30.09
CA LYS E 126 -32.39 -35.55 -31.52
C LYS E 126 -31.69 -34.30 -32.07
N PRO E 127 -30.61 -34.49 -32.87
CA PRO E 127 -29.78 -33.38 -33.38
C PRO E 127 -30.59 -32.30 -34.11
N GLU E 128 -31.70 -32.67 -34.75
CA GLU E 128 -32.43 -31.75 -35.61
C GLU E 128 -33.03 -30.58 -34.85
N ASN E 129 -33.38 -30.80 -33.59
CA ASN E 129 -34.12 -29.81 -32.81
C ASN E 129 -33.31 -28.58 -32.39
N ALA E 130 -31.98 -28.67 -32.47
CA ALA E 130 -31.12 -27.59 -31.99
C ALA E 130 -31.47 -26.22 -32.58
N ARG E 131 -31.88 -26.17 -33.85
CA ARG E 131 -32.06 -24.87 -34.54
C ARG E 131 -33.14 -24.03 -33.87
N ASN E 132 -34.18 -24.68 -33.35
CA ASN E 132 -35.31 -23.96 -32.78
C ASN E 132 -35.02 -23.45 -31.35
N LYS E 133 -34.09 -24.09 -30.64
CA LYS E 133 -33.83 -23.74 -29.25
C LYS E 133 -33.40 -22.26 -29.14
N ILE E 134 -33.91 -21.57 -28.13
CA ILE E 134 -33.52 -20.18 -27.87
C ILE E 134 -32.17 -20.14 -27.14
N LEU E 135 -31.30 -19.20 -27.50
CA LEU E 135 -30.00 -19.08 -26.85
C LEU E 135 -30.13 -18.77 -25.36
N PHE E 136 -29.25 -19.33 -24.56
CA PHE E 136 -29.24 -19.12 -23.12
C PHE E 136 -29.21 -17.62 -22.76
N GLU E 137 -28.24 -16.90 -23.35
CA GLU E 137 -28.07 -15.48 -23.07
C GLU E 137 -29.33 -14.69 -23.46
N ASN E 138 -30.10 -15.24 -24.39
CA ASN E 138 -31.31 -14.57 -24.87
C ASN E 138 -32.56 -15.03 -24.12
N LEU E 139 -32.38 -15.95 -23.20
CA LEU E 139 -33.48 -16.42 -22.35
C LEU E 139 -33.91 -15.28 -21.41
N THR E 140 -35.15 -15.33 -20.92
CA THR E 140 -35.63 -14.31 -19.97
C THR E 140 -35.59 -14.87 -18.56
N PRO E 141 -34.96 -14.14 -17.61
CA PRO E 141 -34.83 -14.61 -16.22
C PRO E 141 -35.97 -14.12 -15.33
N LEU E 142 -36.08 -14.67 -14.11
CA LEU E 142 -36.97 -14.13 -13.07
C LEU E 142 -36.47 -14.60 -11.70
N HIS E 143 -37.12 -14.14 -10.63
CA HIS E 143 -36.82 -14.65 -9.30
C HIS E 143 -37.28 -16.11 -9.21
N ALA E 144 -36.63 -16.91 -8.36
CA ALA E 144 -36.96 -18.32 -8.23
C ALA E 144 -38.48 -18.53 -8.08
N ASN E 145 -39.05 -19.45 -8.87
CA ASN E 145 -40.48 -19.78 -8.78
C ASN E 145 -40.72 -21.05 -7.99
N SER E 146 -40.44 -22.20 -8.60
CA SER E 146 -40.60 -23.48 -7.92
C SER E 146 -39.79 -23.49 -6.63
N ARG E 147 -40.12 -24.39 -5.71
CA ARG E 147 -39.40 -24.44 -4.45
C ARG E 147 -38.64 -25.77 -4.28
N LEU E 148 -37.40 -25.68 -3.79
CA LEU E 148 -36.55 -26.84 -3.53
C LEU E 148 -36.46 -27.05 -2.03
N ARG E 149 -37.13 -28.08 -1.52
CA ARG E 149 -37.16 -28.33 -0.08
C ARG E 149 -36.17 -29.43 0.29
N GLU E 151 -36.15 -30.67 3.41
CA GLU E 151 -36.78 -31.41 4.51
C GLU E 151 -37.08 -32.85 4.10
N ARG E 152 -36.93 -33.79 5.04
CA ARG E 152 -37.19 -35.20 4.75
C ARG E 152 -38.02 -35.81 5.86
N GLY E 153 -38.95 -36.69 5.50
CA GLY E 153 -39.75 -37.41 6.49
C GLY E 153 -38.89 -38.39 7.27
N ASN E 154 -37.69 -38.65 6.78
CA ASN E 154 -36.77 -39.60 7.43
C ASN E 154 -36.59 -39.30 8.91
N GLY E 155 -36.59 -38.01 9.27
CA GLY E 155 -36.37 -37.60 10.63
C GLY E 155 -35.04 -38.15 11.15
N SER E 156 -34.03 -38.18 10.30
CA SER E 156 -32.73 -38.74 10.67
C SER E 156 -32.01 -37.80 11.64
N THR E 157 -30.98 -38.30 12.31
CA THR E 157 -30.17 -37.47 13.20
C THR E 157 -29.50 -36.36 12.39
N GLU E 158 -29.28 -36.61 11.11
CA GLU E 158 -28.57 -35.66 10.25
C GLU E 158 -29.55 -34.74 9.51
N ASP E 159 -30.81 -35.14 9.47
CA ASP E 159 -31.84 -34.37 8.78
C ASP E 159 -31.99 -32.98 9.43
N LEU E 160 -31.59 -32.86 10.69
CA LEU E 160 -31.71 -31.60 11.41
C LEU E 160 -31.15 -30.43 10.59
N THR E 161 -29.99 -30.62 9.97
CA THR E 161 -29.35 -29.53 9.22
C THR E 161 -30.21 -29.11 8.03
N ALA E 162 -30.70 -30.07 7.27
CA ALA E 162 -31.56 -29.77 6.13
C ALA E 162 -32.79 -28.99 6.59
N ARG E 163 -33.37 -29.38 7.73
CA ARG E 163 -34.59 -28.74 8.24
C ARG E 163 -34.33 -27.30 8.67
N VAL E 164 -33.26 -27.07 9.43
CA VAL E 164 -32.96 -25.72 9.91
C VAL E 164 -32.61 -24.81 8.73
N LEU E 165 -31.82 -25.33 7.78
CA LEU E 165 -31.45 -24.55 6.61
C LEU E 165 -32.71 -24.20 5.83
N ASP E 166 -33.63 -25.16 5.73
CA ASP E 166 -34.87 -24.95 5.01
C ASP E 166 -35.66 -23.82 5.67
N LEU E 167 -35.54 -23.71 6.99
CA LEU E 167 -36.24 -22.67 7.75
C LEU E 167 -35.51 -21.33 7.61
N ALA E 168 -34.24 -21.32 7.97
CA ALA E 168 -33.43 -20.09 7.97
C ALA E 168 -33.33 -19.46 6.57
N SER E 169 -33.08 -20.30 5.56
CA SER E 169 -32.84 -19.80 4.20
C SER E 169 -33.37 -20.77 3.13
N PRO E 170 -34.57 -20.49 2.59
CA PRO E 170 -35.22 -21.28 1.53
C PRO E 170 -34.43 -21.31 0.22
N ILE E 171 -34.58 -22.37 -0.57
CA ILE E 171 -33.94 -22.43 -1.88
C ILE E 171 -34.97 -22.75 -2.96
N GLY E 172 -34.92 -22.04 -4.09
CA GLY E 172 -35.82 -22.29 -5.19
C GLY E 172 -35.05 -22.57 -6.47
N ARG E 173 -35.74 -22.92 -7.55
CA ARG E 173 -35.07 -23.18 -8.82
C ARG E 173 -34.38 -21.92 -9.33
N GLY E 174 -33.10 -22.03 -9.67
CA GLY E 174 -32.33 -20.90 -10.14
C GLY E 174 -31.82 -20.03 -8.99
N GLN E 175 -31.72 -20.61 -7.80
CA GLN E 175 -31.27 -19.87 -6.63
C GLN E 175 -29.77 -19.65 -6.66
N ARG E 176 -29.33 -18.39 -6.84
CA ARG E 176 -27.91 -18.06 -6.82
C ARG E 176 -27.40 -17.97 -5.37
N GLY E 177 -27.29 -19.11 -4.69
CA GLY E 177 -26.98 -19.14 -3.26
C GLY E 177 -25.50 -19.08 -2.92
N LEU E 178 -25.21 -18.87 -1.63
CA LEU E 178 -23.86 -18.70 -1.15
C LEU E 178 -23.84 -19.10 0.32
N ILE E 179 -22.85 -19.90 0.72
CA ILE E 179 -22.78 -20.41 2.09
C ILE E 179 -21.46 -20.01 2.76
N VAL E 180 -21.51 -19.09 3.72
CA VAL E 180 -20.29 -18.58 4.35
C VAL E 180 -20.02 -19.02 5.80
N ALA E 181 -18.78 -19.44 6.06
CA ALA E 181 -18.35 -19.75 7.41
C ALA E 181 -16.83 -19.77 7.55
N PRO E 182 -16.33 -19.58 8.78
CA PRO E 182 -14.91 -19.72 9.06
C PRO E 182 -14.55 -21.18 9.01
N PRO E 183 -13.30 -21.53 8.69
CA PRO E 183 -13.00 -22.95 8.54
C PRO E 183 -13.52 -23.71 9.75
N LYS E 184 -13.74 -25.02 9.61
CA LYS E 184 -14.11 -25.86 10.76
C LYS E 184 -15.59 -25.70 11.14
N ALA E 185 -16.37 -25.03 10.29
CA ALA E 185 -17.76 -24.74 10.60
C ALA E 185 -18.74 -25.79 10.06
N GLY E 186 -18.21 -26.80 9.37
CA GLY E 186 -19.04 -27.82 8.76
C GLY E 186 -19.74 -27.30 7.52
N LYS E 187 -19.12 -26.31 6.87
CA LYS E 187 -19.72 -25.69 5.69
C LYS E 187 -19.52 -26.57 4.46
N THR E 188 -18.34 -27.18 4.39
CA THR E 188 -18.03 -28.12 3.33
C THR E 188 -18.87 -29.37 3.45
N LEU E 190 -21.68 -29.61 5.17
CA LEU E 190 -23.08 -29.26 5.01
C LEU E 190 -23.39 -29.42 3.52
N LEU E 191 -22.52 -28.86 2.68
CA LEU E 191 -22.66 -28.96 1.22
C LEU E 191 -22.87 -30.42 0.79
N GLN E 192 -22.13 -31.33 1.39
CA GLN E 192 -22.33 -32.77 1.16
C GLN E 192 -23.77 -33.14 1.49
N ASN E 193 -24.19 -32.78 2.70
CA ASN E 193 -25.56 -33.05 3.13
C ASN E 193 -26.57 -32.50 2.12
N ILE E 194 -26.43 -31.22 1.78
CA ILE E 194 -27.33 -30.58 0.81
C ILE E 194 -27.36 -31.40 -0.48
N ALA E 195 -26.18 -31.82 -0.91
CA ALA E 195 -26.03 -32.62 -2.12
C ALA E 195 -26.88 -33.90 -2.05
N GLN E 196 -26.90 -34.54 -0.88
CA GLN E 196 -27.64 -35.78 -0.70
C GLN E 196 -29.15 -35.53 -0.65
N SER E 197 -29.53 -34.41 -0.03
CA SER E 197 -30.95 -34.11 0.17
C SER E 197 -31.69 -33.94 -1.16
N ILE E 198 -31.21 -33.08 -2.06
CA ILE E 198 -31.87 -32.92 -3.36
C ILE E 198 -31.72 -34.20 -4.19
N ALA E 199 -30.75 -35.04 -3.83
CA ALA E 199 -30.59 -36.33 -4.51
C ALA E 199 -31.78 -37.22 -4.19
N TYR E 200 -32.24 -37.16 -2.95
CA TYR E 200 -33.36 -37.98 -2.51
C TYR E 200 -34.71 -37.36 -2.92
N ASN E 201 -34.82 -36.04 -2.82
CA ASN E 201 -36.08 -35.36 -3.09
C ASN E 201 -36.19 -34.85 -4.53
N HIS E 202 -35.11 -34.95 -5.29
CA HIS E 202 -35.11 -34.40 -6.63
C HIS E 202 -34.20 -35.19 -7.58
N PRO E 203 -34.73 -36.29 -8.15
CA PRO E 203 -33.99 -37.06 -9.15
C PRO E 203 -34.06 -36.32 -10.47
N ASP E 204 -35.19 -35.64 -10.68
CA ASP E 204 -35.42 -34.84 -11.89
C ASP E 204 -34.30 -33.82 -12.16
N CYS E 205 -33.86 -33.11 -11.12
CA CYS E 205 -32.84 -32.07 -11.28
C CYS E 205 -31.48 -32.65 -11.65
N VAL E 206 -30.88 -32.13 -12.72
CA VAL E 206 -29.54 -32.55 -13.14
C VAL E 206 -28.52 -32.12 -12.07
N LEU E 207 -27.72 -33.06 -11.59
CA LEU E 207 -26.83 -32.77 -10.46
C LEU E 207 -25.35 -32.79 -10.88
N VAL E 209 -21.44 -31.72 -9.17
CA VAL E 209 -20.70 -31.25 -8.00
C VAL E 209 -19.30 -30.83 -8.44
N LEU E 210 -18.97 -29.55 -8.24
CA LEU E 210 -17.68 -29.05 -8.67
C LEU E 210 -16.80 -28.77 -7.46
N LEU E 211 -15.67 -29.46 -7.37
CA LEU E 211 -14.72 -29.19 -6.31
C LEU E 211 -13.53 -28.58 -6.98
N ILE E 212 -13.22 -27.34 -6.65
CA ILE E 212 -12.06 -26.71 -7.23
C ILE E 212 -11.08 -26.49 -6.12
N ASP E 213 -9.90 -27.04 -6.26
CA ASP E 213 -8.85 -26.74 -5.31
C ASP E 213 -9.04 -27.38 -3.93
N GLU E 214 -10.16 -27.16 -3.24
CA GLU E 214 -10.22 -27.70 -1.87
C GLU E 214 -9.85 -29.19 -1.85
N ARG E 215 -9.56 -29.71 -0.66
CA ARG E 215 -8.85 -30.98 -0.49
C ARG E 215 -9.40 -32.17 -1.31
N PRO E 216 -8.51 -33.12 -1.65
CA PRO E 216 -8.77 -34.33 -2.46
C PRO E 216 -9.48 -35.45 -1.73
N GLU E 217 -9.19 -35.65 -0.44
CA GLU E 217 -9.92 -36.65 0.35
C GLU E 217 -11.40 -36.34 0.27
N GLU E 218 -11.72 -35.05 0.33
CA GLU E 218 -13.06 -34.56 0.11
C GLU E 218 -13.61 -34.99 -1.25
N VAL E 219 -12.75 -34.98 -2.26
CA VAL E 219 -13.14 -35.45 -3.57
C VAL E 219 -13.53 -36.93 -3.46
N THR E 220 -12.65 -37.73 -2.89
CA THR E 220 -12.89 -39.15 -2.74
C THR E 220 -14.20 -39.40 -1.97
N GLU E 221 -14.32 -38.79 -0.79
CA GLU E 221 -15.54 -38.93 0.02
C GLU E 221 -16.77 -38.65 -0.83
N GLN E 223 -17.44 -38.34 -4.29
CA GLN E 223 -17.78 -39.20 -5.42
C GLN E 223 -18.46 -40.51 -4.95
N ARG E 224 -17.95 -41.12 -3.88
CA ARG E 224 -18.51 -42.40 -3.44
C ARG E 224 -19.89 -42.23 -2.80
N LEU E 225 -20.16 -41.03 -2.29
CA LEU E 225 -21.38 -40.81 -1.51
C LEU E 225 -22.41 -39.93 -2.25
N VAL E 226 -22.04 -39.39 -3.41
CA VAL E 226 -22.96 -38.52 -4.14
C VAL E 226 -23.56 -39.23 -5.35
N LYS E 227 -24.85 -38.99 -5.61
CA LYS E 227 -25.53 -39.61 -6.75
C LYS E 227 -25.55 -38.65 -7.94
N GLY E 228 -24.48 -38.59 -8.70
CA GLY E 228 -24.43 -37.72 -9.86
C GLY E 228 -23.00 -37.48 -10.31
N GLU E 229 -22.80 -36.40 -11.07
CA GLU E 229 -21.50 -36.09 -11.61
C GLU E 229 -20.62 -35.42 -10.55
N VAL E 230 -19.35 -35.78 -10.50
CA VAL E 230 -18.43 -35.20 -9.51
C VAL E 230 -17.18 -34.68 -10.20
N VAL E 231 -17.26 -33.49 -10.78
CA VAL E 231 -16.10 -32.87 -11.40
C VAL E 231 -15.27 -32.26 -10.28
N ALA E 232 -13.95 -32.33 -10.37
CA ALA E 232 -13.11 -31.83 -9.28
C ALA E 232 -11.70 -31.49 -9.72
N SER E 233 -11.01 -30.71 -8.89
CA SER E 233 -9.64 -30.31 -9.16
C SER E 233 -9.00 -30.02 -7.80
N THR E 234 -8.21 -30.96 -7.28
CA THR E 234 -7.57 -30.79 -5.98
C THR E 234 -6.66 -29.55 -5.99
N PHE E 235 -6.31 -29.04 -4.81
CA PHE E 235 -5.43 -27.86 -4.73
C PHE E 235 -4.02 -28.17 -5.21
N ASP E 236 -3.69 -29.45 -5.30
CA ASP E 236 -2.40 -29.87 -5.83
C ASP E 236 -2.22 -29.25 -7.23
N GLU E 237 -3.33 -29.20 -7.98
CA GLU E 237 -3.33 -28.76 -9.37
C GLU E 237 -3.14 -27.24 -9.45
N PRO E 238 -2.28 -26.76 -10.37
CA PRO E 238 -2.13 -25.31 -10.61
C PRO E 238 -3.46 -24.57 -10.79
N ALA E 239 -3.41 -23.24 -10.74
CA ALA E 239 -4.62 -22.44 -10.81
C ALA E 239 -5.27 -22.50 -12.20
N SER E 240 -4.49 -22.88 -13.21
CA SER E 240 -4.98 -22.80 -14.59
C SER E 240 -6.05 -23.86 -14.91
N ARG E 241 -5.88 -25.13 -14.50
CA ARG E 241 -6.91 -26.15 -14.75
C ARG E 241 -8.12 -25.73 -13.96
N HIS E 242 -7.93 -25.44 -12.68
CA HIS E 242 -9.06 -25.02 -11.85
C HIS E 242 -9.98 -24.12 -12.66
N VAL E 243 -9.39 -23.14 -13.33
CA VAL E 243 -10.15 -22.24 -14.20
C VAL E 243 -10.81 -23.03 -15.33
N GLN E 244 -10.02 -23.74 -16.13
CA GLN E 244 -10.54 -24.45 -17.30
C GLN E 244 -11.58 -25.51 -16.97
N VAL E 245 -11.31 -26.32 -15.95
CA VAL E 245 -12.27 -27.35 -15.52
C VAL E 245 -13.60 -26.74 -15.07
N ALA E 246 -13.52 -25.67 -14.30
CA ALA E 246 -14.71 -24.98 -13.83
C ALA E 246 -15.49 -24.39 -15.02
N GLU E 247 -14.76 -23.81 -15.98
CA GLU E 247 -15.40 -23.18 -17.14
C GLU E 247 -16.05 -24.21 -18.05
N VAL E 249 -17.38 -27.02 -16.92
CA VAL E 249 -18.58 -27.38 -16.18
C VAL E 249 -19.69 -26.36 -16.37
N ILE E 250 -19.37 -25.09 -16.15
CA ILE E 250 -20.39 -24.05 -16.20
C ILE E 250 -21.00 -23.94 -17.60
N GLU E 251 -20.18 -24.14 -18.64
CA GLU E 251 -20.68 -24.10 -20.02
C GLU E 251 -21.64 -25.25 -20.26
N LYS E 252 -21.24 -26.45 -19.82
CA LYS E 252 -22.08 -27.62 -19.95
C LYS E 252 -23.44 -27.39 -19.26
N ALA E 253 -23.40 -26.77 -18.08
CA ALA E 253 -24.62 -26.49 -17.31
C ALA E 253 -25.50 -25.53 -18.08
N LYS E 254 -24.89 -24.54 -18.73
CA LYS E 254 -25.65 -23.58 -19.53
C LYS E 254 -26.29 -24.26 -20.73
N ARG E 255 -25.62 -25.28 -21.26
CA ARG E 255 -26.15 -26.01 -22.41
C ARG E 255 -27.50 -26.66 -22.07
N LEU E 256 -27.55 -27.37 -20.95
CA LEU E 256 -28.77 -28.11 -20.58
C LEU E 256 -29.94 -27.17 -20.27
N VAL E 257 -29.66 -26.03 -19.66
CA VAL E 257 -30.71 -25.06 -19.35
C VAL E 257 -31.33 -24.54 -20.65
N GLU E 258 -30.54 -24.53 -21.71
CA GLU E 258 -31.02 -24.15 -23.02
C GLU E 258 -32.05 -25.16 -23.49
N HIS E 259 -31.91 -26.39 -23.00
CA HIS E 259 -32.85 -27.47 -23.29
C HIS E 259 -34.08 -27.41 -22.37
N LYS E 260 -34.09 -26.42 -21.48
CA LYS E 260 -35.16 -26.28 -20.48
C LYS E 260 -35.06 -27.36 -19.40
N LYS E 261 -33.85 -27.78 -19.06
CA LYS E 261 -33.65 -28.70 -17.96
C LYS E 261 -33.22 -27.94 -16.71
N ASP E 262 -33.30 -28.59 -15.54
CA ASP E 262 -32.94 -27.94 -14.28
C ASP E 262 -31.62 -28.44 -13.76
N VAL E 263 -30.61 -27.56 -13.74
CA VAL E 263 -29.27 -27.93 -13.34
C VAL E 263 -28.90 -27.26 -12.02
N ILE E 264 -28.30 -28.02 -11.11
CA ILE E 264 -27.86 -27.47 -9.83
C ILE E 264 -26.40 -27.79 -9.60
N ILE E 265 -25.57 -26.76 -9.41
CA ILE E 265 -24.13 -26.96 -9.21
C ILE E 265 -23.74 -26.64 -7.77
N LEU E 266 -23.26 -27.64 -7.04
CA LEU E 266 -22.83 -27.44 -5.66
C LEU E 266 -21.34 -27.18 -5.62
N LEU E 267 -20.95 -25.93 -5.89
CA LEU E 267 -19.54 -25.57 -5.97
C LEU E 267 -18.95 -25.46 -4.57
N ASP E 268 -17.77 -26.05 -4.38
CA ASP E 268 -17.10 -25.99 -3.09
C ASP E 268 -15.89 -25.08 -3.21
N SER E 269 -15.78 -24.15 -2.27
CA SER E 269 -14.65 -23.25 -2.21
C SER E 269 -14.69 -22.26 -3.36
N ILE E 270 -15.81 -21.56 -3.51
CA ILE E 270 -15.95 -20.59 -4.58
C ILE E 270 -14.89 -19.49 -4.47
N THR E 271 -14.45 -19.21 -3.25
CA THR E 271 -13.45 -18.18 -3.02
C THR E 271 -12.13 -18.62 -3.58
N ARG E 272 -11.87 -19.92 -3.53
CA ARG E 272 -10.66 -20.49 -4.12
C ARG E 272 -10.66 -20.30 -5.63
N LEU E 273 -11.83 -20.42 -6.24
CA LEU E 273 -11.99 -20.17 -7.67
C LEU E 273 -11.61 -18.72 -7.97
N ALA E 274 -12.15 -17.79 -7.17
CA ALA E 274 -11.86 -16.38 -7.34
C ALA E 274 -10.36 -16.13 -7.22
N ARG E 275 -9.73 -16.87 -6.32
CA ARG E 275 -8.29 -16.73 -6.07
C ARG E 275 -7.51 -17.31 -7.25
N ALA E 276 -8.01 -18.42 -7.79
CA ALA E 276 -7.38 -19.05 -8.97
C ALA E 276 -7.48 -18.09 -10.15
N TYR E 277 -8.57 -17.32 -10.18
CA TYR E 277 -8.75 -16.29 -11.18
C TYR E 277 -7.76 -15.15 -10.91
N ASN E 278 -7.57 -14.83 -9.64
CA ASN E 278 -6.67 -13.76 -9.24
C ASN E 278 -5.22 -14.11 -9.63
N THR E 279 -4.79 -15.31 -9.27
CA THR E 279 -3.45 -15.79 -9.60
C THR E 279 -3.25 -15.77 -11.11
N VAL E 280 -4.30 -16.14 -11.85
CA VAL E 280 -4.24 -16.13 -13.31
C VAL E 280 -5.02 -14.94 -13.87
N VAL E 281 -4.33 -13.82 -14.08
CA VAL E 281 -4.97 -12.63 -14.64
C VAL E 281 -3.91 -11.61 -15.06
N PRO E 282 -4.10 -10.98 -16.24
CA PRO E 282 -3.21 -9.89 -16.69
C PRO E 282 -3.05 -8.82 -15.60
N ALA E 283 -1.83 -8.35 -15.38
CA ALA E 283 -1.55 -7.42 -14.29
C ALA E 283 -2.18 -6.04 -14.53
N SER E 284 -2.69 -5.42 -13.47
CA SER E 284 -3.22 -4.05 -13.54
C SER E 284 -2.56 -3.21 -12.46
N GLY E 285 -2.36 -1.92 -12.72
CA GLY E 285 -1.70 -1.03 -11.79
C GLY E 285 -2.40 -0.99 -10.43
N LYS E 286 -3.73 -1.08 -10.44
CA LYS E 286 -4.53 -0.99 -9.22
C LYS E 286 -4.70 -2.36 -8.57
N VAL E 287 -4.70 -2.42 -7.25
CA VAL E 287 -5.00 -3.65 -6.54
C VAL E 287 -6.01 -3.35 -5.45
N LEU E 288 -7.03 -4.20 -5.31
CA LEU E 288 -8.03 -4.03 -4.26
C LEU E 288 -7.48 -4.43 -2.88
N THR E 289 -8.20 -4.03 -1.84
CA THR E 289 -7.84 -4.41 -0.47
C THR E 289 -7.81 -5.94 -0.33
N GLY E 290 -6.82 -6.47 0.38
CA GLY E 290 -6.68 -7.90 0.54
C GLY E 290 -5.65 -8.45 -0.43
N GLY E 291 -5.17 -7.62 -1.35
CA GLY E 291 -4.22 -8.05 -2.37
C GLY E 291 -4.91 -8.44 -3.67
N VAL E 292 -6.21 -8.74 -3.60
CA VAL E 292 -6.97 -9.17 -4.79
C VAL E 292 -6.96 -8.07 -5.84
N ASP E 293 -6.70 -8.43 -7.09
CA ASP E 293 -6.62 -7.45 -8.17
C ASP E 293 -7.97 -6.75 -8.37
N ALA E 294 -7.94 -5.46 -8.71
CA ALA E 294 -9.17 -4.68 -8.91
C ALA E 294 -10.04 -5.24 -10.04
N ASN E 295 -9.40 -5.73 -11.09
CA ASN E 295 -10.13 -6.19 -12.27
C ASN E 295 -10.16 -7.73 -12.38
N ALA E 296 -9.96 -8.41 -11.25
CA ALA E 296 -9.83 -9.87 -11.28
C ALA E 296 -11.13 -10.58 -10.87
N LEU E 297 -12.23 -9.85 -10.75
CA LEU E 297 -13.46 -10.44 -10.26
C LEU E 297 -14.59 -10.46 -11.30
N HIS E 298 -14.39 -9.86 -12.47
CA HIS E 298 -15.42 -9.91 -13.51
C HIS E 298 -15.76 -11.37 -13.85
N ARG E 299 -14.76 -12.18 -14.16
CA ARG E 299 -14.99 -13.58 -14.55
C ARG E 299 -15.68 -14.40 -13.45
N PRO E 300 -15.18 -14.28 -12.19
CA PRO E 300 -15.86 -14.93 -11.05
C PRO E 300 -17.32 -14.50 -10.96
N LYS E 301 -17.59 -13.22 -11.19
CA LYS E 301 -18.96 -12.70 -11.11
C LYS E 301 -19.86 -13.32 -12.17
N ARG E 302 -19.42 -13.28 -13.42
CA ARG E 302 -20.23 -13.81 -14.51
C ARG E 302 -20.47 -15.30 -14.31
N PHE E 303 -19.46 -16.02 -13.85
CA PHE E 303 -19.60 -17.45 -13.60
C PHE E 303 -20.69 -17.71 -12.56
N PHE E 304 -20.58 -17.02 -11.43
CA PHE E 304 -21.51 -17.20 -10.33
C PHE E 304 -22.90 -16.65 -10.69
N GLY E 305 -22.92 -15.55 -11.42
CA GLY E 305 -24.16 -14.91 -11.82
C GLY E 305 -24.82 -15.68 -12.95
N ALA E 306 -24.19 -16.77 -13.39
CA ALA E 306 -24.74 -17.60 -14.45
C ALA E 306 -26.07 -18.24 -14.01
N ALA E 307 -26.13 -18.69 -12.75
CA ALA E 307 -27.36 -19.30 -12.20
C ALA E 307 -28.54 -18.35 -12.41
N ARG E 308 -29.70 -18.86 -12.77
CA ARG E 308 -30.86 -18.00 -12.95
C ARG E 308 -32.14 -18.82 -13.16
N ASN E 309 -33.26 -18.12 -13.27
CA ASN E 309 -34.55 -18.77 -13.49
C ASN E 309 -35.06 -18.38 -14.88
N VAL E 310 -35.72 -19.29 -15.59
CA VAL E 310 -36.13 -18.99 -16.96
C VAL E 310 -37.62 -19.18 -17.17
N GLU E 311 -38.27 -18.24 -17.86
CA GLU E 311 -39.67 -18.41 -18.25
C GLU E 311 -39.80 -19.43 -19.36
N GLU E 312 -38.81 -19.47 -20.25
CA GLU E 312 -38.80 -20.44 -21.33
C GLU E 312 -38.91 -21.86 -20.78
N GLY E 313 -38.34 -22.08 -19.58
CA GLY E 313 -38.33 -23.40 -18.99
C GLY E 313 -36.91 -23.80 -18.60
N GLY E 314 -36.77 -24.65 -17.58
CA GLY E 314 -35.47 -25.05 -17.11
C GLY E 314 -34.87 -23.99 -16.20
N SER E 315 -33.82 -24.34 -15.46
CA SER E 315 -33.21 -23.40 -14.53
C SER E 315 -31.74 -23.77 -14.29
N LEU E 316 -30.94 -22.79 -13.86
CA LEU E 316 -29.58 -23.06 -13.43
C LEU E 316 -29.39 -22.54 -12.00
N THR E 317 -29.01 -23.42 -11.08
CA THR E 317 -28.89 -23.03 -9.67
C THR E 317 -27.47 -23.29 -9.20
N ILE E 318 -26.79 -22.27 -8.69
CA ILE E 318 -25.44 -22.47 -8.19
C ILE E 318 -25.34 -22.07 -6.71
N ILE E 319 -24.91 -23.00 -5.86
CA ILE E 319 -24.73 -22.70 -4.44
C ILE E 319 -23.34 -23.12 -4.01
N ALA E 320 -22.53 -22.17 -3.56
CA ALA E 320 -21.11 -22.43 -3.29
C ALA E 320 -20.71 -22.02 -1.86
N THR E 321 -19.55 -22.48 -1.40
CA THR E 321 -19.07 -22.17 -0.06
C THR E 321 -18.16 -20.93 -0.08
N ALA E 322 -18.34 -20.04 0.91
CA ALA E 322 -17.56 -18.81 1.00
C ALA E 322 -16.85 -18.79 2.34
N LEU E 323 -15.63 -18.26 2.39
CA LEU E 323 -14.86 -18.24 3.64
C LEU E 323 -14.81 -16.83 4.23
N ILE E 324 -14.93 -16.73 5.56
CA ILE E 324 -14.85 -15.45 6.25
C ILE E 324 -13.90 -15.56 7.43
N ASP E 325 -13.59 -14.43 8.06
CA ASP E 325 -12.68 -14.42 9.20
C ASP E 325 -11.43 -15.22 8.81
N THR E 326 -10.98 -15.04 7.58
CA THR E 326 -9.88 -15.84 7.06
C THR E 326 -8.54 -15.41 7.68
N GLY E 327 -8.33 -14.13 7.87
CA GLY E 327 -7.02 -13.63 8.29
C GLY E 327 -6.41 -12.85 7.14
N SER E 328 -7.13 -12.84 6.02
CA SER E 328 -6.83 -11.95 4.90
C SER E 328 -8.15 -11.23 4.62
N LYS E 329 -8.11 -10.10 3.91
CA LYS E 329 -9.35 -9.41 3.57
C LYS E 329 -9.80 -9.80 2.18
N ASP E 331 -10.56 -12.53 1.27
CA ASP E 331 -11.68 -13.44 1.52
C ASP E 331 -12.94 -12.72 1.99
N GLU E 332 -12.80 -11.74 2.87
CA GLU E 332 -13.94 -10.95 3.34
C GLU E 332 -14.48 -10.05 2.24
N VAL E 333 -13.57 -9.53 1.42
CA VAL E 333 -13.93 -8.68 0.28
C VAL E 333 -14.67 -9.52 -0.78
N ILE E 334 -14.19 -10.73 -1.02
CA ILE E 334 -14.79 -11.61 -2.01
C ILE E 334 -16.17 -12.07 -1.52
N TYR E 335 -16.30 -12.25 -0.22
CA TYR E 335 -17.59 -12.60 0.36
C TYR E 335 -18.59 -11.48 0.07
N GLU E 336 -18.17 -10.24 0.28
CA GLU E 336 -19.03 -9.08 0.02
C GLU E 336 -19.37 -8.97 -1.46
N GLU E 337 -18.43 -9.37 -2.31
CA GLU E 337 -18.61 -9.24 -3.74
C GLU E 337 -19.72 -10.16 -4.25
N PHE E 338 -19.67 -11.43 -3.85
CA PHE E 338 -20.70 -12.38 -4.24
C PHE E 338 -21.99 -12.16 -3.46
N LYS E 339 -21.86 -11.53 -2.29
CA LYS E 339 -23.03 -11.18 -1.50
C LYS E 339 -23.96 -10.29 -2.32
N GLY E 340 -23.34 -9.34 -3.04
CA GLY E 340 -24.08 -8.37 -3.83
C GLY E 340 -24.59 -8.92 -5.14
N THR E 341 -24.24 -10.17 -5.45
CA THR E 341 -24.72 -10.82 -6.66
C THR E 341 -25.75 -11.92 -6.36
N GLY E 342 -25.47 -12.73 -5.35
CA GLY E 342 -26.33 -13.85 -5.01
C GLY E 342 -27.64 -13.42 -4.38
N ASN E 343 -28.47 -14.39 -3.99
CA ASN E 343 -29.75 -14.09 -3.37
C ASN E 343 -30.08 -15.12 -2.29
N GLU E 345 -27.82 -16.07 0.85
CA GLU E 345 -26.63 -16.11 1.68
C GLU E 345 -26.84 -17.03 2.89
N LEU E 346 -25.78 -17.68 3.34
CA LEU E 346 -25.86 -18.56 4.51
C LEU E 346 -24.65 -18.26 5.38
N HIS E 347 -24.71 -18.56 6.68
CA HIS E 347 -23.55 -18.35 7.52
C HIS E 347 -23.44 -19.39 8.63
N LEU E 348 -22.20 -19.78 8.96
CA LEU E 348 -21.93 -20.64 10.12
C LEU E 348 -20.92 -19.90 10.99
N SER E 349 -20.89 -20.21 12.29
CA SER E 349 -19.97 -19.52 13.22
C SER E 349 -19.02 -20.52 13.86
N ARG E 350 -17.78 -20.11 14.09
CA ARG E 350 -16.82 -20.94 14.82
C ARG E 350 -17.31 -21.16 16.24
N LYS E 351 -17.78 -20.10 16.88
CA LYS E 351 -18.17 -20.15 18.30
C LYS E 351 -19.22 -21.22 18.57
N ILE E 352 -20.13 -21.41 17.62
CA ILE E 352 -21.21 -22.39 17.79
C ILE E 352 -20.75 -23.80 17.38
N ALA E 353 -19.74 -23.88 16.50
CA ALA E 353 -19.18 -25.18 16.11
C ALA E 353 -18.22 -25.68 17.21
N GLU E 354 -17.61 -24.72 17.92
CA GLU E 354 -16.70 -25.02 19.03
C GLU E 354 -17.36 -25.96 20.03
N LYS E 355 -18.58 -25.61 20.40
CA LYS E 355 -19.31 -26.35 21.44
C LYS E 355 -19.79 -27.69 20.89
N ARG E 356 -19.51 -27.95 19.62
CA ARG E 356 -19.88 -29.23 19.01
C ARG E 356 -21.36 -29.24 18.63
N VAL E 357 -22.02 -28.10 18.78
CA VAL E 357 -23.43 -27.98 18.42
C VAL E 357 -23.55 -27.78 16.91
N PHE E 358 -24.39 -28.57 16.25
CA PHE E 358 -24.59 -28.45 14.81
C PHE E 358 -26.05 -28.61 14.43
N PRO E 359 -26.47 -27.93 13.35
CA PRO E 359 -25.57 -27.10 12.53
C PRO E 359 -25.10 -25.84 13.25
N ALA E 360 -23.96 -25.30 12.83
CA ALA E 360 -23.42 -24.09 13.44
C ALA E 360 -24.09 -22.87 12.79
N ILE E 361 -25.16 -23.11 12.05
CA ILE E 361 -25.82 -22.07 11.27
C ILE E 361 -26.16 -20.85 12.12
N ASP E 362 -25.91 -19.66 11.58
CA ASP E 362 -26.24 -18.43 12.26
C ASP E 362 -27.55 -17.88 11.69
N TYR E 363 -28.67 -18.17 12.33
CA TYR E 363 -29.97 -17.79 11.80
C TYR E 363 -30.07 -16.28 11.55
N ASN E 364 -29.53 -15.48 12.46
CA ASN E 364 -29.60 -14.02 12.32
C ASN E 364 -29.08 -13.52 10.98
N ARG E 365 -27.94 -14.05 10.57
CA ARG E 365 -27.25 -13.58 9.37
C ARG E 365 -27.77 -14.27 8.12
N SER E 366 -28.23 -15.51 8.26
CA SER E 366 -28.79 -16.28 7.15
C SER E 366 -30.05 -15.60 6.62
N GLY E 367 -30.37 -15.83 5.34
CA GLY E 367 -31.56 -15.23 4.76
C GLY E 367 -31.53 -15.31 3.23
N THR E 368 -32.70 -15.41 2.62
CA THR E 368 -32.80 -15.43 1.18
C THR E 368 -33.72 -14.30 0.69
N ARG E 369 -33.48 -13.86 -0.55
CA ARG E 369 -34.23 -12.74 -1.11
C ARG E 369 -35.57 -13.17 -1.67
N LYS E 370 -36.60 -12.35 -1.46
CA LYS E 370 -37.93 -12.65 -1.99
C LYS E 370 -38.38 -14.03 -1.55
N GLU E 371 -38.43 -14.26 -0.24
CA GLU E 371 -38.84 -15.55 0.27
C GLU E 371 -40.34 -15.77 0.02
N GLU E 372 -41.09 -14.67 -0.08
CA GLU E 372 -42.55 -14.73 -0.13
C GLU E 372 -43.05 -15.58 -1.31
N LEU E 373 -42.31 -15.59 -2.41
CA LEU E 373 -42.71 -16.39 -3.57
C LEU E 373 -42.42 -17.88 -3.32
N LEU E 374 -41.34 -18.18 -2.58
CA LEU E 374 -40.97 -19.57 -2.29
C LEU E 374 -41.91 -20.15 -1.23
N THR E 375 -42.23 -19.35 -0.20
CA THR E 375 -43.01 -19.83 0.93
C THR E 375 -44.47 -19.37 0.84
N THR E 376 -45.40 -20.20 1.36
CA THR E 376 -46.81 -19.83 1.41
C THR E 376 -47.01 -18.78 2.50
N GLN E 377 -48.14 -18.08 2.47
CA GLN E 377 -48.45 -17.07 3.48
C GLN E 377 -48.25 -17.66 4.87
N GLU E 378 -48.78 -18.85 5.09
CA GLU E 378 -48.66 -19.53 6.37
C GLU E 378 -47.19 -19.73 6.71
N GLU E 379 -46.44 -20.28 5.75
CA GLU E 379 -44.99 -20.48 5.92
C GLU E 379 -44.29 -19.18 6.28
N LEU E 380 -44.72 -18.09 5.66
CA LEU E 380 -44.08 -16.79 5.88
C LEU E 380 -44.27 -16.37 7.35
N GLN E 381 -45.53 -16.34 7.79
CA GLN E 381 -45.85 -15.89 9.15
C GLN E 381 -45.10 -16.67 10.21
N LYS E 382 -45.15 -18.00 10.13
CA LYS E 382 -44.44 -18.84 11.12
C LYS E 382 -42.95 -18.51 11.10
N TRP E 384 -41.49 -15.75 10.10
CA TRP E 384 -41.28 -14.39 10.58
C TRP E 384 -41.39 -14.36 12.11
N ILE E 385 -42.43 -14.99 12.64
CA ILE E 385 -42.57 -15.13 14.08
C ILE E 385 -41.29 -15.74 14.65
N LEU E 386 -40.84 -16.84 14.05
CA LEU E 386 -39.67 -17.57 14.55
C LEU E 386 -38.43 -16.66 14.55
N ARG E 387 -38.20 -15.95 13.46
CA ARG E 387 -37.03 -15.10 13.36
C ARG E 387 -37.07 -13.97 14.41
N LYS E 388 -38.25 -13.41 14.62
CA LYS E 388 -38.42 -12.38 15.65
C LYS E 388 -37.99 -12.93 17.02
N ILE E 389 -38.43 -14.15 17.32
CA ILE E 389 -38.17 -14.76 18.62
C ILE E 389 -36.71 -15.15 18.77
N ILE E 390 -36.10 -15.61 17.67
CA ILE E 390 -34.72 -16.06 17.73
C ILE E 390 -33.72 -14.90 17.67
N HIS E 391 -34.10 -13.84 16.99
CA HIS E 391 -33.22 -12.68 16.82
C HIS E 391 -32.43 -12.39 18.12
N PRO E 392 -33.14 -11.99 19.21
CA PRO E 392 -32.55 -11.91 20.57
C PRO E 392 -31.53 -13.01 20.91
N GLY E 394 -28.77 -16.04 21.43
CA GLY E 394 -27.40 -16.14 20.95
C GLY E 394 -27.23 -17.33 20.03
N GLU E 395 -26.22 -17.30 19.15
CA GLU E 395 -25.95 -18.44 18.25
C GLU E 395 -26.08 -19.79 18.96
N ILE E 396 -25.25 -20.06 19.96
CA ILE E 396 -25.32 -21.35 20.68
C ILE E 396 -26.71 -21.53 21.29
N ASP E 397 -27.12 -20.58 22.13
CA ASP E 397 -28.40 -20.68 22.85
C ASP E 397 -29.58 -20.83 21.89
N ALA E 398 -29.72 -19.88 20.97
CA ALA E 398 -30.75 -19.92 19.94
C ALA E 398 -30.74 -21.24 19.16
N GLU E 400 -29.23 -24.33 19.69
CA GLU E 400 -29.67 -25.42 20.56
C GLU E 400 -31.14 -25.27 20.85
N PHE E 401 -31.55 -24.01 21.02
CA PHE E 401 -32.92 -23.68 21.37
C PHE E 401 -33.93 -24.21 20.33
N LEU E 402 -33.64 -24.05 19.05
CA LEU E 402 -34.55 -24.60 18.03
C LEU E 402 -34.27 -26.10 17.80
N ILE E 403 -33.00 -26.47 17.70
CA ILE E 403 -32.61 -27.86 17.45
C ILE E 403 -33.45 -28.84 18.27
N ASN E 404 -33.52 -28.62 19.59
CA ASN E 404 -34.29 -29.48 20.47
C ASN E 404 -35.74 -29.62 20.01
N LYS E 405 -36.35 -28.51 19.62
CA LYS E 405 -37.74 -28.52 19.15
C LYS E 405 -37.84 -29.19 17.79
N LEU E 406 -36.76 -29.10 16.99
CA LEU E 406 -36.73 -29.71 15.67
C LEU E 406 -36.66 -31.23 15.80
N ALA E 407 -35.91 -31.71 16.79
CA ALA E 407 -35.81 -33.14 17.04
C ALA E 407 -37.21 -33.72 17.26
N THR E 409 -40.23 -32.94 15.85
CA THR E 409 -40.96 -33.27 14.62
C THR E 409 -40.35 -32.56 13.43
N LYS E 410 -40.65 -33.03 12.22
CA LYS E 410 -40.25 -32.31 11.00
C LYS E 410 -40.87 -30.93 11.06
N THR E 411 -40.26 -29.96 10.36
CA THR E 411 -40.59 -28.56 10.55
C THR E 411 -42.09 -28.28 10.45
N ASN E 412 -42.80 -29.06 9.62
CA ASN E 412 -44.25 -28.87 9.48
C ASN E 412 -44.93 -29.02 10.84
N ASP E 413 -44.65 -30.13 11.51
CA ASP E 413 -45.32 -30.44 12.77
C ASP E 413 -44.83 -29.56 13.91
N ASP E 414 -43.55 -29.19 13.87
CA ASP E 414 -42.96 -28.36 14.91
C ASP E 414 -43.63 -26.98 14.94
N PHE E 415 -43.72 -26.33 13.78
CA PHE E 415 -44.31 -25.00 13.71
C PHE E 415 -45.80 -25.08 14.10
N PHE E 416 -46.44 -26.19 13.77
CA PHE E 416 -47.87 -26.34 14.02
C PHE E 416 -48.17 -26.43 15.52
N GLU E 417 -47.40 -27.23 16.25
CA GLU E 417 -47.58 -27.36 17.69
C GLU E 417 -47.16 -26.05 18.38
N ASN F 5 31.86 -53.38 -1.62
CA ASN F 5 30.98 -52.42 -2.28
C ASN F 5 31.43 -50.98 -2.03
N LEU F 6 31.47 -50.14 -3.07
CA LEU F 6 32.16 -48.93 -2.94
C LEU F 6 31.73 -48.06 -1.77
N THR F 7 30.41 -47.92 -1.49
CA THR F 7 29.95 -47.18 -0.32
C THR F 7 30.51 -47.79 0.96
N GLU F 8 30.41 -49.11 1.09
CA GLU F 8 30.92 -49.82 2.26
C GLU F 8 32.39 -49.45 2.52
N LEU F 9 33.18 -49.32 1.46
CA LEU F 9 34.60 -48.99 1.61
C LEU F 9 34.81 -47.55 2.06
N LYS F 10 33.89 -46.67 1.66
CA LYS F 10 34.07 -45.25 1.92
C LYS F 10 33.87 -44.92 3.40
N ASN F 11 32.80 -45.42 4.00
CA ASN F 11 32.59 -45.19 5.43
C ASN F 11 33.19 -46.30 6.28
N THR F 12 34.46 -46.12 6.65
CA THR F 12 35.17 -47.10 7.47
C THR F 12 35.87 -46.41 8.62
N PRO F 13 35.81 -47.01 9.80
CA PRO F 13 36.42 -46.44 11.00
C PRO F 13 37.47 -45.39 10.63
N ARG F 33 45.63 -38.10 -2.12
CA ARG F 33 44.56 -37.68 -1.24
C ARG F 33 43.79 -38.91 -0.70
N LYS F 34 43.01 -38.70 0.34
CA LYS F 34 42.23 -39.78 0.95
C LYS F 34 41.29 -40.47 -0.03
N GLN F 35 40.62 -39.65 -0.83
CA GLN F 35 39.64 -40.12 -1.81
C GLN F 35 40.39 -40.77 -2.94
N ASP F 36 41.52 -40.18 -3.29
CA ASP F 36 42.32 -40.69 -4.38
C ASP F 36 42.82 -42.08 -4.05
N ILE F 37 43.25 -42.26 -2.80
CA ILE F 37 43.83 -43.53 -2.38
C ILE F 37 42.74 -44.59 -2.26
N ILE F 38 41.57 -44.24 -1.71
CA ILE F 38 40.45 -45.18 -1.64
C ILE F 38 40.10 -45.61 -3.08
N PHE F 39 39.92 -44.64 -3.97
CA PHE F 39 39.64 -44.95 -5.37
C PHE F 39 40.70 -45.91 -5.91
N ALA F 40 41.97 -45.63 -5.61
CA ALA F 40 43.05 -46.52 -6.00
C ALA F 40 42.71 -47.95 -5.54
N ILE F 41 42.33 -48.10 -4.28
CA ILE F 41 42.04 -49.41 -3.72
C ILE F 41 40.84 -50.07 -4.43
N LEU F 42 39.81 -49.26 -4.72
CA LEU F 42 38.59 -49.79 -5.34
C LEU F 42 38.88 -50.40 -6.71
N LYS F 43 39.62 -49.66 -7.55
CA LYS F 43 39.86 -50.08 -8.93
C LYS F 43 40.76 -51.32 -8.98
N GLN F 44 41.65 -51.49 -8.00
CA GLN F 44 42.50 -52.69 -7.95
C GLN F 44 41.64 -53.90 -7.56
N HIS F 45 40.54 -53.61 -6.89
CA HIS F 45 39.54 -54.64 -6.60
C HIS F 45 39.00 -55.17 -7.93
N ALA F 46 39.01 -54.31 -8.95
CA ALA F 46 38.42 -54.63 -10.25
C ALA F 46 39.43 -55.22 -11.25
N LYS F 47 40.73 -54.96 -11.06
CA LYS F 47 41.73 -55.53 -11.96
C LYS F 47 41.79 -57.06 -11.75
N SER F 48 41.55 -57.51 -10.52
CA SER F 48 41.45 -58.94 -10.23
C SER F 48 40.18 -59.47 -10.89
N GLY F 49 39.32 -58.57 -11.34
CA GLY F 49 38.06 -58.94 -11.95
C GLY F 49 36.94 -59.02 -10.92
N GLU F 50 37.30 -58.82 -9.65
CA GLU F 50 36.32 -58.91 -8.56
C GLU F 50 35.20 -57.90 -8.76
N ASP F 51 34.00 -58.23 -8.31
CA ASP F 51 32.80 -57.44 -8.58
C ASP F 51 32.52 -56.44 -7.45
N ILE F 52 32.20 -55.20 -7.82
CA ILE F 52 31.93 -54.16 -6.82
C ILE F 52 30.49 -53.66 -6.92
N PHE F 53 29.92 -53.20 -5.80
CA PHE F 53 28.54 -52.74 -5.76
C PHE F 53 28.44 -51.25 -5.47
N GLY F 54 27.36 -50.62 -5.95
CA GLY F 54 27.13 -49.21 -5.71
C GLY F 54 25.67 -48.98 -5.37
N ASP F 55 25.36 -47.87 -4.70
CA ASP F 55 23.99 -47.64 -4.22
C ASP F 55 23.75 -46.14 -4.01
N GLY F 56 22.52 -45.69 -4.29
CA GLY F 56 22.18 -44.29 -4.12
C GLY F 56 20.74 -44.02 -4.53
N VAL F 57 20.40 -42.75 -4.74
CA VAL F 57 19.04 -42.39 -5.16
C VAL F 57 19.09 -41.58 -6.46
N LEU F 58 18.28 -42.01 -7.43
CA LEU F 58 18.38 -41.50 -8.78
C LEU F 58 18.00 -40.03 -8.87
N GLU F 59 18.73 -39.27 -9.71
CA GLU F 59 18.31 -37.93 -10.04
C GLU F 59 18.67 -37.69 -11.51
N ILE F 60 17.64 -37.52 -12.34
CA ILE F 60 17.86 -37.39 -13.77
C ILE F 60 18.03 -35.92 -14.15
N LEU F 61 19.05 -35.64 -14.94
CA LEU F 61 19.36 -34.27 -15.40
C LEU F 61 18.56 -33.94 -16.65
N GLN F 62 18.87 -32.83 -17.31
CA GLN F 62 18.03 -32.35 -18.40
C GLN F 62 18.14 -33.14 -19.71
N ASP F 63 19.35 -33.48 -20.16
CA ASP F 63 19.47 -34.25 -21.41
C ASP F 63 18.99 -35.69 -21.18
N GLY F 64 18.79 -36.07 -19.92
CA GLY F 64 18.39 -37.42 -19.59
C GLY F 64 19.45 -38.14 -18.77
N PHE F 65 20.68 -37.62 -18.80
CA PHE F 65 21.78 -38.18 -18.01
C PHE F 65 21.55 -37.93 -16.52
N GLY F 66 21.68 -38.96 -15.69
CA GLY F 66 21.42 -38.81 -14.26
C GLY F 66 22.37 -39.66 -13.43
N PHE F 67 22.63 -39.27 -12.18
CA PHE F 67 23.47 -40.08 -11.30
C PHE F 67 22.82 -40.26 -9.93
N LEU F 68 23.30 -41.23 -9.15
CA LEU F 68 22.81 -41.40 -7.78
C LEU F 68 23.66 -40.54 -6.84
N ARG F 69 23.04 -40.01 -5.78
CA ARG F 69 23.75 -39.14 -4.86
C ARG F 69 23.81 -39.75 -3.47
N SER F 70 24.78 -39.30 -2.66
CA SER F 70 24.98 -39.83 -1.31
C SER F 70 24.10 -39.10 -0.29
N ALA F 71 23.73 -39.78 0.79
CA ALA F 71 22.88 -39.18 1.83
C ALA F 71 23.65 -38.15 2.66
N ASP F 72 24.93 -38.40 2.92
CA ASP F 72 25.73 -37.47 3.71
C ASP F 72 25.93 -36.18 2.90
N SER F 73 25.82 -36.26 1.57
CA SER F 73 25.95 -35.08 0.72
C SER F 73 24.66 -34.27 0.75
N SER F 74 23.68 -34.75 1.52
CA SER F 74 22.37 -34.08 1.52
C SER F 74 21.90 -34.22 0.08
N TYR F 75 22.42 -35.26 -0.58
CA TYR F 75 22.09 -35.57 -1.98
C TYR F 75 22.54 -34.52 -3.00
N LEU F 76 23.61 -33.81 -2.68
CA LEU F 76 24.23 -32.79 -3.59
C LEU F 76 25.14 -33.61 -4.55
N ALA F 77 25.53 -33.01 -5.68
CA ALA F 77 26.45 -33.69 -6.59
C ALA F 77 27.68 -34.07 -5.78
N GLY F 78 28.21 -35.27 -5.98
CA GLY F 78 29.37 -35.71 -5.24
C GLY F 78 30.34 -36.44 -6.14
N PRO F 79 31.63 -36.44 -5.77
CA PRO F 79 32.69 -37.15 -6.51
C PRO F 79 32.47 -38.66 -6.50
N ASP F 80 31.70 -39.17 -5.54
CA ASP F 80 31.45 -40.60 -5.43
C ASP F 80 30.31 -41.07 -6.35
N ASP F 81 29.45 -40.15 -6.76
CA ASP F 81 28.21 -40.50 -7.46
C ASP F 81 28.48 -41.25 -8.76
N ILE F 82 27.55 -42.11 -9.15
CA ILE F 82 27.74 -42.98 -10.30
C ILE F 82 26.78 -42.67 -11.43
N TYR F 83 27.32 -42.63 -12.65
CA TYR F 83 26.53 -42.31 -13.83
C TYR F 83 25.46 -43.35 -14.15
N VAL F 84 24.33 -42.89 -14.68
CA VAL F 84 23.25 -43.77 -15.08
C VAL F 84 22.78 -43.33 -16.47
N SER F 85 22.97 -44.20 -17.48
CA SER F 85 22.60 -43.88 -18.85
C SER F 85 21.10 -43.58 -18.94
N PRO F 86 20.72 -42.57 -19.75
CA PRO F 86 19.30 -42.34 -20.05
C PRO F 86 18.69 -43.58 -20.70
N SER F 87 19.51 -44.36 -21.43
CA SER F 87 19.04 -45.60 -22.02
C SER F 87 18.78 -46.63 -20.92
N GLN F 88 19.56 -46.58 -19.84
CA GLN F 88 19.27 -47.41 -18.68
C GLN F 88 18.04 -46.87 -17.99
N ILE F 89 17.81 -45.56 -18.10
CA ILE F 89 16.65 -44.95 -17.45
C ILE F 89 15.35 -45.37 -18.15
N ARG F 90 15.37 -45.41 -19.48
CA ARG F 90 14.20 -45.82 -20.24
C ARG F 90 13.97 -47.33 -20.10
N ARG F 91 15.06 -48.09 -19.93
CA ARG F 91 14.95 -49.54 -19.76
C ARG F 91 14.05 -49.87 -18.57
N PHE F 92 14.35 -49.31 -17.41
CA PHE F 92 13.59 -49.61 -16.20
C PHE F 92 12.54 -48.53 -15.91
N ASN F 93 12.40 -47.58 -16.82
CA ASN F 93 11.40 -46.52 -16.67
C ASN F 93 11.60 -45.73 -15.38
N LEU F 94 12.86 -45.49 -15.01
CA LEU F 94 13.18 -44.90 -13.71
C LEU F 94 12.66 -43.47 -13.59
N ARG F 95 12.47 -43.03 -12.35
CA ARG F 95 11.96 -41.69 -12.05
C ARG F 95 12.77 -41.06 -10.92
N THR F 96 12.92 -39.74 -10.93
CA THR F 96 13.77 -39.05 -9.94
C THR F 96 13.35 -39.42 -8.51
N GLY F 97 14.33 -39.68 -7.64
CA GLY F 97 14.08 -40.05 -6.26
C GLY F 97 14.05 -41.56 -6.06
N ASP F 98 14.45 -42.33 -7.07
CA ASP F 98 14.40 -43.80 -6.99
C ASP F 98 15.72 -44.39 -6.54
N THR F 99 15.72 -45.09 -5.41
CA THR F 99 16.95 -45.73 -4.94
C THR F 99 17.41 -46.77 -5.98
N ILE F 100 18.71 -46.90 -6.20
CA ILE F 100 19.23 -47.87 -7.16
C ILE F 100 20.39 -48.66 -6.56
N SER F 101 20.45 -49.95 -6.85
CA SER F 101 21.58 -50.78 -6.46
C SER F 101 21.98 -51.60 -7.68
N GLY F 102 23.27 -51.79 -7.92
CA GLY F 102 23.68 -52.59 -9.05
C GLY F 102 25.17 -52.67 -9.22
N LYS F 103 25.59 -53.49 -10.18
CA LYS F 103 27.01 -53.66 -10.51
C LYS F 103 27.58 -52.38 -11.11
N ILE F 104 28.82 -52.06 -10.76
CA ILE F 104 29.46 -50.87 -11.29
C ILE F 104 30.91 -51.17 -11.61
N ARG F 105 31.50 -50.41 -12.54
CA ARG F 105 32.89 -50.64 -12.91
C ARG F 105 33.64 -49.31 -13.00
N PRO F 106 34.93 -49.34 -12.73
CA PRO F 106 35.80 -48.16 -12.86
C PRO F 106 35.91 -47.59 -14.27
N PRO F 107 36.18 -46.29 -14.33
CA PRO F 107 36.15 -45.50 -15.56
C PRO F 107 37.31 -45.85 -16.47
N LYS F 108 37.06 -45.81 -17.77
CA LYS F 108 38.09 -46.00 -18.76
C LYS F 108 38.96 -44.78 -18.61
N GLU F 109 40.17 -44.80 -19.16
CA GLU F 109 41.07 -43.67 -18.98
C GLU F 109 40.35 -42.41 -19.43
N GLY F 110 40.57 -41.31 -18.72
CA GLY F 110 39.98 -40.03 -19.07
C GLY F 110 38.60 -39.80 -18.47
N GLU F 111 38.11 -40.72 -17.64
CA GLU F 111 36.79 -40.53 -17.01
C GLU F 111 36.95 -40.18 -15.53
N ARG F 112 36.11 -39.29 -15.04
CA ARG F 112 36.21 -38.84 -13.65
C ARG F 112 35.58 -39.83 -12.67
N TYR F 113 34.43 -40.41 -13.01
CA TYR F 113 33.72 -41.25 -12.05
C TYR F 113 33.22 -42.55 -12.65
N PHE F 114 32.80 -43.47 -11.79
CA PHE F 114 32.40 -44.79 -12.24
C PHE F 114 31.04 -44.77 -12.89
N ALA F 115 30.76 -45.79 -13.69
CA ALA F 115 29.45 -45.92 -14.33
C ALA F 115 28.89 -47.31 -14.04
N LEU F 116 27.67 -47.37 -13.52
CA LEU F 116 27.09 -48.66 -13.17
C LEU F 116 26.90 -49.51 -14.44
N LEU F 117 27.34 -50.77 -14.39
CA LEU F 117 27.14 -51.69 -15.51
C LEU F 117 25.68 -52.13 -15.61
N LYS F 118 25.08 -52.48 -14.48
CA LYS F 118 23.73 -52.99 -14.49
C LYS F 118 23.01 -52.67 -13.19
N VAL F 119 21.69 -52.50 -13.24
CA VAL F 119 20.91 -52.35 -12.02
C VAL F 119 20.38 -53.73 -11.60
N ASN F 120 20.65 -54.12 -10.36
CA ASN F 120 20.11 -55.37 -9.83
C ASN F 120 18.75 -55.12 -9.18
N GLU F 121 18.66 -54.03 -8.44
CA GLU F 121 17.49 -53.78 -7.61
C GLU F 121 17.18 -52.29 -7.53
N VAL F 122 16.00 -51.87 -8.00
CA VAL F 122 15.62 -50.47 -7.93
C VAL F 122 14.56 -50.23 -6.84
N ASN F 123 14.84 -49.30 -5.94
CA ASN F 123 13.92 -48.94 -4.85
C ASN F 123 13.58 -50.16 -4.00
N PHE F 124 14.59 -50.89 -3.57
CA PHE F 124 14.38 -52.09 -2.78
C PHE F 124 13.59 -53.11 -3.59
N ASP F 125 13.81 -53.17 -4.90
CA ASP F 125 12.98 -54.04 -5.73
C ASP F 125 13.62 -54.47 -7.05
N LYS F 126 12.90 -55.28 -7.82
CA LYS F 126 13.33 -55.65 -9.16
C LYS F 126 12.61 -54.76 -10.15
N PRO F 127 13.15 -54.64 -11.38
CA PRO F 127 12.51 -53.81 -12.42
C PRO F 127 11.15 -54.39 -12.79
N GLU F 128 11.07 -55.72 -12.80
CA GLU F 128 9.81 -56.41 -13.11
C GLU F 128 8.72 -55.99 -12.14
N ASN F 129 9.08 -55.88 -10.86
CA ASN F 129 8.12 -55.50 -9.83
C ASN F 129 7.51 -54.13 -10.09
N ALA F 130 8.35 -53.17 -10.44
CA ALA F 130 7.89 -51.82 -10.77
C ALA F 130 7.46 -51.78 -12.23
N ARG F 131 6.73 -52.80 -12.68
CA ARG F 131 6.24 -52.84 -14.05
C ARG F 131 4.81 -52.27 -14.11
N ASN F 132 3.96 -52.67 -13.16
CA ASN F 132 2.54 -52.27 -13.21
C ASN F 132 1.94 -51.81 -11.88
N LYS F 133 2.76 -51.37 -10.93
CA LYS F 133 2.22 -50.87 -9.66
C LYS F 133 1.47 -49.55 -9.89
N ILE F 134 0.35 -49.36 -9.20
CA ILE F 134 -0.45 -48.13 -9.34
C ILE F 134 0.46 -46.91 -9.15
N LEU F 135 0.43 -45.96 -10.09
CA LEU F 135 1.30 -44.79 -10.04
C LEU F 135 0.94 -43.96 -8.82
N PHE F 136 1.94 -43.33 -8.20
CA PHE F 136 1.69 -42.54 -6.98
C PHE F 136 0.55 -41.52 -7.19
N GLU F 137 0.56 -40.84 -8.34
CA GLU F 137 -0.44 -39.80 -8.62
C GLU F 137 -1.83 -40.42 -8.68
N ASN F 138 -1.90 -41.67 -9.12
CA ASN F 138 -3.18 -42.31 -9.40
C ASN F 138 -3.87 -42.93 -8.17
N LEU F 139 -3.09 -43.53 -7.27
CA LEU F 139 -3.67 -44.26 -6.13
C LEU F 139 -4.71 -43.41 -5.38
N THR F 140 -5.85 -44.04 -5.05
CA THR F 140 -6.96 -43.32 -4.42
C THR F 140 -6.62 -42.83 -3.02
N PRO F 141 -6.85 -41.52 -2.76
CA PRO F 141 -6.64 -40.90 -1.43
C PRO F 141 -7.86 -41.08 -0.52
N LEU F 142 -7.64 -41.19 0.79
CA LEU F 142 -8.76 -41.34 1.73
C LEU F 142 -8.45 -40.63 3.05
N HIS F 143 -9.48 -40.44 3.87
CA HIS F 143 -9.26 -39.97 5.23
C HIS F 143 -8.43 -41.02 5.98
N ALA F 144 -7.41 -40.57 6.71
CA ALA F 144 -6.54 -41.49 7.46
C ALA F 144 -7.37 -42.50 8.24
N ASN F 145 -7.12 -43.78 8.04
CA ASN F 145 -7.88 -44.82 8.73
C ASN F 145 -7.06 -45.50 9.83
N SER F 146 -5.75 -45.26 9.85
CA SER F 146 -4.89 -45.85 10.87
C SER F 146 -4.46 -44.77 11.85
N ARG F 147 -4.34 -45.13 13.13
CA ARG F 147 -3.98 -44.17 14.16
C ARG F 147 -2.50 -44.29 14.55
N LEU F 148 -1.78 -43.17 14.60
CA LEU F 148 -0.41 -43.12 15.11
C LEU F 148 -0.39 -42.41 16.46
N ARG F 149 0.42 -42.92 17.39
CA ARG F 149 0.38 -42.41 18.76
C ARG F 149 1.71 -41.77 19.16
N GLU F 151 2.16 -40.69 22.37
CA GLU F 151 2.36 -41.12 23.75
C GLU F 151 3.50 -42.15 23.87
N ARG F 152 4.36 -41.99 24.88
CA ARG F 152 5.42 -42.96 25.17
C ARG F 152 5.24 -43.56 26.56
N GLY F 153 6.10 -44.51 26.92
CA GLY F 153 5.93 -45.26 28.16
C GLY F 153 6.58 -44.61 29.38
N ASN F 154 7.70 -43.92 29.18
CA ASN F 154 8.49 -43.38 30.30
C ASN F 154 7.66 -42.51 31.26
N GLY F 155 6.69 -41.76 30.74
CA GLY F 155 5.90 -40.84 31.57
C GLY F 155 6.76 -39.67 32.05
N SER F 156 7.74 -39.27 31.24
CA SER F 156 8.67 -38.19 31.62
C SER F 156 8.08 -36.82 31.29
N THR F 157 8.89 -35.77 31.47
CA THR F 157 8.50 -34.43 31.05
C THR F 157 8.31 -34.39 29.53
N GLU F 158 9.17 -35.11 28.82
CA GLU F 158 9.07 -35.22 27.36
C GLU F 158 7.79 -35.96 27.00
N ASP F 159 7.38 -36.88 27.85
CA ASP F 159 6.15 -37.64 27.61
C ASP F 159 4.94 -36.70 27.70
N LEU F 160 5.06 -35.66 28.51
CA LEU F 160 3.99 -34.67 28.67
C LEU F 160 3.71 -33.96 27.35
N THR F 161 4.76 -33.57 26.64
CA THR F 161 4.61 -32.84 25.38
C THR F 161 3.97 -33.71 24.28
N ALA F 162 4.47 -34.92 24.10
CA ALA F 162 3.89 -35.84 23.13
C ALA F 162 2.45 -36.17 23.51
N ARG F 163 2.18 -36.28 24.80
CA ARG F 163 0.84 -36.60 25.29
C ARG F 163 -0.15 -35.48 25.05
N VAL F 164 0.28 -34.25 25.29
CA VAL F 164 -0.59 -33.10 25.10
C VAL F 164 -0.89 -32.92 23.60
N LEU F 165 0.09 -33.23 22.75
CA LEU F 165 -0.10 -33.19 21.31
C LEU F 165 -1.19 -34.20 20.92
N ASP F 166 -1.08 -35.43 21.41
CA ASP F 166 -2.05 -36.47 21.10
C ASP F 166 -3.48 -36.04 21.46
N LEU F 167 -3.63 -35.36 22.60
CA LEU F 167 -4.93 -34.95 23.08
C LEU F 167 -5.50 -33.77 22.28
N ALA F 168 -4.66 -32.77 22.03
CA ALA F 168 -5.09 -31.59 21.27
C ALA F 168 -5.38 -31.96 19.80
N SER F 169 -4.45 -32.67 19.17
CA SER F 169 -4.64 -33.12 17.79
C SER F 169 -4.21 -34.59 17.63
N PRO F 170 -5.13 -35.44 17.14
CA PRO F 170 -4.79 -36.85 16.82
C PRO F 170 -3.84 -36.92 15.63
N ILE F 171 -3.10 -38.02 15.52
CA ILE F 171 -2.18 -38.23 14.43
C ILE F 171 -2.47 -39.59 13.78
N GLY F 172 -2.51 -39.65 12.45
CA GLY F 172 -2.76 -40.90 11.76
C GLY F 172 -1.86 -41.03 10.54
N ARG F 173 -1.82 -42.20 9.92
CA ARG F 173 -1.02 -42.38 8.70
C ARG F 173 -1.68 -41.66 7.52
N GLY F 174 -0.86 -40.97 6.73
CA GLY F 174 -1.37 -40.09 5.69
C GLY F 174 -1.68 -38.70 6.23
N GLN F 175 -1.42 -38.47 7.51
CA GLN F 175 -1.76 -37.20 8.14
C GLN F 175 -1.09 -36.00 7.45
N ARG F 176 -1.83 -34.92 7.23
CA ARG F 176 -1.25 -33.69 6.67
C ARG F 176 -1.34 -32.56 7.67
N GLY F 177 -0.69 -32.71 8.83
CA GLY F 177 -0.78 -31.72 9.89
C GLY F 177 0.26 -30.62 9.76
N LEU F 178 -0.14 -29.38 10.02
CA LEU F 178 0.78 -28.25 9.94
C LEU F 178 0.93 -27.60 11.33
N ILE F 179 2.18 -27.38 11.74
CA ILE F 179 2.47 -26.76 13.04
C ILE F 179 2.75 -25.28 12.87
N VAL F 180 1.96 -24.43 13.52
CA VAL F 180 2.10 -22.98 13.32
C VAL F 180 2.51 -22.30 14.62
N ALA F 181 3.46 -21.37 14.54
CA ALA F 181 3.90 -20.66 15.72
C ALA F 181 4.86 -19.52 15.37
N PRO F 182 4.97 -18.53 16.26
CA PRO F 182 5.92 -17.42 16.11
C PRO F 182 7.35 -17.88 16.37
N PRO F 183 8.34 -17.04 16.02
CA PRO F 183 9.74 -17.38 16.26
C PRO F 183 10.01 -17.63 17.74
N LYS F 184 10.88 -18.62 18.03
CA LYS F 184 11.22 -18.96 19.40
C LYS F 184 10.01 -19.41 20.21
N ALA F 185 9.11 -20.16 19.59
CA ALA F 185 7.88 -20.60 20.28
C ALA F 185 7.87 -22.09 20.58
N GLY F 186 9.02 -22.75 20.41
CA GLY F 186 9.10 -24.19 20.61
C GLY F 186 8.45 -24.93 19.47
N LYS F 187 8.45 -24.29 18.31
CA LYS F 187 7.96 -24.87 17.07
C LYS F 187 8.92 -25.95 16.54
N THR F 188 10.08 -25.52 16.07
CA THR F 188 11.11 -26.43 15.56
C THR F 188 11.41 -27.52 16.59
N LEU F 190 9.36 -28.94 18.95
CA LEU F 190 8.40 -29.99 19.15
C LEU F 190 8.65 -31.03 18.08
N LEU F 191 8.89 -30.57 16.86
CA LEU F 191 9.11 -31.49 15.76
C LEU F 191 10.11 -32.58 16.16
N GLN F 192 11.26 -32.19 16.72
CA GLN F 192 12.25 -33.19 17.14
C GLN F 192 11.62 -34.18 18.11
N ASN F 193 10.79 -33.67 19.02
CA ASN F 193 10.09 -34.54 19.96
C ASN F 193 9.19 -35.53 19.22
N ILE F 194 8.42 -35.03 18.26
CA ILE F 194 7.51 -35.87 17.48
C ILE F 194 8.31 -36.97 16.79
N ALA F 195 9.41 -36.58 16.14
CA ALA F 195 10.27 -37.53 15.42
C ALA F 195 10.76 -38.64 16.36
N GLN F 196 11.27 -38.23 17.52
CA GLN F 196 11.82 -39.17 18.49
C GLN F 196 10.75 -40.17 18.93
N SER F 197 9.56 -39.66 19.24
CA SER F 197 8.46 -40.50 19.70
C SER F 197 8.01 -41.48 18.61
N ILE F 198 7.97 -41.00 17.36
CA ILE F 198 7.56 -41.84 16.24
C ILE F 198 8.52 -43.03 16.04
N ALA F 199 9.82 -42.78 16.20
CA ALA F 199 10.80 -43.85 16.04
C ALA F 199 10.66 -44.88 17.16
N TYR F 200 10.15 -44.46 18.32
CA TYR F 200 10.07 -45.33 19.47
C TYR F 200 8.81 -46.20 19.44
N ASN F 201 7.72 -45.67 18.89
CA ASN F 201 6.44 -46.38 18.86
C ASN F 201 6.13 -47.00 17.50
N HIS F 202 6.76 -46.47 16.44
CA HIS F 202 6.50 -46.95 15.09
C HIS F 202 7.80 -47.12 14.33
N PRO F 203 8.45 -48.29 14.50
CA PRO F 203 9.72 -48.62 13.84
C PRO F 203 9.50 -48.94 12.36
N ASP F 204 8.32 -49.44 12.01
CA ASP F 204 8.03 -49.84 10.64
C ASP F 204 7.95 -48.64 9.68
N CYS F 205 7.56 -47.46 10.17
CA CYS F 205 7.43 -46.27 9.32
C CYS F 205 8.80 -45.71 8.93
N VAL F 206 8.99 -45.38 7.66
CA VAL F 206 10.24 -44.78 7.19
C VAL F 206 10.34 -43.35 7.73
N LEU F 207 11.45 -43.00 8.37
CA LEU F 207 11.60 -41.67 8.96
C LEU F 207 12.56 -40.86 8.11
N VAL F 209 13.84 -36.66 7.66
CA VAL F 209 13.72 -35.31 8.20
C VAL F 209 14.53 -34.35 7.36
N LEU F 210 13.93 -33.26 6.86
CA LEU F 210 14.67 -32.28 6.07
C LEU F 210 14.48 -30.88 6.65
N LEU F 211 15.56 -30.09 6.73
CA LEU F 211 15.47 -28.74 7.26
C LEU F 211 15.90 -27.75 6.21
N ILE F 212 15.09 -26.73 5.92
CA ILE F 212 15.45 -25.84 4.83
C ILE F 212 15.54 -24.37 5.18
N ASP F 213 16.71 -23.79 4.93
CA ASP F 213 16.90 -22.33 5.00
C ASP F 213 17.04 -21.83 6.44
N GLU F 214 16.84 -22.75 7.37
CA GLU F 214 17.07 -22.48 8.78
C GLU F 214 18.46 -22.83 9.23
N ARG F 215 18.72 -22.57 10.51
CA ARG F 215 20.05 -22.64 11.13
C ARG F 215 20.75 -24.00 11.07
N PRO F 216 22.07 -23.92 10.90
CA PRO F 216 22.96 -25.07 10.70
C PRO F 216 23.20 -25.88 11.97
N GLU F 217 23.51 -25.24 13.08
CA GLU F 217 23.74 -25.98 14.32
C GLU F 217 22.59 -26.94 14.56
N GLU F 218 21.38 -26.52 14.24
CA GLU F 218 20.20 -27.38 14.39
C GLU F 218 20.35 -28.67 13.62
N VAL F 219 21.00 -28.62 12.46
CA VAL F 219 21.15 -29.82 11.64
C VAL F 219 22.06 -30.82 12.34
N THR F 220 23.19 -30.36 12.88
CA THR F 220 24.10 -31.24 13.61
C THR F 220 23.35 -31.87 14.78
N GLU F 221 22.60 -31.03 15.50
CA GLU F 221 21.83 -31.47 16.65
C GLU F 221 20.86 -32.57 16.23
N GLN F 223 20.99 -34.55 13.51
CA GLN F 223 21.76 -35.73 13.12
C GLN F 223 22.08 -36.62 14.33
N ARG F 224 22.57 -36.00 15.40
CA ARG F 224 23.04 -36.75 16.57
C ARG F 224 21.94 -37.59 17.21
N LEU F 225 20.70 -37.09 17.20
CA LEU F 225 19.62 -37.73 17.94
C LEU F 225 18.38 -37.98 17.08
N VAL F 226 18.44 -38.92 16.14
CA VAL F 226 17.28 -39.19 15.31
C VAL F 226 17.35 -40.60 14.72
N LYS F 227 16.18 -41.12 14.34
CA LYS F 227 16.05 -42.48 13.82
C LYS F 227 17.06 -42.81 12.71
N GLY F 228 17.34 -41.86 11.82
CA GLY F 228 18.37 -42.09 10.82
C GLY F 228 18.32 -41.14 9.64
N GLU F 229 17.26 -41.22 8.84
CA GLU F 229 17.16 -40.41 7.63
C GLU F 229 16.99 -38.94 7.99
N VAL F 230 18.12 -38.22 8.05
CA VAL F 230 18.08 -36.78 8.31
C VAL F 230 18.82 -36.08 7.20
N VAL F 231 18.16 -35.11 6.58
CA VAL F 231 18.70 -34.39 5.44
C VAL F 231 18.50 -32.92 5.76
N ALA F 232 19.30 -32.04 5.17
CA ALA F 232 19.11 -30.62 5.45
C ALA F 232 19.92 -29.68 4.57
N SER F 233 19.34 -28.50 4.31
CA SER F 233 19.98 -27.43 3.58
C SER F 233 20.05 -26.23 4.53
N THR F 234 21.23 -25.97 5.10
CA THR F 234 21.39 -24.83 6.02
C THR F 234 20.92 -23.53 5.36
N PHE F 235 20.61 -22.51 6.14
CA PHE F 235 20.20 -21.23 5.57
C PHE F 235 21.35 -20.63 4.74
N ASP F 236 22.56 -21.11 4.97
CA ASP F 236 23.72 -20.59 4.28
C ASP F 236 23.69 -21.05 2.82
N GLU F 237 23.05 -22.19 2.59
CA GLU F 237 22.89 -22.74 1.26
C GLU F 237 22.14 -21.75 0.36
N PRO F 238 22.40 -21.79 -0.96
CA PRO F 238 21.66 -20.99 -1.97
C PRO F 238 20.26 -21.56 -2.22
N ALA F 239 19.23 -20.72 -2.25
CA ALA F 239 17.85 -21.17 -2.41
C ALA F 239 17.73 -22.31 -3.43
N SER F 240 18.57 -22.31 -4.46
CA SER F 240 18.49 -23.34 -5.51
C SER F 240 18.66 -24.74 -4.91
N ARG F 241 19.70 -24.92 -4.10
CA ARG F 241 20.00 -26.21 -3.51
C ARG F 241 18.81 -26.73 -2.71
N HIS F 242 18.20 -25.86 -1.91
CA HIS F 242 17.10 -26.27 -1.02
C HIS F 242 15.98 -26.97 -1.78
N VAL F 243 15.53 -26.38 -2.87
CA VAL F 243 14.46 -26.98 -3.65
C VAL F 243 14.89 -28.34 -4.24
N GLN F 244 16.10 -28.42 -4.77
CA GLN F 244 16.61 -29.68 -5.31
C GLN F 244 16.51 -30.77 -4.25
N VAL F 245 17.09 -30.50 -3.09
CA VAL F 245 17.09 -31.46 -1.98
C VAL F 245 15.66 -31.83 -1.61
N ALA F 246 14.82 -30.83 -1.38
CA ALA F 246 13.42 -31.05 -1.00
C ALA F 246 12.73 -31.99 -2.00
N GLU F 247 12.72 -31.61 -3.28
CA GLU F 247 12.08 -32.43 -4.30
C GLU F 247 12.63 -33.85 -4.33
N VAL F 249 13.78 -35.52 -1.91
CA VAL F 249 13.25 -36.22 -0.73
C VAL F 249 11.80 -36.65 -0.94
N ILE F 250 10.94 -35.72 -1.38
CA ILE F 250 9.53 -36.03 -1.58
C ILE F 250 9.35 -37.09 -2.67
N GLU F 251 10.14 -37.03 -3.73
CA GLU F 251 10.06 -38.03 -4.80
C GLU F 251 10.41 -39.41 -4.25
N LYS F 252 11.41 -39.45 -3.38
CA LYS F 252 11.80 -40.70 -2.74
C LYS F 252 10.64 -41.24 -1.90
N ALA F 253 10.08 -40.40 -1.03
CA ALA F 253 8.96 -40.79 -0.19
C ALA F 253 7.85 -41.35 -1.08
N LYS F 254 7.61 -40.67 -2.19
CA LYS F 254 6.64 -41.14 -3.19
C LYS F 254 6.92 -42.58 -3.58
N ARG F 255 8.17 -42.85 -3.93
CA ARG F 255 8.57 -44.16 -4.42
C ARG F 255 8.29 -45.21 -3.36
N LEU F 256 8.55 -44.88 -2.10
CA LEU F 256 8.30 -45.83 -1.02
C LEU F 256 6.81 -46.12 -0.93
N VAL F 257 5.99 -45.08 -1.07
CA VAL F 257 4.54 -45.24 -1.00
C VAL F 257 4.02 -46.05 -2.19
N GLU F 258 4.67 -45.92 -3.33
CA GLU F 258 4.34 -46.74 -4.50
C GLU F 258 4.70 -48.19 -4.18
N HIS F 259 5.72 -48.36 -3.33
CA HIS F 259 6.12 -49.68 -2.86
C HIS F 259 5.24 -50.09 -1.69
N LYS F 260 4.26 -49.26 -1.39
CA LYS F 260 3.23 -49.58 -0.39
C LYS F 260 3.75 -49.44 1.04
N LYS F 261 4.83 -48.68 1.20
CA LYS F 261 5.42 -48.44 2.52
C LYS F 261 4.81 -47.19 3.16
N ASP F 262 4.97 -47.05 4.48
CA ASP F 262 4.47 -45.88 5.18
C ASP F 262 5.61 -44.92 5.46
N VAL F 263 5.53 -43.71 4.92
CA VAL F 263 6.60 -42.73 5.06
C VAL F 263 6.16 -41.53 5.89
N ILE F 264 6.97 -41.13 6.86
CA ILE F 264 6.65 -39.99 7.71
C ILE F 264 7.71 -38.89 7.50
N ILE F 265 7.30 -37.77 6.92
CA ILE F 265 8.22 -36.68 6.63
C ILE F 265 8.06 -35.55 7.64
N LEU F 266 9.14 -35.16 8.31
CA LEU F 266 9.09 -34.06 9.28
C LEU F 266 10.04 -32.95 8.86
N LEU F 267 9.50 -31.77 8.54
CA LEU F 267 10.34 -30.67 8.04
C LEU F 267 10.05 -29.37 8.76
N ASP F 268 11.10 -28.71 9.25
CA ASP F 268 10.93 -27.38 9.77
C ASP F 268 11.11 -26.39 8.63
N SER F 269 10.56 -25.20 8.81
CA SER F 269 10.62 -24.13 7.81
C SER F 269 10.05 -24.51 6.44
N ILE F 270 8.78 -24.87 6.44
CA ILE F 270 8.05 -25.05 5.21
C ILE F 270 7.77 -23.69 4.57
N THR F 271 7.75 -22.64 5.38
CA THR F 271 7.53 -21.30 4.87
C THR F 271 8.81 -20.77 4.24
N ARG F 272 9.94 -21.14 4.84
CA ARG F 272 11.23 -20.78 4.28
C ARG F 272 11.46 -21.53 2.98
N LEU F 273 10.89 -22.73 2.90
CA LEU F 273 10.93 -23.56 1.69
C LEU F 273 10.12 -22.82 0.55
N ALA F 274 8.98 -22.25 0.92
CA ALA F 274 8.14 -21.51 -0.03
C ALA F 274 8.88 -20.23 -0.47
N ARG F 275 9.60 -19.62 0.47
CA ARG F 275 10.43 -18.47 0.16
C ARG F 275 11.54 -18.85 -0.79
N ALA F 276 12.08 -20.05 -0.60
CA ALA F 276 13.17 -20.55 -1.44
C ALA F 276 12.65 -20.81 -2.86
N TYR F 277 11.50 -21.45 -2.95
CA TYR F 277 10.86 -21.69 -4.25
C TYR F 277 10.63 -20.38 -4.97
N ASN F 278 10.55 -19.30 -4.19
CA ASN F 278 10.23 -17.98 -4.72
C ASN F 278 11.26 -17.50 -5.72
N THR F 279 12.51 -17.85 -5.46
CA THR F 279 13.60 -17.36 -6.29
C THR F 279 13.46 -17.79 -7.73
N VAL F 280 12.97 -19.01 -7.97
CA VAL F 280 12.89 -19.54 -9.34
C VAL F 280 11.81 -18.97 -10.28
N VAL F 281 10.89 -18.12 -9.79
CA VAL F 281 9.87 -17.61 -10.71
C VAL F 281 9.87 -16.10 -10.83
N PRO F 282 10.91 -15.58 -11.43
CA PRO F 282 11.07 -14.16 -11.73
C PRO F 282 10.83 -14.03 -13.23
N ALA F 283 10.81 -12.81 -13.77
CA ALA F 283 10.66 -12.64 -15.21
C ALA F 283 9.24 -13.11 -15.46
N SER F 284 8.66 -13.65 -14.39
CA SER F 284 7.29 -14.13 -14.39
C SER F 284 6.40 -12.90 -14.53
N GLY F 285 6.87 -11.80 -13.95
CA GLY F 285 6.19 -10.52 -14.01
C GLY F 285 5.10 -10.28 -12.98
N LYS F 286 4.96 -11.17 -12.01
CA LYS F 286 3.89 -11.06 -11.01
C LYS F 286 4.34 -11.04 -9.55
N VAL F 287 3.80 -10.11 -8.77
CA VAL F 287 4.08 -10.06 -7.34
C VAL F 287 2.86 -9.46 -6.64
N LEU F 288 2.68 -9.73 -5.34
CA LEU F 288 1.53 -9.12 -4.67
C LEU F 288 1.36 -9.49 -3.20
N THR F 289 0.49 -8.75 -2.51
CA THR F 289 0.17 -9.05 -1.12
C THR F 289 1.37 -9.06 -0.18
N GLY F 290 2.27 -8.09 -0.36
CA GLY F 290 3.40 -7.94 0.53
C GLY F 290 4.33 -9.13 0.72
N GLY F 291 4.73 -9.77 -0.38
CA GLY F 291 5.64 -10.89 -0.27
C GLY F 291 5.74 -11.83 -1.46
N VAL F 292 4.66 -12.54 -1.76
CA VAL F 292 4.70 -13.54 -2.84
C VAL F 292 4.97 -12.95 -4.22
N ASP F 293 5.77 -13.67 -5.00
CA ASP F 293 6.09 -13.29 -6.38
C ASP F 293 5.69 -14.44 -7.31
N ALA F 294 5.05 -14.15 -8.43
CA ALA F 294 4.65 -15.20 -9.39
C ALA F 294 3.69 -16.18 -8.71
N ASN F 295 3.94 -17.47 -8.83
CA ASN F 295 3.05 -18.46 -8.23
C ASN F 295 3.94 -19.55 -7.65
N ALA F 296 4.75 -19.15 -6.68
CA ALA F 296 5.66 -20.05 -5.98
C ALA F 296 4.87 -21.05 -5.17
N LEU F 297 3.74 -20.61 -4.61
CA LEU F 297 2.96 -21.41 -3.68
C LEU F 297 2.57 -22.72 -4.33
N HIS F 298 2.22 -22.69 -5.61
CA HIS F 298 1.73 -23.92 -6.24
C HIS F 298 2.77 -25.05 -6.19
N ARG F 299 4.05 -24.71 -6.38
CA ARG F 299 5.12 -25.72 -6.33
C ARG F 299 5.24 -26.37 -4.94
N PRO F 300 5.36 -25.54 -3.89
CA PRO F 300 5.34 -26.06 -2.51
C PRO F 300 3.99 -26.67 -2.16
N LYS F 301 2.92 -26.11 -2.70
CA LYS F 301 1.57 -26.55 -2.38
C LYS F 301 1.35 -27.96 -2.94
N ARG F 302 1.86 -28.17 -4.14
CA ARG F 302 1.83 -29.47 -4.79
C ARG F 302 2.59 -30.46 -3.89
N PHE F 303 3.70 -30.00 -3.33
CA PHE F 303 4.55 -30.82 -2.48
C PHE F 303 3.84 -31.19 -1.16
N PHE F 304 3.14 -30.23 -0.56
CA PHE F 304 2.43 -30.48 0.68
C PHE F 304 1.26 -31.44 0.41
N GLY F 305 0.46 -31.12 -0.60
CA GLY F 305 -0.69 -31.91 -0.96
C GLY F 305 -0.31 -33.35 -1.29
N ALA F 306 0.99 -33.62 -1.43
CA ALA F 306 1.45 -34.97 -1.75
C ALA F 306 1.08 -35.94 -0.62
N ALA F 307 1.25 -35.51 0.62
CA ALA F 307 0.92 -36.36 1.77
C ALA F 307 -0.55 -36.79 1.71
N ARG F 308 -0.83 -38.06 1.97
CA ARG F 308 -2.22 -38.53 1.94
C ARG F 308 -2.30 -39.97 2.46
N ASN F 309 -3.52 -40.48 2.60
CA ASN F 309 -3.71 -41.88 2.98
C ASN F 309 -4.18 -42.66 1.76
N VAL F 310 -3.62 -43.83 1.51
CA VAL F 310 -3.94 -44.56 0.29
C VAL F 310 -4.73 -45.84 0.57
N GLU F 311 -5.70 -46.14 -0.30
CA GLU F 311 -6.52 -47.33 -0.16
C GLU F 311 -5.75 -48.57 -0.61
N GLU F 312 -4.85 -48.40 -1.58
CA GLU F 312 -4.04 -49.50 -2.10
C GLU F 312 -3.16 -50.04 -0.98
N GLY F 313 -2.49 -49.14 -0.25
CA GLY F 313 -1.57 -49.53 0.79
C GLY F 313 -0.54 -48.44 1.04
N GLY F 314 0.14 -48.48 2.18
CA GLY F 314 1.12 -47.47 2.52
C GLY F 314 0.46 -46.12 2.79
N SER F 315 1.27 -45.08 2.96
CA SER F 315 0.74 -43.75 3.24
C SER F 315 1.86 -42.71 3.17
N LEU F 316 1.49 -41.44 3.12
CA LEU F 316 2.46 -40.35 3.11
C LEU F 316 2.04 -39.28 4.11
N THR F 317 2.80 -39.10 5.18
CA THR F 317 2.47 -38.07 6.16
C THR F 317 3.49 -36.95 6.06
N ILE F 318 3.03 -35.70 6.09
CA ILE F 318 3.95 -34.57 6.10
C ILE F 318 3.56 -33.60 7.20
N ILE F 319 4.48 -33.35 8.13
CA ILE F 319 4.25 -32.38 9.18
C ILE F 319 5.31 -31.28 9.05
N ALA F 320 4.90 -30.03 9.04
CA ALA F 320 5.84 -28.94 8.78
C ALA F 320 5.59 -27.75 9.70
N THR F 321 6.59 -26.87 9.85
CA THR F 321 6.45 -25.73 10.76
C THR F 321 6.16 -24.44 10.00
N ALA F 322 5.01 -23.84 10.28
CA ALA F 322 4.61 -22.57 9.65
C ALA F 322 5.00 -21.40 10.56
N LEU F 323 5.55 -20.34 9.95
CA LEU F 323 6.04 -19.18 10.67
C LEU F 323 5.08 -18.01 10.47
N ILE F 324 4.53 -17.48 11.56
CA ILE F 324 3.60 -16.36 11.46
C ILE F 324 3.94 -15.33 12.52
N ASP F 325 3.17 -14.23 12.56
CA ASP F 325 3.43 -13.17 13.51
C ASP F 325 4.84 -12.63 13.26
N THR F 326 5.41 -12.99 12.11
CA THR F 326 6.75 -12.58 11.75
C THR F 326 6.79 -11.07 11.53
N GLY F 327 5.74 -10.52 10.93
CA GLY F 327 5.67 -9.10 10.67
C GLY F 327 5.86 -8.79 9.18
N SER F 328 6.00 -9.83 8.37
CA SER F 328 6.14 -9.65 6.92
C SER F 328 4.84 -10.09 6.25
N LYS F 329 4.46 -9.39 5.19
CA LYS F 329 3.19 -9.67 4.53
C LYS F 329 3.35 -10.91 3.65
N ASP F 331 4.91 -13.71 4.57
CA ASP F 331 4.84 -14.91 5.37
C ASP F 331 3.40 -15.17 5.73
N GLU F 332 2.60 -14.11 5.74
CA GLU F 332 1.18 -14.23 6.09
C GLU F 332 0.38 -14.87 4.96
N VAL F 333 0.69 -14.53 3.71
CA VAL F 333 -0.04 -15.16 2.62
C VAL F 333 0.21 -16.69 2.58
N ILE F 334 1.48 -17.05 2.79
CA ILE F 334 1.90 -18.44 2.78
C ILE F 334 1.21 -19.24 3.89
N TYR F 335 1.07 -18.64 5.06
CA TYR F 335 0.40 -19.31 6.15
C TYR F 335 -1.02 -19.59 5.73
N GLU F 336 -1.60 -18.62 5.03
CA GLU F 336 -2.97 -18.72 4.55
C GLU F 336 -3.16 -19.88 3.57
N GLU F 337 -2.17 -20.12 2.72
CA GLU F 337 -2.29 -21.20 1.72
C GLU F 337 -2.42 -22.63 2.27
N PHE F 338 -1.66 -22.96 3.30
CA PHE F 338 -1.67 -24.29 3.91
C PHE F 338 -2.67 -24.29 5.05
N LYS F 339 -3.29 -23.14 5.25
CA LYS F 339 -4.30 -22.98 6.29
C LYS F 339 -5.50 -23.88 6.03
N GLY F 340 -5.93 -23.97 4.77
CA GLY F 340 -7.06 -24.81 4.42
C GLY F 340 -6.66 -26.18 3.94
N THR F 341 -5.39 -26.37 3.62
CA THR F 341 -4.92 -27.66 3.11
C THR F 341 -4.72 -28.67 4.24
N GLY F 342 -4.05 -28.25 5.31
CA GLY F 342 -3.73 -29.13 6.40
C GLY F 342 -4.93 -29.90 6.91
N ASN F 343 -4.73 -31.17 7.24
CA ASN F 343 -5.77 -31.99 7.87
C ASN F 343 -5.73 -31.82 9.39
N GLU F 345 -4.42 -29.40 12.65
CA GLU F 345 -4.05 -28.03 12.97
C GLU F 345 -3.45 -28.01 14.37
N LEU F 346 -2.27 -27.44 14.54
CA LEU F 346 -1.66 -27.33 15.86
C LEU F 346 -1.01 -25.96 15.99
N HIS F 347 -1.38 -25.21 17.01
CA HIS F 347 -0.82 -23.87 17.21
C HIS F 347 0.01 -23.87 18.48
N LEU F 348 1.03 -23.01 18.53
CA LEU F 348 1.84 -22.82 19.72
C LEU F 348 2.00 -21.31 19.91
N SER F 349 1.72 -20.81 21.11
CA SER F 349 1.74 -19.36 21.34
C SER F 349 3.13 -18.88 21.81
N ARG F 350 3.53 -17.72 21.30
CA ARG F 350 4.80 -17.12 21.68
C ARG F 350 4.73 -16.55 23.10
N LYS F 351 3.56 -16.07 23.50
CA LYS F 351 3.38 -15.49 24.83
C LYS F 351 3.64 -16.53 25.90
N ILE F 352 3.06 -17.72 25.74
CA ILE F 352 3.30 -18.81 26.69
C ILE F 352 4.79 -19.16 26.70
N ALA F 353 5.43 -19.08 25.53
CA ALA F 353 6.86 -19.39 25.41
C ALA F 353 7.69 -18.42 26.27
N GLU F 354 7.26 -17.16 26.34
CA GLU F 354 7.95 -16.18 27.18
C GLU F 354 7.76 -16.55 28.65
N LYS F 355 6.60 -17.13 28.95
CA LYS F 355 6.31 -17.62 30.28
C LYS F 355 7.27 -18.79 30.59
N ARG F 356 7.93 -19.28 29.55
CA ARG F 356 8.78 -20.47 29.67
C ARG F 356 7.96 -21.70 30.04
N VAL F 357 6.66 -21.67 29.73
CA VAL F 357 5.82 -22.84 29.94
C VAL F 357 5.87 -23.74 28.72
N PHE F 358 6.45 -24.93 28.88
CA PHE F 358 6.55 -25.90 27.78
C PHE F 358 5.75 -27.16 28.10
N PRO F 359 5.01 -27.69 27.11
CA PRO F 359 4.85 -27.17 25.74
C PRO F 359 4.10 -25.83 25.70
N ALA F 360 4.26 -25.06 24.63
CA ALA F 360 3.63 -23.76 24.54
C ALA F 360 2.38 -23.81 23.65
N ILE F 361 1.73 -24.97 23.57
CA ILE F 361 0.65 -25.18 22.60
C ILE F 361 -0.57 -24.30 22.85
N ASP F 362 -1.15 -23.81 21.76
CA ASP F 362 -2.40 -23.06 21.80
C ASP F 362 -3.59 -24.03 21.70
N TYR F 363 -3.93 -24.67 22.80
CA TYR F 363 -4.94 -25.73 22.83
C TYR F 363 -6.22 -25.41 22.02
N ASN F 364 -6.79 -24.23 22.22
CA ASN F 364 -8.05 -23.87 21.56
C ASN F 364 -7.94 -23.87 20.03
N ARG F 365 -6.88 -23.25 19.51
CA ARG F 365 -6.67 -23.19 18.06
C ARG F 365 -6.39 -24.57 17.48
N SER F 366 -5.76 -25.43 18.29
CA SER F 366 -5.35 -26.77 17.84
C SER F 366 -6.58 -27.67 17.60
N GLY F 367 -6.50 -28.57 16.62
CA GLY F 367 -7.57 -29.51 16.34
C GLY F 367 -7.35 -30.20 15.01
N THR F 368 -7.81 -31.45 14.90
CA THR F 368 -7.63 -32.22 13.66
C THR F 368 -8.99 -32.51 13.02
N ARG F 369 -9.05 -32.43 11.69
CA ARG F 369 -10.30 -32.69 10.99
C ARG F 369 -10.54 -34.22 10.92
N LYS F 370 -11.80 -34.63 11.07
CA LYS F 370 -12.14 -36.06 10.97
C LYS F 370 -11.33 -36.88 11.98
N GLU F 371 -11.41 -36.52 13.25
CA GLU F 371 -10.72 -37.24 14.29
C GLU F 371 -11.53 -38.47 14.69
N GLU F 372 -12.79 -38.53 14.28
CA GLU F 372 -13.70 -39.61 14.69
C GLU F 372 -13.20 -40.97 14.21
N LEU F 373 -12.67 -41.03 12.99
CA LEU F 373 -12.20 -42.29 12.41
C LEU F 373 -10.81 -42.59 12.97
N LEU F 374 -10.10 -41.54 13.39
CA LEU F 374 -8.76 -41.69 13.95
C LEU F 374 -8.82 -42.20 15.39
N THR F 375 -9.89 -41.86 16.09
CA THR F 375 -9.95 -42.20 17.51
C THR F 375 -11.22 -42.98 17.84
N THR F 376 -11.19 -43.70 18.96
CA THR F 376 -12.30 -44.57 19.34
C THR F 376 -13.35 -43.76 20.13
N GLN F 377 -14.63 -44.14 19.99
CA GLN F 377 -15.75 -43.32 20.50
C GLN F 377 -15.52 -42.77 21.92
N GLU F 378 -15.08 -43.62 22.85
CA GLU F 378 -14.81 -43.17 24.23
C GLU F 378 -13.73 -42.10 24.22
N GLU F 379 -12.64 -42.38 23.50
CA GLU F 379 -11.54 -41.43 23.38
C GLU F 379 -12.07 -40.08 22.87
N LEU F 380 -12.91 -40.13 21.84
CA LEU F 380 -13.44 -38.93 21.23
C LEU F 380 -14.31 -38.16 22.24
N GLN F 381 -15.20 -38.87 22.91
CA GLN F 381 -16.05 -38.25 23.93
C GLN F 381 -15.20 -37.54 24.97
N LYS F 382 -14.11 -38.19 25.35
CA LYS F 382 -13.21 -37.65 26.36
C LYS F 382 -12.54 -36.36 25.87
N TRP F 384 -13.74 -34.37 23.93
CA TRP F 384 -14.77 -33.34 23.80
C TRP F 384 -15.18 -32.75 25.14
N ILE F 385 -15.28 -33.60 26.17
CA ILE F 385 -15.46 -33.07 27.52
C ILE F 385 -14.22 -32.22 27.83
N LEU F 386 -13.07 -32.64 27.31
CA LEU F 386 -11.81 -31.90 27.46
C LEU F 386 -11.92 -30.51 26.82
N ARG F 387 -12.31 -30.48 25.55
CA ARG F 387 -12.50 -29.21 24.82
C ARG F 387 -13.42 -28.29 25.60
N LYS F 388 -14.56 -28.84 26.00
CA LYS F 388 -15.61 -28.08 26.67
C LYS F 388 -15.07 -27.28 27.87
N ILE F 389 -14.31 -27.95 28.73
CA ILE F 389 -13.90 -27.35 30.00
C ILE F 389 -12.80 -26.29 29.83
N ILE F 390 -11.97 -26.43 28.80
CA ILE F 390 -10.82 -25.52 28.64
C ILE F 390 -11.15 -24.27 27.82
N HIS F 391 -12.17 -24.34 26.98
CA HIS F 391 -12.50 -23.21 26.10
C HIS F 391 -12.44 -21.84 26.80
N PRO F 392 -13.12 -21.71 27.97
CA PRO F 392 -13.20 -20.38 28.62
C PRO F 392 -11.91 -19.92 29.31
N GLY F 394 -7.65 -18.94 29.57
CA GLY F 394 -6.60 -18.30 28.78
C GLY F 394 -5.57 -19.33 28.31
N GLU F 395 -4.77 -18.98 27.31
CA GLU F 395 -3.76 -19.89 26.77
C GLU F 395 -2.81 -20.35 27.86
N ILE F 396 -2.21 -19.38 28.56
CA ILE F 396 -1.26 -19.68 29.62
C ILE F 396 -1.92 -20.55 30.69
N ASP F 397 -3.05 -20.08 31.21
CA ASP F 397 -3.80 -20.79 32.25
C ASP F 397 -4.19 -22.20 31.81
N ALA F 398 -4.81 -22.30 30.64
CA ALA F 398 -5.25 -23.58 30.10
C ALA F 398 -4.08 -24.55 30.01
N GLU F 400 -1.19 -24.51 31.37
CA GLU F 400 -0.68 -24.82 32.70
C GLU F 400 -1.57 -25.87 33.38
N PHE F 401 -2.83 -25.50 33.59
CA PHE F 401 -3.83 -26.42 34.13
C PHE F 401 -3.73 -27.81 33.48
N LEU F 402 -3.72 -27.85 32.15
CA LEU F 402 -3.68 -29.10 31.42
C LEU F 402 -2.45 -29.93 31.79
N ILE F 403 -1.29 -29.28 31.84
CA ILE F 403 -0.05 -29.96 32.21
C ILE F 403 -0.12 -30.48 33.64
N ASN F 404 -0.72 -29.70 34.54
CA ASN F 404 -0.90 -30.13 35.93
C ASN F 404 -1.72 -31.42 35.95
N LYS F 405 -2.78 -31.46 35.14
CA LYS F 405 -3.64 -32.63 35.05
C LYS F 405 -2.89 -33.79 34.41
N LEU F 406 -2.07 -33.49 33.40
CA LEU F 406 -1.33 -34.53 32.67
C LEU F 406 -0.19 -35.09 33.51
N ALA F 407 0.39 -34.24 34.35
CA ALA F 407 1.60 -34.59 35.10
C ALA F 407 1.30 -35.71 36.12
N THR F 409 -0.71 -38.31 36.10
CA THR F 409 -0.79 -39.70 35.62
C THR F 409 -0.67 -39.84 34.09
N LYS F 410 -0.63 -41.09 33.63
CA LYS F 410 -0.63 -41.41 32.20
C LYS F 410 -2.01 -41.15 31.59
N THR F 411 -2.07 -41.00 30.26
CA THR F 411 -3.31 -40.60 29.57
C THR F 411 -4.53 -41.44 29.97
N ASN F 412 -4.39 -42.76 30.02
CA ASN F 412 -5.51 -43.62 30.41
C ASN F 412 -5.90 -43.35 31.86
N ASP F 413 -4.91 -43.18 32.73
CA ASP F 413 -5.17 -42.92 34.14
C ASP F 413 -5.89 -41.59 34.31
N ASP F 414 -5.31 -40.53 33.76
CA ASP F 414 -5.92 -39.20 33.79
C ASP F 414 -7.39 -39.29 33.38
N PHE F 415 -7.65 -40.05 32.34
CA PHE F 415 -9.00 -40.20 31.80
C PHE F 415 -9.93 -40.93 32.77
N PHE F 416 -9.42 -41.98 33.41
CA PHE F 416 -10.21 -42.73 34.38
C PHE F 416 -10.53 -41.84 35.57
N GLU F 417 -9.60 -40.96 35.93
CA GLU F 417 -9.81 -40.04 37.03
C GLU F 417 -11.03 -39.15 36.74
#